data_7KYY
#
_entry.id   7KYY
#
_cell.length_a   93.061
_cell.length_b   97.254
_cell.length_c   186.882
_cell.angle_alpha   90.000
_cell.angle_beta   90.000
_cell.angle_gamma   90.000
#
_symmetry.space_group_name_H-M   'P 21 21 21'
#
loop_
_entity.id
_entity.type
_entity.pdbx_description
1 polymer 'Dihydroorotate dehydrogenase (quinone), mitochondrial'
2 non-polymer 3-methyl-N-[(1R)-1-(5-methyl-1,2-oxazol-3-yl)ethyl]-4-[6-(trifluoromethyl)-1H-indol-3-yl]-1H-pyrrole-2-carboxamide
3 non-polymer 'FLAVIN MONONUCLEOTIDE'
4 non-polymer 'OROTIC ACID'
5 water water
#
_entity_poly.entity_id   1
_entity_poly.type   'polypeptide(L)'
_entity_poly.pdbx_seq_one_letter_code
;MGHHHHHHAENLYFQGADPFESYNPEFFLYDIFLKFCLKYIDGEICHDLFLLLGKYNILPYDTSNDSIYACTNIKHLDFI
NPFGVAAGFDKNGVCIDSILKLGFSFIEIGTITPRGQTGNAKPRIFRDVESRSIINSCGFNNMGCDKVTENLILFRKRQE
EDKLLSKHIVGVSIGKNKDTVNIVDDLKYCINKIGRYADYIAINVSSPNTPGLRDNQEAGKLKNIILSVKEEIDNLEKNN
IMNDEFLWFNTTKKKPLVFVKLAPDLNQEQKKEIADVLLETNIDGMIISNTTTQINDIKSFENKKGGVSGAKLKDISTKF
ICEMYNYTNKQIPIIASGGIFSGLDALEKIEAGASVCQLYSCLVFNGMKSAVQIKRELNHLLYQRGYYNLKEAIGRKHSK
S
;
_entity_poly.pdbx_strand_id   A,B,C,D
#
loop_
_chem_comp.id
_chem_comp.type
_chem_comp.name
_chem_comp.formula
FMN non-polymer 'FLAVIN MONONUCLEOTIDE' 'C17 H21 N4 O9 P'
ORO non-polymer 'OROTIC ACID' 'C5 H4 N2 O4'
XCD non-polymer 3-methyl-N-[(1R)-1-(5-methyl-1,2-oxazol-3-yl)ethyl]-4-[6-(trifluoromethyl)-1H-indol-3-yl]-1H-pyrrole-2-carboxamide 'C21 H19 F3 N4 O2'
#
# COMPACT_ATOMS: atom_id res chain seq x y z
N ASP A 18 -7.74 19.85 -25.81
CA ASP A 18 -7.75 20.94 -26.84
C ASP A 18 -6.35 21.57 -26.89
N PRO A 19 -5.74 21.61 -28.08
CA PRO A 19 -4.39 22.15 -28.19
C PRO A 19 -4.30 23.67 -28.31
N PHE A 20 -5.42 24.41 -28.42
CA PHE A 20 -5.37 25.84 -28.69
C PHE A 20 -5.81 26.72 -27.53
N GLU A 21 -6.65 26.21 -26.63
CA GLU A 21 -7.23 27.07 -25.61
C GLU A 21 -6.44 27.09 -24.30
N SER A 22 -5.45 26.21 -24.14
CA SER A 22 -4.78 26.08 -22.86
C SER A 22 -3.37 25.54 -23.06
N TYR A 23 -2.46 25.99 -22.20
CA TYR A 23 -1.10 25.47 -22.13
C TYR A 23 -1.15 24.13 -21.42
N ASN A 24 -0.84 23.08 -22.13
CA ASN A 24 -0.86 21.74 -21.58
C ASN A 24 0.01 20.89 -22.50
N PRO A 25 0.22 19.61 -22.18
CA PRO A 25 1.15 18.82 -23.00
C PRO A 25 0.77 18.73 -24.47
N GLU A 26 -0.50 18.89 -24.82
CA GLU A 26 -0.91 18.87 -26.22
C GLU A 26 -0.91 20.25 -26.87
N PHE A 27 -0.39 21.27 -26.19
CA PHE A 27 -0.37 22.62 -26.74
C PHE A 27 0.19 22.64 -28.16
N PHE A 28 -0.54 23.30 -29.06
CA PHE A 28 -0.27 23.17 -30.49
C PHE A 28 1.09 23.71 -30.88
N LEU A 29 1.59 24.73 -30.18
CA LEU A 29 2.81 25.38 -30.64
C LEU A 29 4.00 24.43 -30.54
N TYR A 30 3.97 23.51 -29.56
CA TYR A 30 5.05 22.54 -29.45
C TYR A 30 5.08 21.61 -30.64
N ASP A 31 3.93 21.34 -31.26
CA ASP A 31 3.91 20.52 -32.47
C ASP A 31 4.45 21.30 -33.66
N ILE A 32 4.06 22.57 -33.78
CA ILE A 32 4.61 23.38 -34.86
C ILE A 32 6.12 23.45 -34.73
N PHE A 33 6.60 23.74 -33.52
CA PHE A 33 8.05 23.89 -33.33
C PHE A 33 8.76 22.57 -33.59
N LEU A 34 8.22 21.47 -33.08
CA LEU A 34 8.83 20.16 -33.31
C LEU A 34 8.98 19.87 -34.81
N LYS A 35 7.91 20.08 -35.59
CA LYS A 35 8.00 19.81 -37.03
C LYS A 35 9.06 20.70 -37.69
N PHE A 36 9.25 21.91 -37.19
CA PHE A 36 10.34 22.74 -37.69
C PHE A 36 11.70 22.12 -37.35
N CYS A 37 11.89 21.75 -36.07
CA CYS A 37 13.15 21.17 -35.62
C CYS A 37 13.50 19.90 -36.37
N LEU A 38 12.52 19.01 -36.55
CA LEU A 38 12.78 17.75 -37.23
C LEU A 38 13.21 17.95 -38.67
N LYS A 39 12.73 19.01 -39.32
CA LYS A 39 13.10 19.27 -40.70
C LYS A 39 14.47 19.91 -40.80
N TYR A 40 14.77 20.89 -39.93
CA TYR A 40 15.86 21.81 -40.19
C TYR A 40 17.00 21.80 -39.17
N ILE A 41 16.87 21.17 -38.02
CA ILE A 41 17.80 21.37 -36.92
C ILE A 41 18.46 20.06 -36.52
N ASP A 42 19.79 20.12 -36.31
CA ASP A 42 20.58 18.97 -35.89
C ASP A 42 19.98 18.33 -34.64
N GLY A 43 20.05 17.00 -34.59
CA GLY A 43 19.36 16.28 -33.55
C GLY A 43 19.80 16.68 -32.15
N GLU A 44 21.11 16.66 -31.90
CA GLU A 44 21.55 16.93 -30.53
C GLU A 44 21.25 18.37 -30.12
N ILE A 45 21.19 19.28 -31.08
CA ILE A 45 20.80 20.65 -30.77
C ILE A 45 19.34 20.71 -30.32
N CYS A 46 18.46 19.99 -30.99
CA CYS A 46 17.07 19.93 -30.54
C CYS A 46 16.98 19.36 -29.13
N HIS A 47 17.77 18.33 -28.84
CA HIS A 47 17.73 17.72 -27.53
C HIS A 47 18.20 18.69 -26.47
N ASP A 48 19.25 19.46 -26.77
CA ASP A 48 19.72 20.46 -25.81
C ASP A 48 18.65 21.52 -25.54
N LEU A 49 17.86 21.87 -26.56
CA LEU A 49 16.76 22.82 -26.36
C LEU A 49 15.66 22.24 -25.48
N PHE A 50 15.30 20.98 -25.71
CA PHE A 50 14.37 20.31 -24.81
C PHE A 50 14.88 20.34 -23.37
N LEU A 51 16.13 19.98 -23.16
CA LEU A 51 16.67 19.96 -21.81
C LEU A 51 16.75 21.36 -21.22
N LEU A 52 17.00 22.38 -22.04
CA LEU A 52 16.99 23.74 -21.54
C LEU A 52 15.60 24.13 -21.06
N LEU A 53 14.56 23.81 -21.83
CA LEU A 53 13.20 24.11 -21.43
C LEU A 53 12.82 23.37 -20.16
N GLY A 54 13.24 22.11 -20.04
CA GLY A 54 12.93 21.35 -18.84
C GLY A 54 13.71 21.84 -17.63
N LYS A 55 14.98 22.20 -17.83
CA LYS A 55 15.81 22.69 -16.74
C LYS A 55 15.19 23.89 -16.05
N TYR A 56 14.48 24.73 -16.81
CA TYR A 56 13.83 25.92 -16.28
C TYR A 56 12.35 25.72 -16.02
N ASN A 57 11.86 24.48 -16.13
CA ASN A 57 10.49 24.13 -15.78
C ASN A 57 9.48 24.95 -16.57
N ILE A 58 9.83 25.26 -17.81
CA ILE A 58 8.92 25.91 -18.73
C ILE A 58 7.91 24.93 -19.34
N LEU A 59 8.22 23.65 -19.33
CA LEU A 59 7.39 22.69 -20.06
C LEU A 59 6.05 22.49 -19.34
N PRO A 60 5.02 22.10 -20.08
CA PRO A 60 3.70 21.91 -19.47
C PRO A 60 3.66 20.62 -18.65
N TYR A 61 2.64 20.52 -17.80
CA TYR A 61 2.42 19.42 -16.88
C TYR A 61 1.15 18.65 -17.24
N ASP A 62 1.18 17.35 -16.96
CA ASP A 62 -0.02 16.52 -16.97
C ASP A 62 -0.52 16.42 -15.55
N THR A 63 -1.68 17.02 -15.31
CA THR A 63 -2.23 17.14 -13.96
C THR A 63 -3.27 16.07 -13.65
N SER A 64 -3.48 15.11 -14.54
CA SER A 64 -4.62 14.22 -14.43
C SER A 64 -4.28 12.97 -13.63
N ASN A 65 -5.27 12.46 -12.91
CA ASN A 65 -5.12 11.18 -12.23
C ASN A 65 -4.92 10.10 -13.26
N ASP A 66 -3.87 9.32 -13.11
CA ASP A 66 -3.72 8.17 -13.99
C ASP A 66 -4.73 7.09 -13.62
N SER A 67 -5.18 6.35 -14.63
CA SER A 67 -6.16 5.29 -14.37
C SER A 67 -5.59 4.25 -13.40
N ILE A 68 -6.35 3.93 -12.35
CA ILE A 68 -5.90 2.86 -11.46
C ILE A 68 -5.86 1.51 -12.17
N TYR A 69 -6.56 1.35 -13.29
CA TYR A 69 -6.61 0.09 -13.99
C TYR A 69 -5.42 -0.11 -14.92
N ALA A 70 -4.51 0.86 -14.98
CA ALA A 70 -3.31 0.74 -15.81
C ALA A 70 -2.04 0.85 -14.99
N CYS A 71 -2.13 0.72 -13.68
CA CYS A 71 -0.92 0.74 -12.89
C CYS A 71 -0.24 -0.62 -12.98
N THR A 72 1.02 -0.67 -12.59
CA THR A 72 1.75 -1.91 -12.71
C THR A 72 2.84 -1.90 -11.65
N ASN A 73 3.44 -3.07 -11.41
CA ASN A 73 4.49 -3.14 -10.41
C ASN A 73 5.57 -4.14 -10.81
N ILE A 74 6.77 -3.93 -10.27
CA ILE A 74 7.85 -4.91 -10.30
C ILE A 74 8.33 -5.01 -8.86
N LYS A 75 8.04 -6.16 -8.23
CA LYS A 75 8.23 -6.34 -6.79
C LYS A 75 7.59 -5.13 -6.09
N HIS A 76 8.32 -4.40 -5.24
CA HIS A 76 7.70 -3.30 -4.51
C HIS A 76 7.72 -1.98 -5.27
N LEU A 77 8.23 -1.94 -6.49
CA LEU A 77 8.14 -0.75 -7.32
C LEU A 77 6.73 -0.64 -7.86
N ASP A 78 6.01 0.40 -7.42
CA ASP A 78 4.61 0.62 -7.81
C ASP A 78 4.57 1.78 -8.78
N PHE A 79 4.44 1.46 -10.07
CA PHE A 79 4.39 2.46 -11.12
C PHE A 79 2.96 2.98 -11.24
N ILE A 80 2.79 4.31 -11.18
CA ILE A 80 1.43 4.86 -11.20
C ILE A 80 0.82 4.71 -12.57
N ASN A 81 1.65 4.59 -13.58
CA ASN A 81 1.21 4.25 -14.93
C ASN A 81 2.36 3.52 -15.61
N PRO A 82 2.13 2.91 -16.75
CA PRO A 82 3.11 1.96 -17.30
C PRO A 82 4.18 2.55 -18.20
N PHE A 83 4.33 3.87 -18.26
CA PHE A 83 5.20 4.49 -19.25
C PHE A 83 6.26 5.30 -18.55
N GLY A 84 7.52 5.00 -18.86
CA GLY A 84 8.64 5.78 -18.39
C GLY A 84 9.51 6.21 -19.55
N VAL A 85 10.54 6.96 -19.21
CA VAL A 85 11.51 7.44 -20.18
C VAL A 85 12.79 6.64 -20.03
N ALA A 86 13.28 6.12 -21.15
CA ALA A 86 14.43 5.24 -21.21
C ALA A 86 15.73 5.98 -20.91
N ALA A 87 16.78 5.21 -20.62
CA ALA A 87 18.08 5.79 -20.37
C ALA A 87 18.59 6.48 -21.63
N GLY A 88 19.52 7.43 -21.43
CA GLY A 88 20.10 8.15 -22.53
C GLY A 88 19.35 9.41 -22.91
N PHE A 89 18.22 9.69 -22.29
CA PHE A 89 17.44 10.87 -22.62
C PHE A 89 17.83 12.03 -21.72
N ASP A 90 17.80 11.82 -20.41
CA ASP A 90 18.38 12.73 -19.43
C ASP A 90 19.59 12.03 -18.80
N LYS A 91 20.72 12.10 -19.51
CA LYS A 91 21.90 11.39 -19.09
C LYS A 91 22.40 11.87 -17.74
N ASN A 92 22.30 13.17 -17.46
CA ASN A 92 22.91 13.74 -16.27
C ASN A 92 21.90 14.11 -15.20
N GLY A 93 20.63 13.76 -15.39
CA GLY A 93 19.63 14.06 -14.40
C GLY A 93 19.41 15.54 -14.20
N VAL A 94 19.40 16.32 -15.29
CA VAL A 94 19.30 17.78 -15.18
C VAL A 94 17.87 18.30 -15.35
N CYS A 95 16.92 17.50 -15.81
CA CYS A 95 15.53 17.94 -15.77
C CYS A 95 14.62 16.73 -15.56
N ILE A 96 14.92 15.99 -14.49
CA ILE A 96 14.07 14.88 -14.07
C ILE A 96 12.64 15.35 -13.86
N ASP A 97 12.47 16.43 -13.08
CA ASP A 97 11.13 16.90 -12.71
C ASP A 97 10.26 17.14 -13.93
N SER A 98 10.74 17.99 -14.85
CA SER A 98 9.92 18.38 -15.99
C SER A 98 9.55 17.19 -16.86
N ILE A 99 10.48 16.26 -17.10
CA ILE A 99 10.16 15.12 -17.93
C ILE A 99 9.07 14.28 -17.26
N LEU A 100 9.24 14.00 -15.97
CA LEU A 100 8.24 13.20 -15.27
C LEU A 100 6.87 13.87 -15.32
N LYS A 101 6.84 15.18 -15.14
CA LYS A 101 5.55 15.87 -15.08
C LYS A 101 4.86 15.99 -16.43
N LEU A 102 5.51 15.56 -17.52
CA LEU A 102 4.82 15.41 -18.79
C LEU A 102 3.82 14.27 -18.79
N GLY A 103 3.91 13.38 -17.80
CA GLY A 103 2.92 12.35 -17.60
C GLY A 103 3.52 10.97 -17.41
N PHE A 104 4.85 10.90 -17.30
CA PHE A 104 5.55 9.63 -17.15
C PHE A 104 5.61 9.21 -15.69
N SER A 105 5.59 7.90 -15.45
CA SER A 105 5.66 7.37 -14.09
C SER A 105 7.10 7.18 -13.61
N PHE A 106 8.07 7.07 -14.50
CA PHE A 106 9.44 6.89 -14.08
C PHE A 106 10.39 7.33 -15.18
N ILE A 107 11.65 7.50 -14.79
CA ILE A 107 12.73 7.81 -15.71
C ILE A 107 13.97 7.06 -15.23
N GLU A 108 14.77 6.67 -16.20
CA GLU A 108 16.06 6.03 -15.96
C GLU A 108 17.10 7.04 -16.40
N ILE A 109 17.82 7.61 -15.46
CA ILE A 109 18.84 8.58 -15.84
C ILE A 109 20.13 7.81 -16.13
N GLY A 110 21.10 8.48 -16.73
CA GLY A 110 22.28 7.79 -17.21
C GLY A 110 22.16 7.47 -18.68
N THR A 111 23.04 6.60 -19.17
CA THR A 111 24.03 5.87 -18.41
C THR A 111 25.16 6.78 -17.94
N ILE A 112 25.52 6.62 -16.66
CA ILE A 112 26.60 7.38 -16.06
C ILE A 112 27.83 6.48 -15.93
N THR A 113 28.97 7.12 -15.76
CA THR A 113 30.27 6.49 -15.55
C THR A 113 30.92 7.21 -14.37
N PRO A 114 31.93 6.59 -13.73
CA PRO A 114 32.53 7.23 -12.55
C PRO A 114 33.07 8.62 -12.82
N ARG A 115 33.82 8.78 -13.90
CA ARG A 115 34.39 10.06 -14.28
C ARG A 115 33.61 10.62 -15.47
N GLY A 116 33.51 11.94 -15.52
CA GLY A 116 32.87 12.57 -16.66
C GLY A 116 33.67 12.33 -17.91
N GLN A 117 32.98 12.23 -19.05
CA GLN A 117 33.67 12.09 -20.32
C GLN A 117 32.78 12.65 -21.41
N THR A 118 33.41 13.07 -22.51
CA THR A 118 32.71 13.78 -23.57
C THR A 118 32.05 12.86 -24.58
N GLY A 119 32.41 11.59 -24.62
CA GLY A 119 31.84 10.73 -25.64
C GLY A 119 32.53 10.99 -26.97
N ASN A 120 31.90 10.48 -28.04
CA ASN A 120 32.51 10.59 -29.36
C ASN A 120 32.27 11.96 -29.97
N ALA A 121 32.99 12.24 -31.05
CA ALA A 121 32.90 13.55 -31.70
C ALA A 121 31.54 13.75 -32.35
N LYS A 122 31.05 14.98 -32.28
CA LYS A 122 29.81 15.34 -32.96
C LYS A 122 30.08 15.56 -34.45
N PRO A 123 29.06 15.40 -35.31
CA PRO A 123 27.70 14.95 -35.05
C PRO A 123 27.69 13.43 -34.84
N ARG A 124 26.90 12.98 -33.90
CA ARG A 124 26.88 11.56 -33.55
C ARG A 124 25.46 11.05 -33.38
N ILE A 125 24.44 11.86 -33.69
CA ILE A 125 23.04 11.45 -33.64
C ILE A 125 22.35 11.93 -34.91
N PHE A 126 21.56 11.05 -35.52
CA PHE A 126 20.85 11.34 -36.76
C PHE A 126 19.47 10.68 -36.73
N ARG A 127 18.50 11.36 -37.31
CA ARG A 127 17.10 10.95 -37.27
C ARG A 127 16.61 10.70 -38.69
N ASP A 128 15.71 9.76 -38.85
CA ASP A 128 15.04 9.54 -40.14
C ASP A 128 13.54 9.61 -39.87
N VAL A 129 12.94 10.76 -40.18
CA VAL A 129 11.54 11.00 -39.82
C VAL A 129 10.63 10.01 -40.53
N GLU A 130 10.88 9.76 -41.82
CA GLU A 130 10.04 8.89 -42.62
C GLU A 130 9.80 7.55 -41.94
N SER A 131 10.86 6.96 -41.40
CA SER A 131 10.77 5.64 -40.77
C SER A 131 10.79 5.73 -39.24
N ARG A 132 10.69 6.93 -38.69
CA ARG A 132 10.72 7.15 -37.24
C ARG A 132 11.88 6.40 -36.57
N SER A 133 13.07 6.61 -37.11
CA SER A 133 14.26 5.90 -36.66
C SER A 133 15.34 6.88 -36.25
N ILE A 134 16.17 6.45 -35.31
CA ILE A 134 17.32 7.22 -34.87
C ILE A 134 18.54 6.32 -34.94
N ILE A 135 19.70 6.90 -35.24
CA ILE A 135 20.97 6.22 -35.06
C ILE A 135 21.88 7.12 -34.23
N ASN A 136 22.62 6.51 -33.29
CA ASN A 136 23.51 7.29 -32.44
C ASN A 136 24.82 6.54 -32.17
N SER A 137 25.91 7.32 -32.08
CA SER A 137 27.20 6.84 -31.58
C SER A 137 27.71 7.79 -30.49
N CYS A 138 26.89 8.00 -29.46
CA CYS A 138 27.24 8.95 -28.39
C CYS A 138 28.53 8.57 -27.67
N GLY A 139 28.61 7.34 -27.18
CA GLY A 139 29.79 6.89 -26.47
C GLY A 139 29.79 7.19 -24.99
N PHE A 140 28.62 7.23 -24.36
CA PHE A 140 28.49 7.45 -22.92
C PHE A 140 29.01 8.83 -22.51
N ASN A 141 28.54 9.86 -23.18
CA ASN A 141 28.89 11.20 -22.73
C ASN A 141 28.11 11.49 -21.46
N ASN A 142 28.77 11.96 -20.41
CA ASN A 142 28.05 12.32 -19.20
C ASN A 142 28.98 13.08 -18.27
N MET A 143 28.37 13.80 -17.31
CA MET A 143 29.09 14.67 -16.39
C MET A 143 29.83 13.90 -15.30
N GLY A 144 29.58 12.61 -15.17
CA GLY A 144 30.27 11.83 -14.17
C GLY A 144 29.43 11.62 -12.93
N CYS A 145 29.75 10.56 -12.20
CA CYS A 145 28.88 10.07 -11.14
C CYS A 145 28.71 11.10 -10.03
N ASP A 146 29.80 11.75 -9.61
CA ASP A 146 29.71 12.71 -8.51
C ASP A 146 28.71 13.82 -8.84
N LYS A 147 28.80 14.40 -10.03
CA LYS A 147 27.89 15.49 -10.39
C LYS A 147 26.47 15.00 -10.60
N VAL A 148 26.29 13.85 -11.24
CA VAL A 148 24.93 13.37 -11.42
C VAL A 148 24.31 13.00 -10.09
N THR A 149 25.10 12.46 -9.16
CA THR A 149 24.61 12.21 -7.81
C THR A 149 24.08 13.48 -7.16
N GLU A 150 24.83 14.59 -7.26
CA GLU A 150 24.35 15.88 -6.75
C GLU A 150 23.02 16.27 -7.37
N ASN A 151 22.87 16.10 -8.70
CA ASN A 151 21.62 16.42 -9.35
C ASN A 151 20.48 15.58 -8.81
N LEU A 152 20.73 14.29 -8.59
CA LEU A 152 19.67 13.41 -8.14
C LEU A 152 19.29 13.72 -6.70
N ILE A 153 20.26 14.11 -5.86
CA ILE A 153 19.97 14.50 -4.49
C ILE A 153 19.08 15.74 -4.47
N LEU A 154 19.37 16.72 -5.31
CA LEU A 154 18.52 17.90 -5.39
C LEU A 154 17.10 17.52 -5.81
N PHE A 155 16.97 16.60 -6.78
CA PHE A 155 15.65 16.14 -7.17
C PHE A 155 14.94 15.50 -5.99
N ARG A 156 15.61 14.58 -5.30
CA ARG A 156 14.99 13.90 -4.17
C ARG A 156 14.53 14.89 -3.10
N LYS A 157 15.25 15.99 -2.91
CA LYS A 157 14.83 16.98 -1.92
C LYS A 157 13.59 17.75 -2.38
N ARG A 158 13.50 18.09 -3.66
CA ARG A 158 12.27 18.69 -4.18
C ARG A 158 11.11 17.70 -4.11
N GLN A 159 11.39 16.42 -4.36
CA GLN A 159 10.33 15.43 -4.43
C GLN A 159 9.60 15.26 -3.10
N GLU A 160 10.30 15.47 -1.98
CA GLU A 160 9.65 15.32 -0.67
C GLU A 160 8.53 16.33 -0.44
N GLU A 161 8.62 17.51 -1.06
CA GLU A 161 7.61 18.53 -0.85
C GLU A 161 6.55 18.60 -1.95
N ASP A 162 6.70 17.87 -3.06
CA ASP A 162 5.95 18.15 -4.28
C ASP A 162 4.84 17.12 -4.48
N LYS A 163 3.59 17.62 -4.45
CA LYS A 163 2.40 16.81 -4.64
C LYS A 163 2.44 15.99 -5.91
N LEU A 164 3.06 16.52 -6.96
CA LEU A 164 3.00 15.85 -8.25
C LEU A 164 4.01 14.72 -8.38
N LEU A 165 5.05 14.69 -7.55
CA LEU A 165 6.19 13.82 -7.77
C LEU A 165 6.34 12.73 -6.72
N SER A 166 5.39 12.65 -5.77
CA SER A 166 5.56 11.81 -4.59
C SER A 166 5.78 10.34 -4.92
N LYS A 167 5.10 9.81 -5.93
CA LYS A 167 5.17 8.38 -6.23
C LYS A 167 5.99 8.06 -7.47
N HIS A 168 6.65 9.05 -8.06
CA HIS A 168 7.43 8.82 -9.26
C HIS A 168 8.72 8.08 -8.92
N ILE A 169 9.17 7.25 -9.85
CA ILE A 169 10.31 6.39 -9.65
C ILE A 169 11.49 6.88 -10.48
N VAL A 170 12.69 6.82 -9.90
CA VAL A 170 13.91 7.14 -10.65
C VAL A 170 14.91 5.98 -10.56
N GLY A 171 15.30 5.47 -11.71
CA GLY A 171 16.36 4.50 -11.81
C GLY A 171 17.62 5.13 -12.34
N VAL A 172 18.73 4.44 -12.15
CA VAL A 172 20.01 4.93 -12.61
C VAL A 172 20.71 3.84 -13.40
N SER A 173 21.06 4.13 -14.63
CA SER A 173 21.82 3.22 -15.49
C SER A 173 23.32 3.49 -15.33
N ILE A 174 24.09 2.44 -15.07
CA ILE A 174 25.51 2.58 -14.79
C ILE A 174 26.30 1.79 -15.83
N GLY A 175 27.42 2.39 -16.25
CA GLY A 175 28.34 1.79 -17.19
C GLY A 175 29.80 2.00 -16.82
N LYS A 176 30.70 1.88 -17.79
CA LYS A 176 32.11 2.08 -17.51
C LYS A 176 32.68 3.19 -18.37
N ASN A 177 33.74 3.83 -17.85
CA ASN A 177 34.47 4.81 -18.61
C ASN A 177 35.21 4.15 -19.78
N LYS A 178 35.43 4.95 -20.82
CA LYS A 178 35.99 4.46 -22.07
C LYS A 178 37.29 3.71 -21.86
N ASP A 179 38.05 4.08 -20.84
CA ASP A 179 39.39 3.60 -20.57
C ASP A 179 39.45 2.44 -19.59
N THR A 180 38.33 2.02 -19.03
CA THR A 180 38.36 1.09 -17.90
C THR A 180 38.53 -0.34 -18.37
N VAL A 181 39.46 -1.05 -17.72
CA VAL A 181 39.71 -2.44 -18.08
C VAL A 181 38.58 -3.32 -17.56
N ASN A 182 38.34 -3.27 -16.26
CA ASN A 182 37.43 -4.18 -15.58
C ASN A 182 36.18 -3.38 -15.19
N ILE A 183 35.08 -3.69 -15.85
CA ILE A 183 33.86 -2.94 -15.69
C ILE A 183 33.36 -2.95 -14.26
N VAL A 184 33.64 -4.01 -13.50
CA VAL A 184 33.05 -4.12 -12.16
C VAL A 184 33.57 -3.02 -11.25
N ASP A 185 34.83 -2.60 -11.41
CA ASP A 185 35.34 -1.49 -10.60
C ASP A 185 34.53 -0.22 -10.81
N ASP A 186 34.17 0.08 -12.06
CA ASP A 186 33.36 1.28 -12.31
C ASP A 186 31.94 1.11 -11.78
N LEU A 187 31.36 -0.08 -11.93
CA LEU A 187 30.00 -0.27 -11.40
C LEU A 187 29.98 -0.09 -9.87
N LYS A 188 31.00 -0.60 -9.19
CA LYS A 188 31.05 -0.49 -7.74
C LYS A 188 31.19 0.96 -7.29
N TYR A 189 32.03 1.73 -7.97
CA TYR A 189 32.16 3.14 -7.62
C TYR A 189 30.82 3.84 -7.74
N CYS A 190 30.07 3.58 -8.81
CA CYS A 190 28.80 4.29 -8.99
C CYS A 190 27.79 3.87 -7.95
N ILE A 191 27.71 2.58 -7.65
CA ILE A 191 26.76 2.11 -6.66
C ILE A 191 27.02 2.80 -5.34
N ASN A 192 28.28 2.90 -4.93
CA ASN A 192 28.56 3.48 -3.62
C ASN A 192 28.27 4.97 -3.59
N LYS A 193 28.33 5.65 -4.75
CA LYS A 193 28.04 7.07 -4.80
C LYS A 193 26.54 7.36 -4.89
N ILE A 194 25.83 6.67 -5.78
CA ILE A 194 24.47 7.06 -6.14
C ILE A 194 23.42 6.05 -5.71
N GLY A 195 23.81 4.86 -5.25
CA GLY A 195 22.84 3.79 -5.08
C GLY A 195 21.74 4.10 -4.07
N ARG A 196 22.07 4.84 -3.03
CA ARG A 196 21.07 5.13 -2.01
C ARG A 196 20.01 6.13 -2.45
N TYR A 197 20.16 6.76 -3.62
CA TYR A 197 19.17 7.69 -4.16
C TYR A 197 18.36 7.10 -5.31
N ALA A 198 18.60 5.84 -5.64
CA ALA A 198 18.02 5.17 -6.78
C ALA A 198 16.93 4.22 -6.35
N ASP A 199 15.84 4.17 -7.12
CA ASP A 199 14.84 3.15 -6.87
C ASP A 199 15.26 1.83 -7.47
N TYR A 200 16.02 1.89 -8.55
CA TYR A 200 16.63 0.72 -9.17
C TYR A 200 17.89 1.14 -9.90
N ILE A 201 18.77 0.16 -10.10
CA ILE A 201 20.00 0.28 -10.85
C ILE A 201 19.86 -0.56 -12.11
N ALA A 202 20.13 0.03 -13.28
CA ALA A 202 20.18 -0.73 -14.53
C ALA A 202 21.64 -0.95 -14.91
N ILE A 203 22.03 -2.21 -15.07
CA ILE A 203 23.38 -2.56 -15.50
C ILE A 203 23.41 -2.52 -17.03
N ASN A 204 24.15 -1.59 -17.59
CA ASN A 204 24.23 -1.44 -19.05
C ASN A 204 25.37 -2.29 -19.56
N VAL A 205 25.06 -3.47 -20.08
CA VAL A 205 26.06 -4.29 -20.75
C VAL A 205 25.70 -4.41 -22.22
N SER A 206 25.00 -3.40 -22.78
CA SER A 206 24.43 -3.56 -24.10
C SER A 206 24.63 -2.40 -25.07
N SER A 207 25.29 -1.32 -24.67
CA SER A 207 25.59 -0.28 -25.65
C SER A 207 26.41 -0.84 -26.80
N PRO A 208 26.03 -0.56 -28.04
CA PRO A 208 26.87 -0.91 -29.17
C PRO A 208 28.01 0.07 -29.43
N ASN A 209 28.11 1.16 -28.66
CA ASN A 209 29.05 2.22 -28.95
C ASN A 209 30.23 2.26 -28.00
N THR A 210 30.36 1.27 -27.12
CA THR A 210 31.57 1.09 -26.32
C THR A 210 32.16 -0.26 -26.74
N PRO A 211 33.22 -0.26 -27.54
CA PRO A 211 33.79 -1.53 -28.02
C PRO A 211 34.05 -2.52 -26.90
N GLY A 212 33.56 -3.76 -27.08
CA GLY A 212 33.77 -4.81 -26.12
C GLY A 212 32.75 -4.87 -24.99
N LEU A 213 31.93 -3.84 -24.81
CA LEU A 213 31.02 -3.85 -23.69
C LEU A 213 30.02 -5.00 -23.78
N ARG A 214 29.53 -5.31 -24.97
CA ARG A 214 28.50 -6.35 -25.13
C ARG A 214 29.05 -7.76 -24.91
N ASP A 215 30.37 -7.93 -24.97
CA ASP A 215 30.98 -9.19 -24.56
C ASP A 215 30.64 -9.54 -23.11
N ASN A 216 30.27 -8.54 -22.30
CA ASN A 216 29.92 -8.80 -20.91
C ASN A 216 28.56 -9.47 -20.75
N GLN A 217 27.84 -9.70 -21.84
CA GLN A 217 26.64 -10.53 -21.83
C GLN A 217 26.95 -12.03 -21.91
N GLU A 218 28.21 -12.41 -22.10
CA GLU A 218 28.56 -13.81 -21.99
C GLU A 218 28.27 -14.28 -20.56
N ALA A 219 27.79 -15.51 -20.43
CA ALA A 219 27.15 -15.93 -19.18
C ALA A 219 28.10 -15.82 -18.00
N GLY A 220 29.31 -16.32 -18.13
CA GLY A 220 30.25 -16.24 -17.02
C GLY A 220 30.50 -14.81 -16.57
N LYS A 221 30.81 -13.93 -17.52
CA LYS A 221 31.07 -12.53 -17.18
C LYS A 221 29.84 -11.85 -16.60
N LEU A 222 28.66 -12.12 -17.19
CA LEU A 222 27.45 -11.48 -16.72
C LEU A 222 27.13 -11.90 -15.30
N LYS A 223 27.24 -13.20 -15.03
CA LYS A 223 26.99 -13.71 -13.68
C LYS A 223 27.86 -13.00 -12.66
N ASN A 224 29.17 -12.90 -12.93
CA ASN A 224 30.05 -12.21 -12.00
C ASN A 224 29.64 -10.74 -11.84
N ILE A 225 29.25 -10.08 -12.93
CA ILE A 225 28.85 -8.68 -12.83
C ILE A 225 27.60 -8.51 -11.96
N ILE A 226 26.59 -9.36 -12.17
CA ILE A 226 25.36 -9.22 -11.41
C ILE A 226 25.63 -9.45 -9.93
N LEU A 227 26.39 -10.49 -9.61
CA LEU A 227 26.64 -10.78 -8.20
C LEU A 227 27.46 -9.68 -7.54
N SER A 228 28.45 -9.13 -8.27
CA SER A 228 29.23 -8.02 -7.73
C SER A 228 28.35 -6.81 -7.47
N VAL A 229 27.41 -6.52 -8.37
CA VAL A 229 26.53 -5.38 -8.19
C VAL A 229 25.57 -5.61 -7.04
N LYS A 230 24.98 -6.82 -6.96
CA LYS A 230 24.08 -7.09 -5.84
C LYS A 230 24.81 -7.04 -4.51
N GLU A 231 26.06 -7.51 -4.49
CA GLU A 231 26.85 -7.47 -3.27
C GLU A 231 27.15 -6.04 -2.84
N GLU A 232 27.49 -5.18 -3.80
CA GLU A 232 27.83 -3.81 -3.45
C GLU A 232 26.60 -3.07 -2.95
N ILE A 233 25.43 -3.35 -3.53
CA ILE A 233 24.20 -2.73 -3.04
C ILE A 233 23.88 -3.22 -1.63
N ASP A 234 24.05 -4.52 -1.38
CA ASP A 234 23.76 -5.08 -0.05
C ASP A 234 24.73 -4.57 1.00
N ASN A 235 25.97 -4.21 0.60
CA ASN A 235 26.94 -3.65 1.53
C ASN A 235 26.66 -2.20 1.92
N LEU A 236 25.75 -1.50 1.23
CA LEU A 236 25.51 -0.10 1.55
C LEU A 236 24.93 0.05 2.95
N GLU A 237 24.03 -0.84 3.36
CA GLU A 237 23.47 -0.72 4.70
C GLU A 237 24.51 -1.02 5.78
N LYS A 238 25.52 -1.85 5.49
CA LYS A 238 26.55 -2.13 6.49
C LYS A 238 27.42 -0.91 6.77
N ASN A 239 27.59 -0.04 5.78
CA ASN A 239 28.52 1.08 5.87
C ASN A 239 27.78 2.40 6.07
N PHE A 246 16.60 6.67 7.25
CA PHE A 246 17.44 7.70 6.68
C PHE A 246 18.32 7.19 5.53
N LEU A 247 18.54 5.88 5.46
CA LEU A 247 19.51 5.38 4.50
C LEU A 247 19.01 5.54 3.07
N TRP A 248 17.78 5.16 2.80
CA TRP A 248 17.30 5.08 1.43
C TRP A 248 16.56 6.38 1.13
N PHE A 249 17.22 7.27 0.39
CA PHE A 249 16.63 8.56 0.02
C PHE A 249 16.10 8.45 -1.41
N ASN A 250 15.07 7.63 -1.54
CA ASN A 250 14.47 7.34 -2.82
C ASN A 250 12.95 7.28 -2.62
N THR A 251 12.25 6.79 -3.65
CA THR A 251 10.80 6.68 -3.57
C THR A 251 10.38 5.45 -2.78
N THR A 252 11.04 4.32 -3.01
CA THR A 252 10.66 3.07 -2.36
C THR A 252 10.99 3.07 -0.87
N LYS A 253 12.03 3.80 -0.47
CA LYS A 253 12.60 3.70 0.88
C LYS A 253 13.20 2.33 1.14
N LYS A 254 13.64 1.67 0.07
CA LYS A 254 14.25 0.36 0.12
C LYS A 254 15.45 0.35 -0.78
N LYS A 255 16.33 -0.64 -0.58
CA LYS A 255 17.50 -0.73 -1.42
C LYS A 255 17.08 -0.87 -2.87
N PRO A 256 17.85 -0.34 -3.81
CA PRO A 256 17.44 -0.40 -5.21
C PRO A 256 17.40 -1.85 -5.71
N LEU A 257 16.39 -2.13 -6.54
CA LEU A 257 16.34 -3.34 -7.33
C LEU A 257 17.42 -3.29 -8.42
N VAL A 258 17.76 -4.46 -8.97
CA VAL A 258 18.80 -4.58 -9.98
C VAL A 258 18.17 -5.10 -11.26
N PHE A 259 18.34 -4.35 -12.34
CA PHE A 259 17.94 -4.76 -13.67
C PHE A 259 19.18 -4.87 -14.54
N VAL A 260 19.09 -5.65 -15.61
CA VAL A 260 20.13 -5.67 -16.64
C VAL A 260 19.49 -5.25 -17.96
N LYS A 261 20.18 -4.40 -18.72
CA LYS A 261 19.68 -3.99 -20.03
C LYS A 261 20.41 -4.81 -21.11
N LEU A 262 19.64 -5.51 -21.94
CA LEU A 262 20.17 -6.48 -22.89
C LEU A 262 20.14 -5.93 -24.30
N ALA A 263 21.08 -6.40 -25.12
CA ALA A 263 21.26 -6.06 -26.52
C ALA A 263 20.40 -6.99 -27.37
N PRO A 264 19.77 -6.48 -28.42
CA PRO A 264 18.96 -7.35 -29.29
C PRO A 264 19.75 -8.25 -30.24
N ASP A 265 21.05 -8.01 -30.45
CA ASP A 265 21.81 -8.74 -31.48
C ASP A 265 22.54 -9.90 -30.82
N LEU A 266 21.76 -10.95 -30.55
CA LEU A 266 22.21 -12.17 -29.91
C LEU A 266 21.56 -13.35 -30.61
N ASN A 267 22.27 -14.49 -30.65
CA ASN A 267 21.64 -15.69 -31.19
C ASN A 267 20.91 -16.44 -30.08
N GLN A 268 20.21 -17.53 -30.46
CA GLN A 268 19.35 -18.22 -29.50
C GLN A 268 20.17 -18.88 -28.40
N GLU A 269 21.37 -19.37 -28.73
CA GLU A 269 22.23 -19.96 -27.72
C GLU A 269 22.66 -18.93 -26.69
N GLN A 270 22.99 -17.71 -27.11
CA GLN A 270 23.33 -16.65 -26.15
C GLN A 270 22.14 -16.27 -25.28
N LYS A 271 20.95 -16.15 -25.88
CA LYS A 271 19.78 -15.74 -25.11
C LYS A 271 19.46 -16.77 -24.02
N LYS A 272 19.58 -18.05 -24.35
CA LYS A 272 19.30 -19.10 -23.38
C LYS A 272 20.31 -19.11 -22.23
N GLU A 273 21.61 -18.96 -22.52
CA GLU A 273 22.58 -18.93 -21.43
C GLU A 273 22.41 -17.68 -20.57
N ILE A 274 22.03 -16.55 -21.17
CA ILE A 274 21.74 -15.36 -20.37
C ILE A 274 20.54 -15.63 -19.47
N ALA A 275 19.49 -16.23 -20.01
CA ALA A 275 18.31 -16.50 -19.20
C ALA A 275 18.65 -17.36 -17.99
N ASP A 276 19.48 -18.39 -18.18
CA ASP A 276 19.92 -19.22 -17.05
C ASP A 276 20.64 -18.41 -15.99
N VAL A 277 21.50 -17.49 -16.40
CA VAL A 277 22.20 -16.64 -15.43
C VAL A 277 21.22 -15.71 -14.71
N LEU A 278 20.25 -15.15 -15.42
CA LEU A 278 19.30 -14.26 -14.77
C LEU A 278 18.47 -15.00 -13.71
N LEU A 279 18.11 -16.25 -14.00
CA LEU A 279 17.42 -17.08 -13.02
C LEU A 279 18.30 -17.46 -11.84
N GLU A 280 19.57 -17.79 -12.10
CA GLU A 280 20.46 -18.24 -11.04
C GLU A 280 20.83 -17.11 -10.07
N THR A 281 20.89 -15.88 -10.57
CA THR A 281 21.31 -14.72 -9.78
C THR A 281 20.16 -13.97 -9.13
N ASN A 282 18.91 -14.37 -9.39
CA ASN A 282 17.73 -13.67 -8.84
C ASN A 282 17.73 -12.18 -9.17
N ILE A 283 18.14 -11.85 -10.40
CA ILE A 283 18.01 -10.47 -10.82
C ILE A 283 16.54 -10.06 -10.80
N ASP A 284 16.28 -8.79 -10.56
CA ASP A 284 14.92 -8.32 -10.32
C ASP A 284 14.16 -8.01 -11.60
N GLY A 285 14.85 -7.81 -12.70
CA GLY A 285 14.17 -7.47 -13.92
C GLY A 285 15.16 -7.37 -15.05
N MET A 286 14.63 -7.37 -16.26
CA MET A 286 15.45 -7.23 -17.45
C MET A 286 14.81 -6.21 -18.37
N ILE A 287 15.64 -5.32 -18.91
CA ILE A 287 15.23 -4.27 -19.83
C ILE A 287 15.56 -4.77 -21.21
N ILE A 288 14.52 -4.94 -22.01
CA ILE A 288 14.62 -5.54 -23.33
C ILE A 288 13.96 -4.55 -24.28
N SER A 289 14.75 -3.78 -25.04
CA SER A 289 16.18 -3.96 -25.27
C SER A 289 16.82 -2.66 -25.66
N ASN A 290 18.15 -2.70 -25.83
CA ASN A 290 18.94 -1.57 -26.29
C ASN A 290 18.82 -1.45 -27.81
N THR A 291 19.63 -0.57 -28.41
CA THR A 291 19.62 -0.36 -29.84
C THR A 291 20.25 -1.53 -30.61
N THR A 292 19.99 -1.58 -31.92
CA THR A 292 20.49 -2.66 -32.74
C THR A 292 21.51 -2.16 -33.75
N THR A 293 22.42 -3.05 -34.14
CA THR A 293 23.40 -2.79 -35.19
C THR A 293 23.05 -3.48 -36.50
N GLN A 294 21.90 -4.16 -36.57
CA GLN A 294 21.58 -5.01 -37.69
C GLN A 294 20.49 -4.45 -38.59
N ILE A 295 20.18 -3.15 -38.50
CA ILE A 295 19.27 -2.51 -39.44
C ILE A 295 20.10 -1.68 -40.41
N ASN A 296 20.05 -2.04 -41.69
CA ASN A 296 20.92 -1.44 -42.71
C ASN A 296 20.11 -1.09 -43.95
N ASP A 297 18.81 -0.87 -43.80
CA ASP A 297 17.92 -0.55 -44.92
C ASP A 297 17.32 0.85 -44.78
N ILE A 298 18.03 1.75 -44.09
CA ILE A 298 17.62 3.14 -43.94
C ILE A 298 18.59 3.99 -44.75
N LYS A 299 18.13 4.53 -45.88
CA LYS A 299 19.05 5.18 -46.83
C LYS A 299 19.87 6.26 -46.14
N SER A 300 19.21 7.17 -45.46
CA SER A 300 19.91 8.31 -44.86
C SER A 300 20.90 7.92 -43.78
N PHE A 301 20.92 6.65 -43.37
CA PHE A 301 21.87 6.15 -42.38
C PHE A 301 23.03 5.40 -43.01
N GLU A 302 23.08 5.33 -44.34
CA GLU A 302 23.86 4.27 -44.99
C GLU A 302 25.32 4.25 -44.53
N ASN A 303 25.95 5.42 -44.36
CA ASN A 303 27.36 5.41 -43.97
C ASN A 303 27.57 5.80 -42.50
N LYS A 304 26.56 5.62 -41.65
CA LYS A 304 26.62 6.11 -40.28
C LYS A 304 26.92 4.97 -39.30
N LYS A 305 27.57 5.31 -38.21
CA LYS A 305 27.94 4.36 -37.16
C LYS A 305 26.94 4.44 -36.02
N GLY A 306 26.71 3.30 -35.36
CA GLY A 306 26.02 3.33 -34.09
C GLY A 306 24.88 2.35 -34.04
N GLY A 307 24.08 2.47 -33.00
CA GLY A 307 22.90 1.66 -32.82
C GLY A 307 21.65 2.39 -33.27
N VAL A 308 20.69 1.63 -33.80
CA VAL A 308 19.43 2.16 -34.33
C VAL A 308 18.32 1.95 -33.30
N SER A 309 17.51 2.99 -33.13
CA SER A 309 16.34 3.04 -32.26
C SER A 309 15.11 3.32 -33.14
N GLY A 310 13.93 3.20 -32.55
CA GLY A 310 12.72 3.65 -33.22
C GLY A 310 11.91 2.52 -33.82
N ALA A 311 11.10 2.88 -34.83
CA ALA A 311 10.08 1.96 -35.32
C ALA A 311 10.70 0.72 -35.95
N LYS A 312 11.88 0.83 -36.54
CA LYS A 312 12.47 -0.35 -37.14
C LYS A 312 13.01 -1.32 -36.09
N LEU A 313 13.10 -0.91 -34.83
CA LEU A 313 13.48 -1.80 -33.74
C LEU A 313 12.27 -2.53 -33.13
N LYS A 314 11.03 -2.12 -33.45
CA LYS A 314 9.87 -2.61 -32.70
C LYS A 314 9.77 -4.13 -32.75
N ASP A 315 9.74 -4.70 -33.96
CA ASP A 315 9.47 -6.14 -34.09
C ASP A 315 10.60 -6.99 -33.52
N ILE A 316 11.84 -6.62 -33.84
CA ILE A 316 13.02 -7.27 -33.22
C ILE A 316 12.87 -7.34 -31.70
N SER A 317 12.55 -6.23 -31.08
CA SER A 317 12.57 -6.23 -29.61
C SER A 317 11.35 -6.91 -29.00
N THR A 318 10.20 -6.87 -29.65
CA THR A 318 9.03 -7.62 -29.18
C THR A 318 9.28 -9.13 -29.22
N LYS A 319 9.82 -9.61 -30.34
CA LYS A 319 10.19 -11.02 -30.41
C LYS A 319 11.20 -11.40 -29.34
N PHE A 320 12.18 -10.52 -29.09
CA PHE A 320 13.15 -10.76 -28.01
C PHE A 320 12.46 -10.88 -26.67
N ILE A 321 11.46 -10.03 -26.40
CA ILE A 321 10.68 -10.14 -25.17
C ILE A 321 10.02 -11.51 -25.06
N CYS A 322 9.34 -11.94 -26.12
CA CYS A 322 8.67 -13.23 -26.09
C CYS A 322 9.65 -14.35 -25.77
N GLU A 323 10.80 -14.32 -26.44
CA GLU A 323 11.80 -15.36 -26.25
C GLU A 323 12.26 -15.40 -24.80
N MET A 324 12.61 -14.24 -24.22
CA MET A 324 13.19 -14.22 -22.89
C MET A 324 12.15 -14.50 -21.82
N TYR A 325 10.93 -14.01 -22.00
CA TYR A 325 9.84 -14.36 -21.10
C TYR A 325 9.68 -15.88 -21.02
N ASN A 326 9.79 -16.55 -22.15
CA ASN A 326 9.65 -18.00 -22.10
C ASN A 326 10.91 -18.67 -21.56
N TYR A 327 12.09 -18.22 -21.98
CA TYR A 327 13.33 -18.83 -21.50
C TYR A 327 13.49 -18.71 -19.99
N THR A 328 12.92 -17.66 -19.38
CA THR A 328 13.00 -17.45 -17.94
C THR A 328 11.74 -17.94 -17.22
N ASN A 329 10.90 -18.73 -17.90
CA ASN A 329 9.70 -19.30 -17.31
C ASN A 329 8.82 -18.26 -16.63
N LYS A 330 8.81 -17.05 -17.18
CA LYS A 330 7.96 -15.94 -16.73
C LYS A 330 8.28 -15.49 -15.31
N GLN A 331 9.49 -15.76 -14.83
CA GLN A 331 9.89 -15.44 -13.46
C GLN A 331 10.65 -14.14 -13.34
N ILE A 332 11.05 -13.52 -14.44
CA ILE A 332 11.84 -12.30 -14.40
C ILE A 332 11.05 -11.17 -15.05
N PRO A 333 10.57 -10.18 -14.31
CA PRO A 333 9.81 -9.09 -14.94
C PRO A 333 10.62 -8.35 -15.99
N ILE A 334 9.89 -7.86 -17.00
CA ILE A 334 10.47 -7.26 -18.19
C ILE A 334 10.04 -5.81 -18.31
N ILE A 335 11.01 -4.94 -18.54
CA ILE A 335 10.78 -3.55 -18.93
C ILE A 335 11.00 -3.47 -20.43
N ALA A 336 9.97 -3.10 -21.19
CA ALA A 336 10.07 -3.07 -22.65
C ALA A 336 10.66 -1.76 -23.15
N SER A 337 11.55 -1.86 -24.14
CA SER A 337 12.13 -0.69 -24.77
C SER A 337 12.36 -1.00 -26.23
N GLY A 338 11.80 -0.21 -27.12
CA GLY A 338 12.09 -0.42 -28.54
C GLY A 338 10.89 -0.22 -29.45
N GLY A 339 10.84 0.94 -30.09
CA GLY A 339 9.84 1.19 -31.11
C GLY A 339 8.42 1.37 -30.61
N ILE A 340 8.22 1.77 -29.36
CA ILE A 340 6.89 2.00 -28.81
C ILE A 340 6.48 3.43 -29.14
N PHE A 341 5.48 3.59 -29.99
CA PHE A 341 4.94 4.90 -30.32
C PHE A 341 3.49 5.10 -29.93
N SER A 342 2.69 4.04 -29.90
CA SER A 342 1.24 4.08 -29.80
C SER A 342 0.77 3.16 -28.68
N GLY A 343 -0.50 3.28 -28.31
CA GLY A 343 -1.08 2.37 -27.33
C GLY A 343 -1.09 0.92 -27.78
N LEU A 344 -1.29 0.69 -29.08
CA LEU A 344 -1.23 -0.66 -29.63
C LEU A 344 0.17 -1.25 -29.53
N ASP A 345 1.20 -0.46 -29.87
CA ASP A 345 2.57 -0.92 -29.66
C ASP A 345 2.80 -1.29 -28.19
N ALA A 346 2.29 -0.47 -27.28
CA ALA A 346 2.48 -0.77 -25.86
C ALA A 346 1.77 -2.06 -25.49
N LEU A 347 0.54 -2.24 -25.94
CA LEU A 347 -0.17 -3.46 -25.59
C LEU A 347 0.53 -4.69 -26.17
N GLU A 348 1.15 -4.55 -27.33
CA GLU A 348 1.88 -5.68 -27.89
C GLU A 348 3.03 -6.08 -26.99
N LYS A 349 3.76 -5.09 -26.48
CA LYS A 349 4.85 -5.39 -25.55
C LYS A 349 4.34 -6.06 -24.29
N ILE A 350 3.22 -5.57 -23.76
CA ILE A 350 2.72 -6.10 -22.50
C ILE A 350 2.25 -7.54 -22.68
N GLU A 351 1.48 -7.79 -23.74
CA GLU A 351 1.00 -9.13 -24.01
C GLU A 351 2.15 -10.08 -24.30
N ALA A 352 3.27 -9.55 -24.80
CA ALA A 352 4.44 -10.38 -25.03
C ALA A 352 5.16 -10.76 -23.74
N GLY A 353 4.94 -10.02 -22.67
CA GLY A 353 5.58 -10.33 -21.42
C GLY A 353 6.04 -9.16 -20.57
N ALA A 354 6.00 -7.94 -21.11
CA ALA A 354 6.50 -6.78 -20.38
C ALA A 354 5.49 -6.34 -19.33
N SER A 355 6.01 -5.85 -18.20
CA SER A 355 5.18 -5.28 -17.15
C SER A 355 5.10 -3.77 -17.26
N VAL A 356 6.05 -3.15 -17.97
CA VAL A 356 6.13 -1.70 -18.05
C VAL A 356 6.91 -1.35 -19.31
N CYS A 357 6.71 -0.13 -19.82
CA CYS A 357 7.30 0.30 -21.08
C CYS A 357 8.13 1.54 -20.90
N GLN A 358 9.20 1.65 -21.67
CA GLN A 358 10.02 2.85 -21.72
C GLN A 358 9.94 3.45 -23.12
N LEU A 359 9.80 4.76 -23.18
CA LEU A 359 9.80 5.50 -24.43
C LEU A 359 11.10 6.27 -24.60
N TYR A 360 11.50 6.48 -25.86
CA TYR A 360 12.60 7.38 -26.20
C TYR A 360 12.27 8.01 -27.55
N SER A 361 12.36 7.24 -28.62
CA SER A 361 12.03 7.76 -29.95
C SER A 361 10.63 8.39 -30.00
N CYS A 362 9.66 7.86 -29.25
CA CYS A 362 8.35 8.47 -29.23
C CYS A 362 8.41 9.94 -28.80
N LEU A 363 9.23 10.25 -27.79
CA LEU A 363 9.35 11.64 -27.38
C LEU A 363 9.96 12.48 -28.49
N VAL A 364 10.91 11.91 -29.21
CA VAL A 364 11.59 12.66 -30.26
C VAL A 364 10.64 12.99 -31.39
N PHE A 365 9.79 12.05 -31.78
CA PHE A 365 8.96 12.26 -32.97
C PHE A 365 7.54 12.70 -32.68
N ASN A 366 7.02 12.49 -31.47
CA ASN A 366 5.69 12.97 -31.11
C ASN A 366 5.70 14.08 -30.08
N GLY A 367 6.81 14.30 -29.39
CA GLY A 367 6.99 15.51 -28.62
C GLY A 367 6.34 15.49 -27.25
N MET A 368 5.94 16.69 -26.80
CA MET A 368 5.50 16.90 -25.42
C MET A 368 4.26 16.08 -25.08
N LYS A 369 3.40 15.82 -26.07
CA LYS A 369 2.13 15.13 -25.85
C LYS A 369 2.28 13.63 -25.71
N SER A 370 3.51 13.13 -25.75
CA SER A 370 3.75 11.71 -25.94
C SER A 370 3.11 10.87 -24.85
N ALA A 371 3.26 11.27 -23.58
CA ALA A 371 2.78 10.43 -22.50
C ALA A 371 1.26 10.51 -22.35
N VAL A 372 0.70 11.71 -22.44
CA VAL A 372 -0.75 11.85 -22.34
C VAL A 372 -1.44 11.07 -23.45
N GLN A 373 -0.91 11.15 -24.68
CA GLN A 373 -1.54 10.48 -25.80
C GLN A 373 -1.45 8.96 -25.65
N ILE A 374 -0.26 8.45 -25.33
CA ILE A 374 -0.11 6.99 -25.30
C ILE A 374 -0.90 6.39 -24.13
N LYS A 375 -1.00 7.10 -23.00
CA LYS A 375 -1.82 6.59 -21.90
C LYS A 375 -3.28 6.53 -22.30
N ARG A 376 -3.79 7.58 -22.95
CA ARG A 376 -5.18 7.56 -23.38
C ARG A 376 -5.43 6.41 -24.34
N GLU A 377 -4.51 6.20 -25.29
CA GLU A 377 -4.69 5.17 -26.31
C GLU A 377 -4.67 3.77 -25.71
N LEU A 378 -3.80 3.54 -24.71
CA LEU A 378 -3.76 2.23 -24.06
C LEU A 378 -5.00 2.00 -23.21
N ASN A 379 -5.46 3.01 -22.48
CA ASN A 379 -6.72 2.83 -21.75
C ASN A 379 -7.87 2.48 -22.68
N HIS A 380 -7.91 3.10 -23.86
CA HIS A 380 -8.95 2.74 -24.82
C HIS A 380 -8.82 1.27 -25.25
N LEU A 381 -7.59 0.81 -25.51
CA LEU A 381 -7.40 -0.56 -25.97
C LEU A 381 -7.78 -1.56 -24.89
N LEU A 382 -7.41 -1.26 -23.65
CA LEU A 382 -7.75 -2.17 -22.57
C LEU A 382 -9.24 -2.32 -22.41
N TYR A 383 -9.99 -1.25 -22.68
CA TYR A 383 -11.44 -1.35 -22.71
C TYR A 383 -11.89 -2.17 -23.91
N GLN A 384 -11.45 -1.78 -25.11
CA GLN A 384 -11.89 -2.46 -26.32
C GLN A 384 -11.57 -3.95 -26.28
N ARG A 385 -10.45 -4.33 -25.66
CA ARG A 385 -10.05 -5.73 -25.63
C ARG A 385 -10.67 -6.53 -24.50
N GLY A 386 -11.39 -5.90 -23.58
CA GLY A 386 -12.04 -6.63 -22.52
C GLY A 386 -11.19 -6.91 -21.31
N TYR A 387 -10.06 -6.26 -21.16
CA TYR A 387 -9.25 -6.44 -19.97
C TYR A 387 -9.82 -5.64 -18.80
N TYR A 388 -9.82 -6.25 -17.61
CA TYR A 388 -10.18 -5.49 -16.42
C TYR A 388 -9.11 -4.46 -16.09
N ASN A 389 -7.85 -4.87 -16.09
CA ASN A 389 -6.75 -3.95 -15.85
C ASN A 389 -5.54 -4.42 -16.65
N LEU A 390 -4.46 -3.66 -16.54
CA LEU A 390 -3.29 -3.95 -17.36
C LEU A 390 -2.58 -5.22 -16.91
N LYS A 391 -2.51 -5.45 -15.60
CA LYS A 391 -1.85 -6.64 -15.11
C LYS A 391 -2.41 -7.89 -15.76
N GLU A 392 -3.72 -7.91 -16.05
CA GLU A 392 -4.31 -9.07 -16.69
C GLU A 392 -3.72 -9.33 -18.06
N ALA A 393 -3.20 -8.28 -18.72
CA ALA A 393 -2.72 -8.43 -20.09
C ALA A 393 -1.27 -8.89 -20.15
N ILE A 394 -0.54 -8.84 -19.03
CA ILE A 394 0.88 -9.12 -19.08
C ILE A 394 1.09 -10.57 -19.47
N GLY A 395 1.75 -10.80 -20.59
CA GLY A 395 2.08 -12.14 -21.01
C GLY A 395 0.96 -12.91 -21.66
N ARG A 396 -0.15 -12.24 -22.00
CA ARG A 396 -1.32 -13.00 -22.46
C ARG A 396 -1.13 -13.61 -23.84
N LYS A 397 -0.17 -13.13 -24.63
CA LYS A 397 0.11 -13.80 -25.89
C LYS A 397 0.44 -15.27 -25.66
N HIS A 398 1.06 -15.58 -24.53
CA HIS A 398 1.63 -16.90 -24.27
C HIS A 398 0.70 -17.78 -23.45
N SER A 399 -0.57 -17.43 -23.36
CA SER A 399 -1.53 -18.20 -22.58
C SER A 399 -2.55 -18.83 -23.52
N LEU B 29 9.40 36.56 -11.93
CA LEU B 29 9.47 37.64 -12.90
C LEU B 29 8.12 38.31 -13.08
N TYR B 30 7.03 37.56 -12.87
CA TYR B 30 5.69 38.11 -13.04
C TYR B 30 5.54 39.44 -12.29
N ASP B 31 6.26 39.62 -11.18
CA ASP B 31 6.20 40.87 -10.43
C ASP B 31 6.54 42.05 -11.34
N ILE B 32 7.61 41.93 -12.13
CA ILE B 32 8.09 43.07 -12.89
C ILE B 32 6.99 43.62 -13.79
N PHE B 33 6.15 42.74 -14.34
CA PHE B 33 5.02 43.23 -15.11
C PHE B 33 3.97 43.85 -14.22
N LEU B 34 3.78 43.28 -13.03
CA LEU B 34 2.83 43.83 -12.06
C LEU B 34 3.23 45.23 -11.62
N LYS B 35 4.52 45.41 -11.28
CA LYS B 35 5.01 46.74 -10.92
C LYS B 35 4.70 47.75 -12.01
N PHE B 36 4.82 47.32 -13.27
CA PHE B 36 4.52 48.18 -14.40
C PHE B 36 3.01 48.39 -14.56
N CYS B 37 2.23 47.32 -14.42
CA CYS B 37 0.78 47.43 -14.52
C CYS B 37 0.23 48.38 -13.48
N LEU B 38 0.62 48.21 -12.22
CA LEU B 38 0.11 49.06 -11.15
C LEU B 38 0.46 50.54 -11.36
N LYS B 39 1.50 50.83 -12.13
CA LYS B 39 1.88 52.22 -12.32
C LYS B 39 1.21 52.85 -13.54
N TYR B 40 0.95 52.08 -14.58
CA TYR B 40 0.65 52.63 -15.89
C TYR B 40 -0.64 52.17 -16.53
N ILE B 41 -1.22 51.04 -16.10
CA ILE B 41 -2.27 50.38 -16.87
C ILE B 41 -3.56 50.37 -16.07
N ASP B 42 -4.66 50.64 -16.78
CA ASP B 42 -5.99 50.72 -16.16
C ASP B 42 -6.33 49.44 -15.40
N GLY B 43 -6.98 49.60 -14.26
CA GLY B 43 -7.15 48.47 -13.36
C GLY B 43 -7.86 47.29 -14.00
N GLU B 44 -8.93 47.56 -14.77
CA GLU B 44 -9.74 46.45 -15.25
C GLU B 44 -9.06 45.73 -16.40
N ILE B 45 -8.27 46.45 -17.19
CA ILE B 45 -7.43 45.79 -18.19
C ILE B 45 -6.45 44.85 -17.52
N CYS B 46 -5.83 45.28 -16.43
CA CYS B 46 -4.92 44.39 -15.71
C CYS B 46 -5.64 43.12 -15.27
N HIS B 47 -6.89 43.25 -14.85
CA HIS B 47 -7.63 42.10 -14.32
C HIS B 47 -7.99 41.13 -15.45
N ASP B 48 -8.44 41.66 -16.58
CA ASP B 48 -8.80 40.78 -17.69
C ASP B 48 -7.56 40.12 -18.29
N LEU B 49 -6.41 40.79 -18.24
CA LEU B 49 -5.15 40.12 -18.59
C LEU B 49 -4.90 38.96 -17.64
N PHE B 50 -5.00 39.21 -16.34
CA PHE B 50 -4.77 38.14 -15.37
C PHE B 50 -5.68 36.96 -15.66
N LEU B 51 -6.97 37.23 -15.93
CA LEU B 51 -7.92 36.17 -16.24
C LEU B 51 -7.55 35.44 -17.54
N LEU B 52 -7.06 36.20 -18.51
CA LEU B 52 -6.62 35.59 -19.76
C LEU B 52 -5.49 34.60 -19.53
N LEU B 53 -4.44 35.04 -18.82
CA LEU B 53 -3.37 34.12 -18.48
C LEU B 53 -3.90 32.91 -17.72
N GLY B 54 -4.88 33.16 -16.84
CA GLY B 54 -5.48 32.04 -16.11
C GLY B 54 -6.22 31.08 -17.02
N LYS B 55 -6.99 31.62 -17.97
CA LYS B 55 -7.72 30.77 -18.89
C LYS B 55 -6.75 29.95 -19.74
N TYR B 56 -5.61 30.53 -20.10
CA TYR B 56 -4.59 29.85 -20.87
C TYR B 56 -3.71 28.94 -20.02
N ASN B 57 -3.94 28.91 -18.70
CA ASN B 57 -3.22 28.04 -17.79
C ASN B 57 -1.72 28.26 -17.84
N ILE B 58 -1.29 29.52 -17.86
CA ILE B 58 0.13 29.82 -17.80
C ILE B 58 0.49 30.61 -16.54
N LEU B 59 -0.37 30.57 -15.52
CA LEU B 59 0.04 31.12 -14.24
C LEU B 59 0.91 30.10 -13.51
N PRO B 60 1.63 30.54 -12.50
CA PRO B 60 2.45 29.59 -11.72
C PRO B 60 1.57 28.71 -10.84
N TYR B 61 2.20 27.63 -10.37
CA TYR B 61 1.57 26.54 -9.66
C TYR B 61 2.24 26.38 -8.30
N ASP B 62 1.46 26.24 -7.24
CA ASP B 62 1.98 25.79 -5.94
C ASP B 62 1.68 24.30 -5.78
N THR B 63 2.71 23.47 -5.91
CA THR B 63 2.59 22.02 -5.76
C THR B 63 3.07 21.53 -4.40
N SER B 64 3.40 22.43 -3.49
CA SER B 64 3.87 21.99 -2.18
C SER B 64 2.69 21.47 -1.37
N ASN B 65 3.01 20.63 -0.39
CA ASN B 65 1.98 20.16 0.53
C ASN B 65 1.75 21.19 1.61
N ASP B 66 0.51 21.61 1.77
CA ASP B 66 0.16 22.54 2.81
C ASP B 66 0.31 21.88 4.18
N SER B 67 0.61 22.69 5.17
CA SER B 67 0.79 22.18 6.51
C SER B 67 -0.53 21.63 7.05
N ILE B 68 -0.49 20.42 7.61
CA ILE B 68 -1.70 19.83 8.14
C ILE B 68 -2.15 20.57 9.40
N TYR B 69 -1.29 21.38 10.00
CA TYR B 69 -1.65 22.13 11.19
C TYR B 69 -2.30 23.48 10.87
N ALA B 70 -2.52 23.79 9.60
CA ALA B 70 -3.21 25.01 9.22
C ALA B 70 -4.47 24.72 8.41
N CYS B 71 -4.93 23.48 8.42
CA CYS B 71 -6.24 23.23 7.85
CA CYS B 71 -6.25 23.13 7.92
C CYS B 71 -7.31 23.74 8.82
N THR B 72 -8.52 23.87 8.28
CA THR B 72 -9.63 24.44 9.02
C THR B 72 -10.90 23.88 8.40
N ASN B 73 -12.02 24.13 9.06
CA ASN B 73 -13.28 23.57 8.58
C ASN B 73 -14.44 24.47 8.97
N ILE B 74 -15.48 24.45 8.16
CA ILE B 74 -16.78 25.03 8.51
C ILE B 74 -17.80 23.92 8.36
N LYS B 75 -18.30 23.42 9.49
CA LYS B 75 -19.16 22.23 9.48
C LYS B 75 -18.39 21.16 8.72
N HIS B 76 -18.97 20.50 7.74
CA HIS B 76 -18.30 19.40 7.06
C HIS B 76 -17.38 19.85 5.95
N LEU B 77 -17.27 21.17 5.70
CA LEU B 77 -16.36 21.68 4.70
C LEU B 77 -14.95 21.68 5.26
N ASP B 78 -14.08 20.90 4.67
CA ASP B 78 -12.70 20.81 5.11
C ASP B 78 -11.81 21.58 4.14
N PHE B 79 -11.19 22.65 4.62
CA PHE B 79 -10.28 23.45 3.81
C PHE B 79 -8.84 22.97 4.02
N ILE B 80 -8.12 22.68 2.93
CA ILE B 80 -6.76 22.16 3.07
C ILE B 80 -5.83 23.23 3.58
N ASN B 81 -6.20 24.48 3.42
CA ASN B 81 -5.51 25.60 4.04
C ASN B 81 -6.54 26.72 4.18
N PRO B 82 -6.21 27.75 4.94
CA PRO B 82 -7.25 28.71 5.34
C PRO B 82 -7.46 29.90 4.39
N PHE B 83 -6.94 29.86 3.18
CA PHE B 83 -6.98 31.02 2.30
C PHE B 83 -7.72 30.71 1.00
N GLY B 84 -8.72 31.55 0.71
CA GLY B 84 -9.45 31.45 -0.53
C GLY B 84 -9.48 32.80 -1.23
N VAL B 85 -10.03 32.80 -2.44
CA VAL B 85 -10.23 34.01 -3.23
C VAL B 85 -11.68 34.42 -3.10
N ALA B 86 -11.88 35.69 -2.74
CA ALA B 86 -13.20 36.23 -2.50
C ALA B 86 -13.97 36.39 -3.80
N ALA B 87 -15.26 36.59 -3.65
CA ALA B 87 -16.15 36.80 -4.77
C ALA B 87 -15.77 38.08 -5.53
N GLY B 88 -16.19 38.13 -6.79
CA GLY B 88 -15.91 39.27 -7.65
C GLY B 88 -14.57 39.24 -8.35
N PHE B 89 -13.74 38.22 -8.10
CA PHE B 89 -12.45 38.10 -8.74
C PHE B 89 -12.57 37.31 -10.04
N ASP B 90 -13.09 36.08 -9.95
CA ASP B 90 -13.55 35.30 -11.09
C ASP B 90 -15.08 35.26 -11.11
N LYS B 91 -15.68 36.34 -11.59
CA LYS B 91 -17.13 36.45 -11.57
C LYS B 91 -17.78 35.32 -12.36
N ASN B 92 -17.23 34.98 -13.52
CA ASN B 92 -17.87 34.05 -14.43
C ASN B 92 -17.31 32.65 -14.35
N GLY B 93 -16.40 32.39 -13.43
CA GLY B 93 -15.82 31.06 -13.31
C GLY B 93 -15.06 30.60 -14.54
N VAL B 94 -14.22 31.47 -15.11
CA VAL B 94 -13.52 31.14 -16.36
C VAL B 94 -12.10 30.62 -16.13
N CYS B 95 -11.55 30.75 -14.93
CA CYS B 95 -10.24 30.14 -14.67
C CYS B 95 -10.12 29.75 -13.21
N ILE B 96 -11.10 28.98 -12.73
CA ILE B 96 -11.10 28.47 -11.36
C ILE B 96 -9.83 27.66 -11.08
N ASP B 97 -9.52 26.73 -11.97
CA ASP B 97 -8.35 25.86 -11.82
C ASP B 97 -7.08 26.66 -11.58
N SER B 98 -6.80 27.58 -12.49
CA SER B 98 -5.54 28.31 -12.44
C SER B 98 -5.41 29.13 -11.17
N ILE B 99 -6.50 29.78 -10.75
CA ILE B 99 -6.46 30.57 -9.52
C ILE B 99 -6.25 29.66 -8.32
N LEU B 100 -6.99 28.55 -8.24
CA LEU B 100 -6.78 27.66 -7.10
C LEU B 100 -5.34 27.15 -7.05
N LYS B 101 -4.78 26.78 -8.20
CA LYS B 101 -3.43 26.25 -8.23
C LYS B 101 -2.37 27.26 -7.80
N LEU B 102 -2.72 28.54 -7.67
CA LEU B 102 -1.77 29.47 -7.08
C LEU B 102 -1.48 29.17 -5.61
N GLY B 103 -2.30 28.33 -4.96
CA GLY B 103 -2.09 27.96 -3.57
C GLY B 103 -3.29 28.15 -2.67
N PHE B 104 -4.43 28.55 -3.21
CA PHE B 104 -5.61 28.78 -2.39
C PHE B 104 -6.34 27.45 -2.18
N SER B 105 -7.14 27.38 -1.11
CA SER B 105 -7.91 26.19 -0.85
C SER B 105 -9.32 26.28 -1.40
N PHE B 106 -9.79 27.49 -1.67
CA PHE B 106 -11.15 27.64 -2.18
C PHE B 106 -11.27 28.95 -2.93
N ILE B 107 -12.37 29.05 -3.66
CA ILE B 107 -12.74 30.27 -4.38
C ILE B 107 -14.26 30.38 -4.40
N GLU B 108 -14.73 31.63 -4.36
CA GLU B 108 -16.14 31.97 -4.44
C GLU B 108 -16.33 32.64 -5.79
N ILE B 109 -17.05 31.97 -6.69
CA ILE B 109 -17.29 32.59 -7.99
C ILE B 109 -18.55 33.46 -7.89
N GLY B 110 -18.80 34.27 -8.91
CA GLY B 110 -19.83 35.26 -8.83
C GLY B 110 -19.28 36.58 -8.30
N THR B 111 -20.19 37.47 -7.92
CA THR B 111 -21.61 37.20 -7.80
C THR B 111 -22.29 37.08 -9.15
N ILE B 112 -23.14 36.08 -9.29
CA ILE B 112 -23.89 35.86 -10.51
C ILE B 112 -25.33 36.31 -10.30
N THR B 113 -26.00 36.61 -11.41
CA THR B 113 -27.41 36.95 -11.46
C THR B 113 -28.06 36.09 -12.53
N PRO B 114 -29.39 35.96 -12.50
CA PRO B 114 -30.03 35.04 -13.48
C PRO B 114 -29.72 35.40 -14.92
N ARG B 115 -29.96 36.65 -15.31
CA ARG B 115 -29.61 37.16 -16.62
C ARG B 115 -28.23 37.80 -16.60
N GLY B 116 -27.46 37.58 -17.65
CA GLY B 116 -26.23 38.30 -17.83
C GLY B 116 -26.45 39.80 -17.78
N GLN B 117 -25.42 40.55 -17.37
CA GLN B 117 -25.49 41.99 -17.20
C GLN B 117 -24.12 42.58 -17.50
N THR B 118 -24.13 43.78 -18.08
CA THR B 118 -22.89 44.48 -18.43
C THR B 118 -22.28 45.23 -17.26
N GLY B 119 -23.07 45.56 -16.24
CA GLY B 119 -22.57 46.36 -15.14
C GLY B 119 -22.67 47.83 -15.47
N ASN B 120 -22.16 48.66 -14.56
CA ASN B 120 -22.18 50.10 -14.77
C ASN B 120 -21.06 50.52 -15.73
N ALA B 121 -21.09 51.80 -16.11
CA ALA B 121 -20.21 52.29 -17.15
C ALA B 121 -18.75 52.27 -16.69
N LYS B 122 -17.86 51.86 -17.59
CA LYS B 122 -16.45 51.96 -17.32
C LYS B 122 -15.99 53.41 -17.49
N PRO B 123 -14.86 53.79 -16.88
CA PRO B 123 -14.12 53.01 -15.88
C PRO B 123 -14.89 52.94 -14.56
N ARG B 124 -14.72 51.83 -13.86
CA ARG B 124 -15.47 51.56 -12.64
C ARG B 124 -14.61 50.93 -11.56
N ILE B 125 -13.31 50.79 -11.77
CA ILE B 125 -12.39 50.26 -10.78
C ILE B 125 -11.21 51.22 -10.72
N PHE B 126 -10.78 51.58 -9.52
CA PHE B 126 -9.63 52.46 -9.38
C PHE B 126 -8.80 51.99 -8.21
N ARG B 127 -7.47 51.97 -8.39
CA ARG B 127 -6.57 51.51 -7.36
C ARG B 127 -5.80 52.68 -6.79
N ASP B 128 -5.47 52.59 -5.49
CA ASP B 128 -4.57 53.54 -4.85
C ASP B 128 -3.42 52.75 -4.25
N VAL B 129 -2.28 52.75 -4.94
CA VAL B 129 -1.19 51.85 -4.57
C VAL B 129 -0.62 52.24 -3.21
N GLU B 130 -0.46 53.55 -2.98
CA GLU B 130 0.05 54.07 -1.71
C GLU B 130 -0.66 53.47 -0.50
N SER B 131 -1.99 53.50 -0.50
CA SER B 131 -2.75 53.02 0.63
C SER B 131 -3.20 51.57 0.47
N ARG B 132 -2.82 50.92 -0.63
CA ARG B 132 -3.21 49.54 -0.94
C ARG B 132 -4.72 49.38 -0.85
N SER B 133 -5.43 50.29 -1.51
CA SER B 133 -6.88 50.35 -1.48
C SER B 133 -7.44 50.37 -2.90
N ILE B 134 -8.69 49.92 -3.01
CA ILE B 134 -9.42 49.85 -4.26
C ILE B 134 -10.82 50.41 -4.04
N ILE B 135 -11.35 51.10 -5.04
CA ILE B 135 -12.75 51.49 -5.08
C ILE B 135 -13.35 50.94 -6.36
N ASN B 136 -14.56 50.39 -6.27
CA ASN B 136 -15.21 49.84 -7.45
C ASN B 136 -16.71 50.13 -7.45
N SER B 137 -17.24 50.31 -8.66
CA SER B 137 -18.68 50.39 -8.92
C SER B 137 -19.09 49.45 -10.07
N CYS B 138 -18.69 48.17 -10.00
CA CYS B 138 -18.94 47.27 -11.13
C CYS B 138 -20.44 47.11 -11.41
N GLY B 139 -21.24 46.80 -10.39
CA GLY B 139 -22.66 46.58 -10.61
C GLY B 139 -23.06 45.20 -11.09
N PHE B 140 -22.36 44.16 -10.66
CA PHE B 140 -22.70 42.76 -10.98
C PHE B 140 -22.62 42.52 -12.50
N ASN B 141 -21.55 42.97 -13.13
CA ASN B 141 -21.25 42.51 -14.49
C ASN B 141 -20.96 41.01 -14.45
N ASN B 142 -21.74 40.22 -15.19
CA ASN B 142 -21.48 38.80 -15.25
C ASN B 142 -22.27 38.23 -16.42
N MET B 143 -21.85 37.04 -16.87
CA MET B 143 -22.45 36.40 -18.03
C MET B 143 -23.79 35.76 -17.73
N GLY B 144 -24.20 35.71 -16.48
CA GLY B 144 -25.49 35.13 -16.19
C GLY B 144 -25.41 33.69 -15.76
N CYS B 145 -26.44 33.27 -15.03
CA CYS B 145 -26.41 32.00 -14.31
C CYS B 145 -26.20 30.82 -15.25
N ASP B 146 -26.91 30.80 -16.38
CA ASP B 146 -26.86 29.65 -17.29
C ASP B 146 -25.44 29.43 -17.80
N LYS B 147 -24.79 30.52 -18.22
CA LYS B 147 -23.44 30.38 -18.75
C LYS B 147 -22.44 30.07 -17.65
N VAL B 148 -22.55 30.72 -16.49
CA VAL B 148 -21.60 30.44 -15.42
C VAL B 148 -21.78 29.02 -14.89
N THR B 149 -23.02 28.52 -14.86
CA THR B 149 -23.25 27.13 -14.51
C THR B 149 -22.46 26.21 -15.42
N GLU B 150 -22.53 26.46 -16.73
CA GLU B 150 -21.76 25.67 -17.70
C GLU B 150 -20.26 25.70 -17.39
N ASN B 151 -19.73 26.87 -17.02
CA ASN B 151 -18.32 26.97 -16.70
C ASN B 151 -17.98 26.14 -15.47
N LEU B 152 -18.86 26.15 -14.48
CA LEU B 152 -18.61 25.40 -13.26
C LEU B 152 -18.73 23.91 -13.48
N ILE B 153 -19.73 23.48 -14.27
CA ILE B 153 -19.84 22.06 -14.61
C ILE B 153 -18.55 21.57 -15.26
N LEU B 154 -18.03 22.34 -16.21
CA LEU B 154 -16.78 21.97 -16.85
C LEU B 154 -15.65 21.87 -15.85
N PHE B 155 -15.62 22.79 -14.87
CA PHE B 155 -14.58 22.69 -13.84
C PHE B 155 -14.74 21.40 -13.04
N ARG B 156 -15.97 21.06 -12.65
CA ARG B 156 -16.19 19.87 -11.86
C ARG B 156 -15.81 18.60 -12.60
N LYS B 157 -16.01 18.58 -13.91
CA LYS B 157 -15.57 17.44 -14.71
C LYS B 157 -14.05 17.36 -14.74
N ARG B 158 -13.37 18.48 -14.90
CA ARG B 158 -11.91 18.47 -14.83
C ARG B 158 -11.45 18.10 -13.43
N GLN B 159 -12.13 18.60 -12.41
CA GLN B 159 -11.68 18.38 -11.05
C GLN B 159 -11.69 16.90 -10.69
N GLU B 160 -12.67 16.16 -11.17
CA GLU B 160 -12.70 14.77 -10.77
C GLU B 160 -11.58 13.97 -11.43
N GLU B 161 -10.90 14.54 -12.43
CA GLU B 161 -9.77 13.89 -13.06
C GLU B 161 -8.44 14.54 -12.70
N ASP B 162 -8.41 15.52 -11.79
CA ASP B 162 -7.20 16.31 -11.52
C ASP B 162 -6.59 15.95 -10.17
N LYS B 163 -5.29 15.65 -10.15
CA LYS B 163 -4.70 15.24 -8.88
C LYS B 163 -4.40 16.41 -7.95
N LEU B 164 -4.37 17.64 -8.45
CA LEU B 164 -4.08 18.78 -7.59
C LEU B 164 -5.34 19.35 -6.91
N LEU B 165 -6.52 19.12 -7.47
CA LEU B 165 -7.70 19.89 -7.09
C LEU B 165 -8.82 19.09 -6.43
N SER B 166 -8.58 17.83 -6.06
CA SER B 166 -9.71 16.99 -5.67
C SER B 166 -10.36 17.45 -4.36
N LYS B 167 -9.62 18.14 -3.47
CA LYS B 167 -10.17 18.60 -2.19
C LYS B 167 -10.46 20.09 -2.15
N HIS B 168 -10.26 20.79 -3.26
CA HIS B 168 -10.50 22.22 -3.28
C HIS B 168 -11.99 22.50 -3.31
N ILE B 169 -12.37 23.61 -2.68
CA ILE B 169 -13.76 24.02 -2.46
C ILE B 169 -14.11 25.16 -3.42
N VAL B 170 -15.30 25.08 -4.04
CA VAL B 170 -15.83 26.16 -4.86
C VAL B 170 -17.22 26.53 -4.34
N GLY B 171 -17.39 27.78 -3.96
CA GLY B 171 -18.67 28.35 -3.59
C GLY B 171 -19.15 29.29 -4.66
N VAL B 172 -20.43 29.63 -4.61
CA VAL B 172 -21.07 30.48 -5.60
C VAL B 172 -21.83 31.58 -4.88
N SER B 173 -21.50 32.82 -5.19
CA SER B 173 -22.22 33.98 -4.70
C SER B 173 -23.35 34.32 -5.67
N ILE B 174 -24.55 34.52 -5.12
CA ILE B 174 -25.72 34.85 -5.94
C ILE B 174 -26.34 36.16 -5.48
N GLY B 175 -26.86 36.90 -6.45
CA GLY B 175 -27.47 38.20 -6.19
C GLY B 175 -28.63 38.39 -7.13
N LYS B 176 -29.02 39.63 -7.38
CA LYS B 176 -30.19 39.90 -8.20
C LYS B 176 -29.84 40.82 -9.36
N ASN B 177 -30.62 40.68 -10.44
CA ASN B 177 -30.54 41.61 -11.55
C ASN B 177 -31.02 42.98 -11.10
N LYS B 178 -30.57 44.00 -11.80
CA LYS B 178 -30.79 45.37 -11.37
C LYS B 178 -32.26 45.65 -11.14
N ASP B 179 -33.11 45.27 -12.09
CA ASP B 179 -34.51 45.67 -12.10
C ASP B 179 -35.44 44.62 -11.50
N THR B 180 -34.91 43.55 -10.91
CA THR B 180 -35.79 42.57 -10.30
C THR B 180 -36.47 43.18 -9.09
N VAL B 181 -37.78 42.97 -8.98
CA VAL B 181 -38.53 43.55 -7.88
C VAL B 181 -38.32 42.75 -6.60
N ASN B 182 -38.47 41.42 -6.68
CA ASN B 182 -38.31 40.55 -5.52
C ASN B 182 -37.03 39.74 -5.66
N ILE B 183 -36.04 40.06 -4.82
CA ILE B 183 -34.75 39.40 -4.86
C ILE B 183 -34.90 37.88 -4.78
N VAL B 184 -35.92 37.40 -4.09
CA VAL B 184 -36.04 35.95 -3.85
C VAL B 184 -36.23 35.20 -5.15
N ASP B 185 -37.00 35.78 -6.08
CA ASP B 185 -37.24 35.11 -7.36
C ASP B 185 -35.94 34.83 -8.10
N ASP B 186 -34.98 35.77 -8.02
CA ASP B 186 -33.69 35.57 -8.66
C ASP B 186 -32.85 34.55 -7.91
N LEU B 187 -32.82 34.62 -6.58
CA LEU B 187 -32.05 33.63 -5.84
C LEU B 187 -32.56 32.22 -6.12
N LYS B 188 -33.89 32.04 -6.14
CA LYS B 188 -34.44 30.72 -6.43
C LYS B 188 -34.01 30.22 -7.81
N TYR B 189 -34.01 31.10 -8.81
CA TYR B 189 -33.55 30.69 -10.14
C TYR B 189 -32.11 30.19 -10.10
N CYS B 190 -31.22 30.94 -9.46
CA CYS B 190 -29.82 30.55 -9.44
C CYS B 190 -29.63 29.24 -8.71
N ILE B 191 -30.25 29.10 -7.54
CA ILE B 191 -30.13 27.84 -6.80
C ILE B 191 -30.54 26.66 -7.66
N ASN B 192 -31.67 26.77 -8.37
CA ASN B 192 -32.15 25.61 -9.12
C ASN B 192 -31.29 25.31 -10.32
N LYS B 193 -30.49 26.27 -10.76
CA LYS B 193 -29.64 26.08 -11.92
C LYS B 193 -28.25 25.62 -11.50
N ILE B 194 -27.66 26.24 -10.48
CA ILE B 194 -26.25 26.01 -10.17
C ILE B 194 -26.03 25.38 -8.80
N GLY B 195 -27.08 25.22 -7.98
CA GLY B 195 -26.88 24.79 -6.60
C GLY B 195 -26.25 23.40 -6.46
N ARG B 196 -26.55 22.49 -7.38
CA ARG B 196 -26.03 21.13 -7.34
C ARG B 196 -24.52 21.08 -7.45
N TYR B 197 -23.91 22.11 -8.01
CA TYR B 197 -22.50 22.11 -8.34
C TYR B 197 -21.69 22.94 -7.36
N ALA B 198 -22.32 23.50 -6.33
CA ALA B 198 -21.69 24.37 -5.36
C ALA B 198 -21.43 23.65 -4.05
N ASP B 199 -20.24 23.89 -3.46
CA ASP B 199 -19.98 23.41 -2.13
C ASP B 199 -20.65 24.29 -1.09
N TYR B 200 -20.81 25.57 -1.40
CA TYR B 200 -21.63 26.47 -0.62
C TYR B 200 -22.16 27.59 -1.50
N ILE B 201 -23.21 28.23 -1.00
CA ILE B 201 -23.92 29.32 -1.64
C ILE B 201 -23.79 30.53 -0.73
N ALA B 202 -23.28 31.63 -1.28
CA ALA B 202 -23.20 32.88 -0.52
C ALA B 202 -24.29 33.81 -1.02
N ILE B 203 -25.13 34.28 -0.11
CA ILE B 203 -26.20 35.20 -0.44
C ILE B 203 -25.61 36.60 -0.36
N ASN B 204 -25.52 37.27 -1.48
CA ASN B 204 -24.96 38.62 -1.52
C ASN B 204 -26.08 39.65 -1.37
N VAL B 205 -26.27 40.15 -0.16
CA VAL B 205 -27.15 41.29 0.11
C VAL B 205 -26.32 42.51 0.52
N SER B 206 -25.08 42.59 0.09
CA SER B 206 -24.23 43.65 0.61
C SER B 206 -23.45 44.44 -0.43
N SER B 207 -23.63 44.18 -1.71
CA SER B 207 -23.04 45.05 -2.72
C SER B 207 -23.53 46.48 -2.51
N PRO B 208 -22.63 47.46 -2.51
CA PRO B 208 -23.07 48.87 -2.51
C PRO B 208 -23.45 49.39 -3.87
N ASN B 209 -23.28 48.59 -4.93
CA ASN B 209 -23.35 49.11 -6.29
C ASN B 209 -24.60 48.68 -7.04
N THR B 210 -25.56 48.07 -6.38
CA THR B 210 -26.87 47.79 -6.96
C THR B 210 -27.92 48.50 -6.11
N PRO B 211 -28.61 49.52 -6.63
CA PRO B 211 -29.55 50.27 -5.79
C PRO B 211 -30.56 49.35 -5.12
N GLY B 212 -30.80 49.62 -3.84
CA GLY B 212 -31.73 48.87 -3.04
C GLY B 212 -31.22 47.57 -2.46
N LEU B 213 -30.09 47.05 -2.92
CA LEU B 213 -29.74 45.69 -2.53
C LEU B 213 -29.44 45.60 -1.04
N ARG B 214 -28.73 46.59 -0.50
CA ARG B 214 -28.36 46.55 0.91
C ARG B 214 -29.57 46.67 1.83
N ASP B 215 -30.71 47.14 1.32
CA ASP B 215 -31.93 47.17 2.13
C ASP B 215 -32.38 45.77 2.54
N ASN B 216 -31.91 44.75 1.83
CA ASN B 216 -32.29 43.37 2.15
C ASN B 216 -31.55 42.82 3.35
N GLN B 217 -30.63 43.60 3.94
CA GLN B 217 -30.04 43.24 5.22
C GLN B 217 -30.97 43.57 6.38
N GLU B 218 -32.01 44.35 6.15
CA GLU B 218 -33.05 44.55 7.15
C GLU B 218 -33.51 43.19 7.65
N ALA B 219 -33.71 43.08 8.97
CA ALA B 219 -33.80 41.75 9.60
C ALA B 219 -35.00 40.96 9.09
N GLY B 220 -36.14 41.61 8.89
CA GLY B 220 -37.32 40.90 8.40
C GLY B 220 -37.14 40.39 6.98
N LYS B 221 -36.63 41.26 6.10
CA LYS B 221 -36.31 40.85 4.74
C LYS B 221 -35.26 39.76 4.72
N LEU B 222 -34.22 39.89 5.56
CA LEU B 222 -33.14 38.92 5.52
C LEU B 222 -33.60 37.54 5.98
N LYS B 223 -34.44 37.48 7.01
CA LYS B 223 -34.91 36.19 7.49
C LYS B 223 -35.66 35.46 6.39
N ASN B 224 -36.55 36.17 5.71
CA ASN B 224 -37.30 35.57 4.60
C ASN B 224 -36.39 35.11 3.48
N ILE B 225 -35.35 35.88 3.15
CA ILE B 225 -34.43 35.47 2.09
C ILE B 225 -33.72 34.18 2.48
N ILE B 226 -33.18 34.13 3.68
CA ILE B 226 -32.44 32.95 4.13
C ILE B 226 -33.32 31.71 4.11
N LEU B 227 -34.53 31.81 4.64
CA LEU B 227 -35.41 30.64 4.67
C LEU B 227 -35.80 30.21 3.27
N SER B 228 -36.04 31.17 2.37
CA SER B 228 -36.39 30.80 1.00
C SER B 228 -35.23 30.11 0.29
N VAL B 229 -34.00 30.55 0.55
CA VAL B 229 -32.84 29.93 -0.08
C VAL B 229 -32.66 28.52 0.46
N LYS B 230 -32.79 28.37 1.78
CA LYS B 230 -32.64 27.05 2.40
C LYS B 230 -33.73 26.09 1.93
N GLU B 231 -34.96 26.58 1.80
CA GLU B 231 -36.02 25.70 1.32
C GLU B 231 -35.78 25.28 -0.13
N GLU B 232 -35.27 26.19 -0.95
CA GLU B 232 -35.05 25.85 -2.35
C GLU B 232 -33.92 24.82 -2.49
N ILE B 233 -32.87 24.93 -1.68
CA ILE B 233 -31.82 23.92 -1.68
C ILE B 233 -32.36 22.60 -1.17
N ASP B 234 -33.19 22.64 -0.13
CA ASP B 234 -33.76 21.41 0.40
C ASP B 234 -34.67 20.74 -0.62
N ASN B 235 -35.30 21.51 -1.49
CA ASN B 235 -36.17 20.91 -2.50
C ASN B 235 -35.40 20.32 -3.67
N LEU B 236 -34.09 20.56 -3.79
CA LEU B 236 -33.35 19.98 -4.91
C LEU B 236 -33.30 18.47 -4.82
N GLU B 237 -33.33 17.92 -3.60
CA GLU B 237 -33.32 16.48 -3.43
C GLU B 237 -34.68 15.90 -3.74
N LYS B 238 -35.73 16.46 -3.13
CA LYS B 238 -37.10 16.03 -3.38
C LYS B 238 -37.35 15.82 -4.87
N ASN B 239 -36.88 16.74 -5.70
CA ASN B 239 -37.20 16.72 -7.12
C ASN B 239 -36.21 15.86 -7.91
N PHE B 246 -25.95 11.14 -9.71
CA PHE B 246 -25.77 11.61 -8.33
C PHE B 246 -26.03 13.12 -8.23
N LEU B 247 -26.84 13.52 -7.24
CA LEU B 247 -27.34 14.89 -7.24
C LEU B 247 -26.22 15.91 -7.05
N TRP B 248 -25.40 15.75 -6.01
CA TRP B 248 -24.43 16.78 -5.63
C TRP B 248 -23.14 16.54 -6.40
N PHE B 249 -22.93 17.32 -7.46
CA PHE B 249 -21.73 17.21 -8.29
C PHE B 249 -20.76 18.30 -7.85
N ASN B 250 -20.23 18.12 -6.65
CA ASN B 250 -19.37 19.12 -6.04
C ASN B 250 -18.27 18.40 -5.28
N THR B 251 -17.59 19.11 -4.40
CA THR B 251 -16.46 18.51 -3.71
C THR B 251 -16.95 17.69 -2.52
N THR B 252 -17.93 18.21 -1.78
CA THR B 252 -18.38 17.54 -0.57
C THR B 252 -19.25 16.32 -0.86
N LYS B 253 -19.88 16.27 -2.04
CA LYS B 253 -20.94 15.31 -2.34
C LYS B 253 -22.11 15.47 -1.37
N LYS B 254 -22.30 16.69 -0.87
CA LYS B 254 -23.39 16.98 0.03
C LYS B 254 -24.00 18.33 -0.33
N LYS B 255 -25.15 18.56 0.28
CA LYS B 255 -25.91 19.78 0.02
C LYS B 255 -25.03 21.00 0.30
N PRO B 256 -25.07 22.02 -0.54
CA PRO B 256 -24.24 23.19 -0.24
C PRO B 256 -24.65 23.84 1.06
N LEU B 257 -23.66 24.30 1.81
CA LEU B 257 -23.91 25.15 2.96
C LEU B 257 -24.38 26.53 2.47
N VAL B 258 -25.05 27.27 3.36
CA VAL B 258 -25.61 28.58 3.03
C VAL B 258 -24.92 29.61 3.89
N PHE B 259 -24.27 30.57 3.26
CA PHE B 259 -23.63 31.71 3.92
C PHE B 259 -24.34 32.99 3.52
N VAL B 260 -24.22 34.04 4.36
CA VAL B 260 -24.69 35.37 4.04
CA VAL B 260 -24.69 35.37 4.04
C VAL B 260 -23.49 36.31 4.07
N LYS B 261 -23.37 37.17 3.06
CA LYS B 261 -22.29 38.14 3.00
C LYS B 261 -22.82 39.50 3.43
N LEU B 262 -22.22 40.05 4.49
CA LEU B 262 -22.71 41.26 5.12
C LEU B 262 -21.86 42.48 4.78
N ALA B 263 -22.51 43.65 4.79
CA ALA B 263 -21.82 44.91 4.61
C ALA B 263 -21.34 45.43 5.96
N PRO B 264 -20.21 46.13 5.99
CA PRO B 264 -19.71 46.67 7.26
C PRO B 264 -20.36 47.98 7.66
N ASP B 265 -21.20 48.55 6.79
CA ASP B 265 -21.85 49.84 7.03
C ASP B 265 -23.24 49.63 7.61
N LEU B 266 -23.26 49.16 8.85
CA LEU B 266 -24.47 48.84 9.58
C LEU B 266 -24.32 49.45 10.97
N ASN B 267 -25.43 49.87 11.57
CA ASN B 267 -25.34 50.33 12.95
C ASN B 267 -25.48 49.14 13.90
N GLN B 268 -25.29 49.40 15.21
CA GLN B 268 -25.24 48.28 16.15
C GLN B 268 -26.61 47.64 16.32
N GLU B 269 -27.70 48.42 16.27
CA GLU B 269 -29.02 47.81 16.37
C GLU B 269 -29.27 46.82 15.25
N GLN B 270 -28.87 47.18 14.02
CA GLN B 270 -29.02 46.26 12.90
C GLN B 270 -28.14 45.01 13.08
N LYS B 271 -26.92 45.18 13.57
CA LYS B 271 -26.06 44.01 13.71
C LYS B 271 -26.67 43.01 14.68
N LYS B 272 -27.28 43.49 15.75
CA LYS B 272 -27.88 42.59 16.71
C LYS B 272 -29.14 41.92 16.17
N GLU B 273 -29.97 42.68 15.45
CA GLU B 273 -31.14 42.04 14.83
C GLU B 273 -30.70 40.98 13.84
N ILE B 274 -29.66 41.29 13.04
CA ILE B 274 -29.15 40.31 12.08
C ILE B 274 -28.60 39.09 12.79
N ALA B 275 -27.84 39.29 13.87
CA ALA B 275 -27.31 38.16 14.63
C ALA B 275 -28.43 37.21 15.05
N ASP B 276 -29.51 37.76 15.60
CA ASP B 276 -30.66 36.93 16.00
C ASP B 276 -31.24 36.16 14.81
N VAL B 277 -31.37 36.81 13.66
CA VAL B 277 -31.86 36.14 12.45
C VAL B 277 -30.94 34.98 12.07
N LEU B 278 -29.63 35.21 12.09
CA LEU B 278 -28.71 34.16 11.69
C LEU B 278 -28.82 32.95 12.62
N LEU B 279 -29.00 33.20 13.91
CA LEU B 279 -29.19 32.10 14.85
C LEU B 279 -30.50 31.37 14.60
N GLU B 280 -31.59 32.13 14.42
CA GLU B 280 -32.92 31.53 14.27
C GLU B 280 -33.00 30.67 13.02
N THR B 281 -32.36 31.08 11.94
CA THR B 281 -32.45 30.34 10.68
C THR B 281 -31.36 29.29 10.55
N ASN B 282 -30.46 29.18 11.53
CA ASN B 282 -29.39 28.17 11.53
C ASN B 282 -28.54 28.30 10.28
N ILE B 283 -28.14 29.52 9.96
CA ILE B 283 -27.26 29.71 8.83
C ILE B 283 -25.90 29.08 9.15
N ASP B 284 -25.24 28.56 8.11
CA ASP B 284 -23.98 27.83 8.28
C ASP B 284 -22.77 28.73 8.45
N GLY B 285 -22.84 29.99 8.03
CA GLY B 285 -21.71 30.85 8.15
C GLY B 285 -22.06 32.24 7.67
N MET B 286 -21.21 33.18 8.04
CA MET B 286 -21.35 34.57 7.60
C MET B 286 -20.01 35.07 7.09
N ILE B 287 -20.06 35.78 5.97
CA ILE B 287 -18.87 36.34 5.34
C ILE B 287 -18.81 37.80 5.75
N ILE B 288 -17.78 38.13 6.51
CA ILE B 288 -17.61 39.46 7.10
C ILE B 288 -16.26 39.98 6.61
N SER B 289 -16.25 40.94 5.66
CA SER B 289 -17.42 41.61 5.12
C SER B 289 -17.22 42.05 3.68
N ASN B 290 -18.21 42.74 3.14
CA ASN B 290 -18.12 43.33 1.80
C ASN B 290 -17.40 44.67 1.90
N THR B 291 -17.38 45.41 0.80
CA THR B 291 -16.72 46.71 0.77
C THR B 291 -17.53 47.75 1.55
N THR B 292 -16.87 48.86 1.86
CA THR B 292 -17.42 49.94 2.66
C THR B 292 -17.58 51.21 1.84
N THR B 293 -18.61 51.98 2.19
CA THR B 293 -18.82 53.30 1.64
C THR B 293 -18.46 54.41 2.62
N GLN B 294 -17.84 54.06 3.76
CA GLN B 294 -17.57 55.00 4.85
C GLN B 294 -16.23 55.70 4.73
N ILE B 295 -15.40 55.34 3.76
CA ILE B 295 -14.01 55.77 3.75
C ILE B 295 -13.87 56.93 2.78
N ASN B 296 -13.60 58.11 3.33
CA ASN B 296 -13.41 59.33 2.57
C ASN B 296 -11.99 59.89 2.70
N ASP B 297 -11.05 59.06 3.16
CA ASP B 297 -9.68 59.45 3.49
C ASP B 297 -8.75 59.50 2.28
N ILE B 298 -9.15 58.97 1.14
CA ILE B 298 -8.24 58.65 0.05
C ILE B 298 -8.40 59.70 -1.03
N LYS B 299 -7.41 60.60 -1.11
CA LYS B 299 -7.50 61.74 -2.02
C LYS B 299 -7.79 61.31 -3.45
N SER B 300 -7.07 60.31 -3.95
CA SER B 300 -7.29 59.95 -5.35
C SER B 300 -8.66 59.32 -5.59
N PHE B 301 -9.42 59.04 -4.53
CA PHE B 301 -10.77 58.50 -4.67
C PHE B 301 -11.86 59.56 -4.51
N GLU B 302 -11.50 60.79 -4.20
CA GLU B 302 -12.52 61.83 -4.11
C GLU B 302 -13.25 61.94 -5.45
N ASN B 303 -14.57 62.05 -5.38
CA ASN B 303 -15.42 62.15 -6.56
C ASN B 303 -15.47 60.84 -7.34
N LYS B 304 -15.21 59.72 -6.67
CA LYS B 304 -15.39 58.40 -7.26
C LYS B 304 -16.47 57.67 -6.47
N LYS B 305 -17.22 56.84 -7.18
CA LYS B 305 -18.37 56.13 -6.62
C LYS B 305 -18.00 54.69 -6.32
N GLY B 306 -18.65 54.12 -5.32
CA GLY B 306 -18.53 52.68 -5.09
C GLY B 306 -18.02 52.34 -3.70
N GLY B 307 -17.63 51.08 -3.54
CA GLY B 307 -17.17 50.56 -2.26
C GLY B 307 -15.67 50.40 -2.27
N VAL B 308 -15.08 50.57 -1.09
CA VAL B 308 -13.64 50.57 -0.91
C VAL B 308 -13.22 49.22 -0.34
N SER B 309 -12.18 48.64 -0.93
CA SER B 309 -11.53 47.40 -0.51
C SER B 309 -10.12 47.71 -0.04
N GLY B 310 -9.51 46.76 0.65
CA GLY B 310 -8.07 46.83 0.90
C GLY B 310 -7.67 47.27 2.31
N ALA B 311 -6.45 47.83 2.38
CA ALA B 311 -5.83 48.08 3.68
C ALA B 311 -6.72 48.96 4.56
N LYS B 312 -7.36 49.97 3.98
CA LYS B 312 -8.17 50.88 4.77
C LYS B 312 -9.47 50.23 5.27
N LEU B 313 -9.84 49.06 4.75
CA LEU B 313 -11.00 48.33 5.25
C LEU B 313 -10.68 47.37 6.38
N LYS B 314 -9.40 47.12 6.68
CA LYS B 314 -9.05 46.02 7.56
C LYS B 314 -9.63 46.21 8.96
N ASP B 315 -9.38 47.37 9.57
CA ASP B 315 -9.76 47.52 10.97
C ASP B 315 -11.28 47.53 11.13
N ILE B 316 -11.99 48.19 10.21
CA ILE B 316 -13.45 48.20 10.21
C ILE B 316 -14.00 46.78 10.18
N SER B 317 -13.47 45.95 9.27
CA SER B 317 -14.04 44.62 9.11
C SER B 317 -13.62 43.69 10.24
N THR B 318 -12.40 43.85 10.77
CA THR B 318 -12.00 43.03 11.92
C THR B 318 -12.88 43.32 13.14
N LYS B 319 -13.16 44.59 13.40
CA LYS B 319 -14.05 44.97 14.50
C LYS B 319 -15.45 44.39 14.31
N PHE B 320 -15.90 44.33 13.06
CA PHE B 320 -17.19 43.75 12.74
C PHE B 320 -17.19 42.25 13.02
N ILE B 321 -16.09 41.57 12.70
CA ILE B 321 -15.95 40.17 13.10
C ILE B 321 -16.13 40.02 14.60
N CYS B 322 -15.39 40.80 15.40
CA CYS B 322 -15.50 40.65 16.84
C CYS B 322 -16.92 40.86 17.32
N GLU B 323 -17.58 41.88 16.79
CA GLU B 323 -18.95 42.17 17.18
C GLU B 323 -19.89 41.01 16.85
N MET B 324 -19.85 40.52 15.61
CA MET B 324 -20.79 39.48 15.22
C MET B 324 -20.47 38.16 15.91
N TYR B 325 -19.19 37.87 16.09
CA TYR B 325 -18.82 36.67 16.83
C TYR B 325 -19.49 36.67 18.19
N ASN B 326 -19.47 37.82 18.86
CA ASN B 326 -20.04 37.88 20.19
C ASN B 326 -21.57 37.97 20.14
N TYR B 327 -22.14 38.72 19.21
CA TYR B 327 -23.60 38.79 19.14
C TYR B 327 -24.24 37.45 18.79
N THR B 328 -23.52 36.59 18.07
CA THR B 328 -24.04 35.25 17.76
C THR B 328 -23.57 34.20 18.75
N ASN B 329 -23.00 34.61 19.88
CA ASN B 329 -22.56 33.68 20.93
C ASN B 329 -21.59 32.65 20.39
N LYS B 330 -20.82 33.02 19.39
CA LYS B 330 -19.76 32.19 18.84
C LYS B 330 -20.29 30.94 18.17
N GLN B 331 -21.56 30.95 17.80
CA GLN B 331 -22.22 29.78 17.23
C GLN B 331 -22.23 29.77 15.71
N ILE B 332 -21.83 30.86 15.06
CA ILE B 332 -21.93 30.95 13.60
C ILE B 332 -20.54 31.11 13.02
N PRO B 333 -20.04 30.15 12.26
CA PRO B 333 -18.69 30.29 11.68
C PRO B 333 -18.58 31.52 10.80
N ILE B 334 -17.38 32.09 10.76
CA ILE B 334 -17.12 33.35 10.08
C ILE B 334 -16.04 33.15 9.03
N ILE B 335 -16.30 33.65 7.83
CA ILE B 335 -15.32 33.77 6.76
C ILE B 335 -14.91 35.23 6.72
N ALA B 336 -13.62 35.49 6.91
CA ALA B 336 -13.13 36.86 6.98
C ALA B 336 -12.83 37.38 5.58
N SER B 337 -13.21 38.64 5.34
CA SER B 337 -12.89 39.32 4.10
C SER B 337 -12.68 40.80 4.44
N GLY B 338 -11.54 41.34 4.04
CA GLY B 338 -11.29 42.77 4.19
C GLY B 338 -9.89 43.12 4.67
N GLY B 339 -9.05 43.59 3.76
CA GLY B 339 -7.74 44.11 4.13
C GLY B 339 -6.70 43.10 4.54
N ILE B 340 -6.83 41.85 4.11
CA ILE B 340 -5.87 40.82 4.50
C ILE B 340 -4.76 40.77 3.47
N PHE B 341 -3.55 41.15 3.88
CA PHE B 341 -2.37 41.08 3.02
C PHE B 341 -1.26 40.19 3.57
N SER B 342 -1.14 40.07 4.87
CA SER B 342 -0.02 39.38 5.49
C SER B 342 -0.54 38.30 6.41
N GLY B 343 0.36 37.42 6.82
CA GLY B 343 -0.01 36.43 7.82
C GLY B 343 -0.44 37.08 9.12
N LEU B 344 0.13 38.25 9.44
CA LEU B 344 -0.29 38.97 10.63
C LEU B 344 -1.75 39.39 10.53
N ASP B 345 -2.15 39.94 9.38
CA ASP B 345 -3.55 40.29 9.17
C ASP B 345 -4.44 39.06 9.33
N ALA B 346 -4.04 37.96 8.71
CA ALA B 346 -4.86 36.76 8.77
C ALA B 346 -5.03 36.29 10.21
N LEU B 347 -3.95 36.27 10.98
CA LEU B 347 -4.04 35.85 12.37
C LEU B 347 -4.96 36.77 13.16
N GLU B 348 -4.91 38.09 12.88
CA GLU B 348 -5.83 39.02 13.51
C GLU B 348 -7.28 38.61 13.26
N LYS B 349 -7.61 38.26 12.01
CA LYS B 349 -8.97 37.85 11.69
C LYS B 349 -9.37 36.56 12.41
N ILE B 350 -8.47 35.58 12.44
CA ILE B 350 -8.76 34.28 13.05
C ILE B 350 -8.99 34.43 14.55
N GLU B 351 -8.07 35.11 15.23
CA GLU B 351 -8.22 35.32 16.67
C GLU B 351 -9.43 36.18 17.00
N ALA B 352 -9.86 37.03 16.06
CA ALA B 352 -11.09 37.81 16.26
C ALA B 352 -12.34 36.94 16.14
N GLY B 353 -12.22 35.77 15.51
CA GLY B 353 -13.35 34.87 15.38
C GLY B 353 -13.51 34.15 14.04
N ALA B 354 -12.74 34.49 13.03
CA ALA B 354 -12.87 33.84 11.73
C ALA B 354 -12.26 32.43 11.69
N SER B 355 -12.85 31.57 10.87
CA SER B 355 -12.33 30.22 10.63
C SER B 355 -11.48 30.11 9.38
N VAL B 356 -11.70 31.00 8.40
CA VAL B 356 -11.02 31.00 7.13
C VAL B 356 -10.98 32.45 6.65
N CYS B 357 -10.03 32.74 5.76
CA CYS B 357 -9.79 34.07 5.22
C CYS B 357 -9.93 34.09 3.70
N GLN B 358 -10.55 35.13 3.18
CA GLN B 358 -10.61 35.38 1.75
C GLN B 358 -9.74 36.57 1.40
N LEU B 359 -9.02 36.47 0.29
CA LEU B 359 -8.20 37.55 -0.24
C LEU B 359 -8.79 38.08 -1.54
N TYR B 360 -8.54 39.36 -1.79
CA TYR B 360 -8.85 39.98 -3.07
C TYR B 360 -7.80 41.04 -3.36
N SER B 361 -7.83 42.15 -2.61
CA SER B 361 -6.83 43.21 -2.82
C SER B 361 -5.41 42.69 -2.67
N CYS B 362 -5.19 41.68 -1.85
CA CYS B 362 -3.84 41.13 -1.75
C CYS B 362 -3.32 40.66 -3.11
N LEU B 363 -4.18 40.01 -3.90
CA LEU B 363 -3.75 39.54 -5.22
C LEU B 363 -3.47 40.69 -6.17
N VAL B 364 -4.15 41.81 -5.98
CA VAL B 364 -3.96 42.92 -6.88
C VAL B 364 -2.61 43.56 -6.63
N PHE B 365 -2.25 43.77 -5.37
CA PHE B 365 -1.08 44.55 -5.05
C PHE B 365 0.17 43.70 -4.79
N ASN B 366 0.00 42.45 -4.37
CA ASN B 366 1.12 41.56 -4.11
C ASN B 366 1.31 40.48 -5.16
N GLY B 367 0.29 40.19 -5.97
CA GLY B 367 0.50 39.36 -7.14
C GLY B 367 0.40 37.87 -6.87
N MET B 368 1.03 37.10 -7.77
CA MET B 368 0.78 35.67 -7.81
C MET B 368 1.42 34.91 -6.66
N LYS B 369 2.41 35.49 -5.98
CA LYS B 369 2.98 34.85 -4.80
C LYS B 369 2.08 34.94 -3.58
N SER B 370 0.89 35.53 -3.71
CA SER B 370 0.13 35.96 -2.54
C SER B 370 -0.17 34.79 -1.62
N ALA B 371 -0.59 33.67 -2.17
CA ALA B 371 -1.05 32.58 -1.33
C ALA B 371 0.12 31.85 -0.71
N VAL B 372 1.17 31.62 -1.51
CA VAL B 372 2.36 30.95 -0.99
C VAL B 372 2.94 31.75 0.17
N GLN B 373 3.06 33.06 -0.01
CA GLN B 373 3.72 33.89 0.99
C GLN B 373 2.87 34.02 2.24
N ILE B 374 1.55 34.20 2.09
CA ILE B 374 0.74 34.39 3.29
C ILE B 374 0.59 33.08 4.05
N LYS B 375 0.58 31.94 3.36
CA LYS B 375 0.52 30.68 4.08
C LYS B 375 1.78 30.47 4.89
N ARG B 376 2.94 30.81 4.32
CA ARG B 376 4.19 30.69 5.03
C ARG B 376 4.24 31.62 6.24
N GLU B 377 3.80 32.87 6.06
CA GLU B 377 3.82 33.83 7.17
C GLU B 377 2.91 33.40 8.30
N LEU B 378 1.73 32.87 7.96
CA LEU B 378 0.80 32.46 9.01
C LEU B 378 1.35 31.29 9.82
N ASN B 379 1.97 30.31 9.14
CA ASN B 379 2.56 29.19 9.86
C ASN B 379 3.60 29.67 10.86
N HIS B 380 4.46 30.61 10.46
CA HIS B 380 5.44 31.16 11.39
C HIS B 380 4.76 31.76 12.61
N LEU B 381 3.64 32.46 12.39
CA LEU B 381 2.99 33.14 13.49
C LEU B 381 2.29 32.17 14.42
N LEU B 382 1.72 31.10 13.88
CA LEU B 382 1.15 30.06 14.73
C LEU B 382 2.21 29.48 15.66
N TYR B 383 3.43 29.35 15.14
CA TYR B 383 4.54 28.85 15.94
C TYR B 383 5.02 29.89 16.95
N GLN B 384 5.06 31.16 16.56
CA GLN B 384 5.37 32.21 17.54
C GLN B 384 4.36 32.22 18.67
N ARG B 385 3.08 32.00 18.36
CA ARG B 385 2.07 32.02 19.40
C ARG B 385 2.10 30.80 20.29
N GLY B 386 2.81 29.73 19.90
CA GLY B 386 2.74 28.47 20.61
C GLY B 386 1.50 27.66 20.33
N TYR B 387 0.78 27.96 19.26
CA TYR B 387 -0.42 27.20 18.94
C TYR B 387 -0.05 25.87 18.31
N TYR B 388 -0.76 24.82 18.67
CA TYR B 388 -0.53 23.52 18.05
C TYR B 388 -1.07 23.49 16.62
N ASN B 389 -2.22 24.11 16.39
CA ASN B 389 -2.78 24.20 15.05
C ASN B 389 -3.68 25.43 14.96
N LEU B 390 -4.13 25.71 13.75
CA LEU B 390 -4.90 26.93 13.51
C LEU B 390 -6.22 26.92 14.28
N LYS B 391 -6.86 25.76 14.37
CA LYS B 391 -8.14 25.70 15.06
C LYS B 391 -8.04 26.23 16.48
N GLU B 392 -6.89 26.02 17.14
CA GLU B 392 -6.68 26.55 18.49
C GLU B 392 -6.73 28.07 18.54
N ALA B 393 -6.41 28.74 17.45
CA ALA B 393 -6.36 30.20 17.41
C ALA B 393 -7.73 30.85 17.21
N ILE B 394 -8.74 30.12 16.73
CA ILE B 394 -10.00 30.75 16.34
C ILE B 394 -10.66 31.36 17.57
N GLY B 395 -10.87 32.67 17.52
CA GLY B 395 -11.59 33.36 18.58
C GLY B 395 -10.79 33.65 19.81
N ARG B 396 -9.48 33.39 19.81
CA ARG B 396 -8.73 33.51 21.05
C ARG B 396 -8.62 34.94 21.57
N LYS B 397 -8.91 35.95 20.76
CA LYS B 397 -8.95 37.32 21.27
C LYS B 397 -10.03 37.48 22.33
N HIS B 398 -11.02 36.60 22.35
CA HIS B 398 -12.18 36.76 23.21
C HIS B 398 -12.17 35.85 24.44
N SER C 22 -8.30 -33.46 10.72
CA SER C 22 -7.09 -32.76 11.14
C SER C 22 -7.43 -31.46 11.86
N TYR C 23 -6.54 -31.04 12.77
CA TYR C 23 -6.76 -29.86 13.60
C TYR C 23 -6.74 -28.60 12.73
N ASN C 24 -7.91 -28.08 12.46
CA ASN C 24 -8.10 -26.82 11.75
C ASN C 24 -9.43 -26.26 12.24
N PRO C 25 -9.78 -25.04 11.82
CA PRO C 25 -11.06 -24.48 12.31
C PRO C 25 -12.27 -25.34 12.00
N GLU C 26 -12.18 -26.26 11.05
CA GLU C 26 -13.29 -27.15 10.73
C GLU C 26 -13.11 -28.51 11.37
N PHE C 27 -12.34 -28.57 12.45
CA PHE C 27 -12.09 -29.82 13.14
C PHE C 27 -13.40 -30.31 13.76
N PHE C 28 -13.73 -31.57 13.49
CA PHE C 28 -15.04 -32.09 13.82
C PHE C 28 -15.31 -32.09 15.31
N LEU C 29 -14.28 -32.30 16.13
CA LEU C 29 -14.50 -32.39 17.58
C LEU C 29 -15.14 -31.11 18.12
N TYR C 30 -14.66 -29.94 17.69
CA TYR C 30 -15.25 -28.69 18.14
C TYR C 30 -16.75 -28.63 17.84
N ASP C 31 -17.20 -29.25 16.73
CA ASP C 31 -18.63 -29.28 16.43
C ASP C 31 -19.37 -30.21 17.38
N ILE C 32 -18.74 -31.31 17.77
CA ILE C 32 -19.39 -32.20 18.73
C ILE C 32 -19.47 -31.52 20.09
N PHE C 33 -18.39 -30.89 20.53
CA PHE C 33 -18.41 -30.19 21.81
C PHE C 33 -19.40 -29.04 21.79
N LEU C 34 -19.51 -28.35 20.65
CA LEU C 34 -20.41 -27.20 20.56
C LEU C 34 -21.87 -27.65 20.63
N LYS C 35 -22.22 -28.70 19.90
CA LYS C 35 -23.58 -29.22 19.96
C LYS C 35 -23.95 -29.60 21.38
N PHE C 36 -22.98 -30.12 22.14
CA PHE C 36 -23.22 -30.46 23.54
C PHE C 36 -23.41 -29.19 24.38
N CYS C 37 -22.56 -28.19 24.18
CA CYS C 37 -22.65 -26.95 24.93
C CYS C 37 -23.98 -26.23 24.69
N LEU C 38 -24.42 -26.19 23.42
CA LEU C 38 -25.66 -25.54 23.05
C LEU C 38 -26.89 -26.24 23.61
N LYS C 39 -26.76 -27.49 24.02
CA LYS C 39 -27.91 -28.20 24.58
C LYS C 39 -27.95 -28.10 26.10
N TYR C 40 -26.80 -28.16 26.76
CA TYR C 40 -26.75 -28.45 28.18
C TYR C 40 -26.11 -27.38 29.05
N ILE C 41 -25.40 -26.41 28.48
CA ILE C 41 -24.54 -25.53 29.26
C ILE C 41 -24.97 -24.08 29.10
N ASP C 42 -24.91 -23.32 30.20
CA ASP C 42 -25.35 -21.93 30.23
C ASP C 42 -24.52 -21.08 29.27
N GLY C 43 -25.15 -20.05 28.73
CA GLY C 43 -24.52 -19.27 27.68
C GLY C 43 -23.18 -18.66 28.09
N GLU C 44 -23.15 -17.96 29.22
CA GLU C 44 -21.91 -17.26 29.57
C GLU C 44 -20.81 -18.25 29.92
N ILE C 45 -21.17 -19.40 30.47
CA ILE C 45 -20.18 -20.43 30.78
C ILE C 45 -19.51 -20.93 29.51
N CYS C 46 -20.30 -21.25 28.47
CA CYS C 46 -19.69 -21.61 27.21
C CYS C 46 -18.73 -20.52 26.74
N HIS C 47 -19.15 -19.27 26.88
CA HIS C 47 -18.35 -18.16 26.38
C HIS C 47 -17.03 -18.06 27.14
N ASP C 48 -17.08 -18.12 28.48
CA ASP C 48 -15.85 -18.10 29.24
C ASP C 48 -14.93 -19.27 28.87
N LEU C 49 -15.50 -20.42 28.49
CA LEU C 49 -14.68 -21.54 28.01
C LEU C 49 -13.99 -21.20 26.68
N PHE C 50 -14.76 -20.70 25.71
CA PHE C 50 -14.15 -20.24 24.47
C PHE C 50 -12.99 -19.28 24.75
N LEU C 51 -13.22 -18.33 25.66
CA LEU C 51 -12.19 -17.33 25.98
C LEU C 51 -11.00 -17.97 26.67
N LEU C 52 -11.22 -18.98 27.51
CA LEU C 52 -10.12 -19.69 28.13
C LEU C 52 -9.25 -20.39 27.07
N LEU C 53 -9.88 -21.11 26.14
CA LEU C 53 -9.12 -21.77 25.08
C LEU C 53 -8.35 -20.76 24.22
N GLY C 54 -8.94 -19.60 23.95
CA GLY C 54 -8.23 -18.59 23.18
C GLY C 54 -7.05 -17.99 23.92
N LYS C 55 -7.21 -17.77 25.22
CA LYS C 55 -6.14 -17.17 26.01
C LYS C 55 -4.88 -18.03 26.01
N TYR C 56 -5.04 -19.36 26.04
CA TYR C 56 -3.90 -20.27 26.00
C TYR C 56 -3.58 -20.72 24.58
N ASN C 57 -4.11 -20.02 23.58
CA ASN C 57 -3.74 -20.23 22.19
C ASN C 57 -4.00 -21.67 21.74
N ILE C 58 -5.02 -22.31 22.31
CA ILE C 58 -5.33 -23.69 21.97
C ILE C 58 -6.21 -23.80 20.73
N LEU C 59 -6.88 -22.73 20.34
CA LEU C 59 -7.79 -22.80 19.22
C LEU C 59 -7.04 -22.94 17.90
N PRO C 60 -7.65 -23.56 16.90
CA PRO C 60 -6.94 -23.76 15.62
C PRO C 60 -6.79 -22.47 14.86
N TYR C 61 -5.95 -22.51 13.81
CA TYR C 61 -5.67 -21.36 12.97
C TYR C 61 -6.18 -21.57 11.55
N ASP C 62 -6.60 -20.50 10.93
CA ASP C 62 -6.76 -20.43 9.48
C ASP C 62 -5.52 -19.76 8.91
N THR C 63 -4.62 -20.54 8.34
CA THR C 63 -3.41 -19.97 7.73
C THR C 63 -3.50 -19.83 6.20
N SER C 64 -4.71 -19.81 5.63
CA SER C 64 -4.85 -19.75 4.18
C SER C 64 -4.80 -18.31 3.69
N ASN C 65 -4.29 -18.11 2.49
CA ASN C 65 -4.27 -16.78 1.89
C ASN C 65 -5.71 -16.39 1.59
N ASP C 66 -6.11 -15.20 2.03
CA ASP C 66 -7.44 -14.73 1.68
C ASP C 66 -7.46 -14.24 0.24
N SER C 67 -8.61 -14.40 -0.41
CA SER C 67 -8.77 -13.98 -1.79
C SER C 67 -8.63 -12.47 -1.94
N ILE C 68 -7.75 -12.04 -2.84
CA ILE C 68 -7.57 -10.60 -3.03
C ILE C 68 -8.78 -9.95 -3.67
N TYR C 69 -9.70 -10.74 -4.22
CA TYR C 69 -10.92 -10.20 -4.78
C TYR C 69 -12.03 -9.98 -3.75
N ALA C 70 -11.79 -10.32 -2.48
CA ALA C 70 -12.75 -10.09 -1.42
C ALA C 70 -12.18 -9.17 -0.33
N CYS C 71 -11.09 -8.47 -0.63
N CYS C 71 -11.10 -8.47 -0.64
CA CYS C 71 -10.63 -7.45 0.30
CA CYS C 71 -10.60 -7.41 0.22
C CYS C 71 -11.55 -6.23 0.21
C CYS C 71 -11.57 -6.23 0.20
N THR C 72 -11.46 -5.37 1.21
CA THR C 72 -12.31 -4.19 1.27
C THR C 72 -11.62 -3.13 2.12
N ASN C 73 -12.15 -1.92 2.08
CA ASN C 73 -11.54 -0.84 2.82
C ASN C 73 -12.58 0.19 3.23
N ILE C 74 -12.25 0.92 4.28
CA ILE C 74 -12.95 2.12 4.71
C ILE C 74 -11.84 3.14 4.90
N LYS C 75 -11.76 4.11 3.99
CA LYS C 75 -10.63 5.04 3.96
C LYS C 75 -9.35 4.20 3.99
N HIS C 76 -8.40 4.49 4.87
CA HIS C 76 -7.11 3.81 4.89
C HIS C 76 -7.11 2.49 5.66
N LEU C 77 -8.22 2.11 6.29
CA LEU C 77 -8.34 0.78 6.90
C LEU C 77 -8.46 -0.27 5.80
N ASP C 78 -7.40 -1.05 5.59
CA ASP C 78 -7.40 -2.10 4.56
C ASP C 78 -7.70 -3.45 5.21
N PHE C 79 -8.91 -3.96 4.99
CA PHE C 79 -9.34 -5.23 5.57
C PHE C 79 -8.91 -6.35 4.63
N ILE C 80 -8.11 -7.31 5.13
CA ILE C 80 -7.65 -8.39 4.26
C ILE C 80 -8.80 -9.28 3.80
N ASN C 81 -9.89 -9.32 4.55
CA ASN C 81 -11.12 -10.00 4.13
C ASN C 81 -12.25 -9.29 4.82
N PRO C 82 -13.50 -9.55 4.41
CA PRO C 82 -14.59 -8.67 4.85
C PRO C 82 -15.29 -9.07 6.14
N PHE C 83 -14.72 -9.98 6.93
CA PHE C 83 -15.38 -10.50 8.12
C PHE C 83 -14.59 -10.20 9.38
N GLY C 84 -15.23 -9.53 10.33
CA GLY C 84 -14.68 -9.30 11.64
C GLY C 84 -15.61 -9.82 12.72
N VAL C 85 -15.16 -9.68 13.96
CA VAL C 85 -15.95 -10.06 15.12
C VAL C 85 -16.42 -8.78 15.82
N ALA C 86 -17.71 -8.73 16.10
CA ALA C 86 -18.36 -7.55 16.63
C ALA C 86 -18.02 -7.34 18.11
N ALA C 87 -18.34 -6.13 18.59
CA ALA C 87 -18.12 -5.80 19.98
C ALA C 87 -18.99 -6.68 20.88
N GLY C 88 -18.58 -6.76 22.13
CA GLY C 88 -19.28 -7.58 23.09
C GLY C 88 -18.87 -9.04 23.12
N PHE C 89 -17.95 -9.44 22.25
CA PHE C 89 -17.47 -10.83 22.22
C PHE C 89 -16.24 -11.00 23.11
N ASP C 90 -15.15 -10.30 22.77
CA ASP C 90 -13.98 -10.20 23.64
C ASP C 90 -14.00 -8.81 24.26
N LYS C 91 -14.80 -8.67 25.32
CA LYS C 91 -15.01 -7.35 25.89
C LYS C 91 -13.71 -6.77 26.42
N ASN C 92 -12.83 -7.61 26.97
CA ASN C 92 -11.65 -7.14 27.66
C ASN C 92 -10.36 -7.32 26.89
N GLY C 93 -10.44 -7.70 25.61
CA GLY C 93 -9.23 -7.85 24.83
C GLY C 93 -8.26 -8.89 25.38
N VAL C 94 -8.79 -9.99 25.93
CA VAL C 94 -7.94 -11.04 26.48
C VAL C 94 -7.74 -12.18 25.51
N CYS C 95 -8.27 -12.07 24.30
CA CYS C 95 -8.38 -13.21 23.41
C CYS C 95 -8.13 -12.79 21.96
N ILE C 96 -7.44 -11.65 21.76
CA ILE C 96 -7.43 -11.01 20.45
C ILE C 96 -6.78 -11.91 19.41
N ASP C 97 -5.56 -12.38 19.69
CA ASP C 97 -4.79 -13.14 18.70
C ASP C 97 -5.60 -14.34 18.21
N SER C 98 -6.13 -15.12 19.15
CA SER C 98 -6.76 -16.41 18.83
C SER C 98 -8.04 -16.23 18.03
N ILE C 99 -8.81 -15.18 18.34
CA ILE C 99 -10.02 -14.92 17.56
C ILE C 99 -9.66 -14.50 16.14
N LEU C 100 -8.71 -13.57 15.99
CA LEU C 100 -8.30 -13.15 14.64
C LEU C 100 -7.79 -14.34 13.84
N LYS C 101 -7.01 -15.21 14.47
CA LYS C 101 -6.39 -16.32 13.75
C LYS C 101 -7.39 -17.41 13.35
N LEU C 102 -8.65 -17.32 13.80
CA LEU C 102 -9.69 -18.18 13.26
C LEU C 102 -10.01 -17.87 11.82
N GLY C 103 -9.63 -16.69 11.33
CA GLY C 103 -9.81 -16.35 9.94
C GLY C 103 -10.44 -14.98 9.71
N PHE C 104 -10.61 -14.21 10.77
CA PHE C 104 -11.21 -12.89 10.70
C PHE C 104 -10.15 -11.83 10.38
N SER C 105 -10.59 -10.75 9.74
CA SER C 105 -9.69 -9.65 9.42
C SER C 105 -9.65 -8.59 10.51
N PHE C 106 -10.64 -8.55 11.39
CA PHE C 106 -10.62 -7.53 12.43
C PHE C 106 -11.52 -7.95 13.57
N ILE C 107 -11.38 -7.23 14.69
CA ILE C 107 -12.22 -7.40 15.85
C ILE C 107 -12.41 -6.05 16.52
N GLU C 108 -13.56 -5.86 17.14
CA GLU C 108 -13.88 -4.69 17.92
C GLU C 108 -13.98 -5.15 19.37
N ILE C 109 -13.03 -4.70 20.19
CA ILE C 109 -13.05 -5.11 21.60
C ILE C 109 -13.92 -4.11 22.34
N GLY C 110 -14.25 -4.41 23.59
CA GLY C 110 -15.23 -3.60 24.28
C GLY C 110 -16.62 -4.19 24.12
N THR C 111 -17.64 -3.42 24.48
CA THR C 111 -17.51 -2.01 24.88
C THR C 111 -16.83 -1.87 26.25
N ILE C 112 -15.86 -0.97 26.36
CA ILE C 112 -15.19 -0.71 27.62
C ILE C 112 -15.74 0.58 28.22
N THR C 113 -15.60 0.70 29.53
CA THR C 113 -15.94 1.91 30.27
C THR C 113 -14.75 2.36 31.10
N PRO C 114 -14.75 3.61 31.58
CA PRO C 114 -13.56 4.10 32.31
C PRO C 114 -13.14 3.25 33.50
N ARG C 115 -14.08 2.88 34.37
CA ARG C 115 -13.75 1.97 35.46
C ARG C 115 -14.48 0.65 35.27
N GLY C 116 -13.92 -0.41 35.85
CA GLY C 116 -14.53 -1.73 35.78
C GLY C 116 -15.96 -1.72 36.26
N GLN C 117 -16.78 -2.56 35.66
CA GLN C 117 -18.19 -2.74 36.02
C GLN C 117 -18.51 -4.22 35.98
N THR C 118 -19.24 -4.70 36.98
CA THR C 118 -19.62 -6.12 36.98
C THR C 118 -20.76 -6.41 36.03
N GLY C 119 -21.56 -5.42 35.67
CA GLY C 119 -22.74 -5.64 34.85
C GLY C 119 -23.93 -6.06 35.69
N ASN C 120 -25.01 -6.43 35.00
CA ASN C 120 -26.22 -6.88 35.67
C ASN C 120 -26.05 -8.32 36.18
N ALA C 121 -26.97 -8.73 37.03
CA ALA C 121 -26.83 -10.02 37.69
C ALA C 121 -27.07 -11.16 36.71
N LYS C 122 -26.31 -12.26 36.91
CA LYS C 122 -26.44 -13.48 36.12
C LYS C 122 -27.61 -14.32 36.62
N PRO C 123 -28.25 -15.10 35.74
CA PRO C 123 -27.94 -15.24 34.32
C PRO C 123 -28.46 -14.05 33.54
N ARG C 124 -27.76 -13.69 32.47
CA ARG C 124 -28.10 -12.52 31.71
C ARG C 124 -27.97 -12.71 30.20
N ILE C 125 -27.61 -13.92 29.74
CA ILE C 125 -27.53 -14.23 28.32
C ILE C 125 -28.23 -15.57 28.09
N PHE C 126 -29.10 -15.60 27.09
CA PHE C 126 -29.86 -16.80 26.77
C PHE C 126 -29.87 -17.00 25.25
N ARG C 127 -29.77 -18.25 24.83
CA ARG C 127 -29.74 -18.60 23.42
C ARG C 127 -30.95 -19.45 23.06
N ASP C 128 -31.44 -19.28 21.83
CA ASP C 128 -32.50 -20.13 21.27
C ASP C 128 -31.99 -20.75 19.97
N VAL C 129 -31.58 -22.01 20.03
CA VAL C 129 -30.91 -22.63 18.89
C VAL C 129 -31.85 -22.74 17.70
N GLU C 130 -33.11 -23.12 17.94
CA GLU C 130 -34.03 -23.30 16.83
C GLU C 130 -34.11 -22.05 15.98
N SER C 131 -34.12 -20.88 16.60
CA SER C 131 -34.20 -19.61 15.87
C SER C 131 -32.84 -18.96 15.67
N ARG C 132 -31.75 -19.61 16.09
CA ARG C 132 -30.41 -19.04 16.01
C ARG C 132 -30.39 -17.61 16.54
N SER C 133 -30.95 -17.44 17.75
CA SER C 133 -31.10 -16.11 18.35
C SER C 133 -30.52 -16.10 19.75
N ILE C 134 -30.16 -14.90 20.19
CA ILE C 134 -29.60 -14.63 21.51
C ILE C 134 -30.35 -13.43 22.06
N ILE C 135 -30.54 -13.42 23.38
CA ILE C 135 -30.98 -12.22 24.11
C ILE C 135 -30.00 -11.98 25.24
N ASN C 136 -29.66 -10.71 25.49
CA ASN C 136 -28.70 -10.41 26.56
C ASN C 136 -29.04 -9.14 27.31
N SER C 137 -28.79 -9.15 28.62
CA SER C 137 -28.82 -7.96 29.47
C SER C 137 -27.51 -7.86 30.27
N CYS C 138 -26.39 -7.83 29.56
CA CYS C 138 -25.08 -7.85 30.23
C CYS C 138 -24.84 -6.59 31.07
N GLY C 139 -25.13 -5.42 30.52
CA GLY C 139 -24.90 -4.20 31.27
C GLY C 139 -23.46 -3.72 31.25
N PHE C 140 -22.77 -3.85 30.11
CA PHE C 140 -21.45 -3.27 29.95
C PHE C 140 -20.47 -3.79 31.01
N ASN C 141 -20.51 -5.08 31.30
CA ASN C 141 -19.49 -5.67 32.16
C ASN C 141 -18.14 -5.67 31.45
N ASN C 142 -17.11 -5.20 32.14
CA ASN C 142 -15.76 -5.16 31.59
C ASN C 142 -14.78 -4.78 32.70
N MET C 143 -13.50 -5.04 32.46
CA MET C 143 -12.46 -4.80 33.45
C MET C 143 -12.08 -3.33 33.59
N GLY C 144 -12.55 -2.46 32.70
CA GLY C 144 -12.20 -1.07 32.80
C GLY C 144 -11.09 -0.67 31.83
N CYS C 145 -11.06 0.61 31.51
CA CYS C 145 -10.22 1.10 30.43
C CYS C 145 -8.74 0.83 30.70
N ASP C 146 -8.31 1.01 31.95
CA ASP C 146 -6.89 0.86 32.28
C ASP C 146 -6.40 -0.56 32.01
N LYS C 147 -7.14 -1.56 32.51
CA LYS C 147 -6.74 -2.95 32.30
C LYS C 147 -6.84 -3.35 30.83
N VAL C 148 -7.93 -2.98 30.16
CA VAL C 148 -8.08 -3.36 28.76
C VAL C 148 -7.02 -2.68 27.89
N THR C 149 -6.67 -1.43 28.22
CA THR C 149 -5.58 -0.78 27.50
C THR C 149 -4.31 -1.62 27.61
N GLU C 150 -4.05 -2.17 28.78
CA GLU C 150 -2.83 -2.95 28.93
C GLU C 150 -2.91 -4.27 28.16
N ASN C 151 -4.09 -4.91 28.13
CA ASN C 151 -4.23 -6.11 27.30
C ASN C 151 -3.98 -5.79 25.82
N LEU C 152 -4.52 -4.66 25.35
CA LEU C 152 -4.33 -4.29 23.95
C LEU C 152 -2.88 -3.95 23.66
N ILE C 153 -2.20 -3.30 24.61
CA ILE C 153 -0.77 -3.02 24.43
C ILE C 153 0.00 -4.33 24.26
N LEU C 154 -0.30 -5.33 25.09
CA LEU C 154 0.38 -6.62 24.95
C LEU C 154 0.09 -7.23 23.57
N PHE C 155 -1.15 -7.10 23.09
CA PHE C 155 -1.43 -7.60 21.75
C PHE C 155 -0.60 -6.87 20.72
N ARG C 156 -0.60 -5.54 20.76
CA ARG C 156 0.15 -4.79 19.75
C ARG C 156 1.61 -5.19 19.74
N LYS C 157 2.17 -5.53 20.90
CA LYS C 157 3.57 -5.94 20.94
C LYS C 157 3.77 -7.29 20.28
N ARG C 158 2.87 -8.24 20.53
CA ARG C 158 2.97 -9.54 19.86
C ARG C 158 2.75 -9.39 18.37
N GLN C 159 1.84 -8.50 17.96
CA GLN C 159 1.54 -8.30 16.55
C GLN C 159 2.78 -7.87 15.76
N GLU C 160 3.69 -7.11 16.38
CA GLU C 160 4.91 -6.68 15.69
C GLU C 160 5.76 -7.87 15.28
N GLU C 161 5.67 -8.99 15.98
CA GLU C 161 6.52 -10.13 15.71
C GLU C 161 5.79 -11.33 15.11
N ASP C 162 4.46 -11.32 15.04
CA ASP C 162 3.68 -12.43 14.51
C ASP C 162 3.35 -12.21 13.04
N LYS C 163 3.84 -13.11 12.17
CA LYS C 163 3.61 -12.92 10.76
C LYS C 163 2.15 -13.17 10.35
N LEU C 164 1.32 -13.75 11.22
CA LEU C 164 -0.07 -13.97 10.90
C LEU C 164 -0.96 -12.76 11.20
N LEU C 165 -0.50 -11.82 12.03
CA LEU C 165 -1.35 -10.74 12.51
C LEU C 165 -0.98 -9.36 11.97
N SER C 166 -0.01 -9.28 11.06
CA SER C 166 0.57 -7.98 10.73
C SER C 166 -0.43 -7.02 10.09
N LYS C 167 -1.45 -7.51 9.39
CA LYS C 167 -2.40 -6.61 8.74
C LYS C 167 -3.79 -6.63 9.38
N HIS C 168 -3.95 -7.33 10.51
CA HIS C 168 -5.24 -7.39 11.15
C HIS C 168 -5.51 -6.09 11.90
N ILE C 169 -6.79 -5.76 11.99
CA ILE C 169 -7.28 -4.49 12.52
C ILE C 169 -7.96 -4.71 13.87
N VAL C 170 -7.73 -3.82 14.82
CA VAL C 170 -8.42 -3.84 16.10
C VAL C 170 -9.08 -2.48 16.35
N GLY C 171 -10.40 -2.51 16.54
CA GLY C 171 -11.15 -1.34 16.96
C GLY C 171 -11.51 -1.47 18.43
N VAL C 172 -11.89 -0.35 19.01
CA VAL C 172 -12.28 -0.31 20.42
C VAL C 172 -13.61 0.40 20.52
N SER C 173 -14.57 -0.26 21.14
CA SER C 173 -15.88 0.33 21.41
C SER C 173 -15.87 0.92 22.81
N ILE C 174 -16.30 2.18 22.93
CA ILE C 174 -16.28 2.92 24.19
C ILE C 174 -17.69 3.37 24.58
N GLY C 175 -17.97 3.31 25.89
CA GLY C 175 -19.22 3.78 26.45
C GLY C 175 -19.07 4.38 27.85
N LYS C 176 -20.19 4.63 28.52
CA LYS C 176 -20.23 5.30 29.81
C LYS C 176 -20.41 4.31 30.95
N ASN C 177 -19.82 4.63 32.11
CA ASN C 177 -20.10 3.85 33.29
C ASN C 177 -21.57 4.00 33.66
N LYS C 178 -22.07 3.03 34.42
CA LYS C 178 -23.49 2.99 34.74
C LYS C 178 -23.98 4.31 35.34
N ASP C 179 -23.20 4.88 36.25
CA ASP C 179 -23.65 6.03 37.03
C ASP C 179 -23.28 7.37 36.43
N THR C 180 -22.45 7.41 35.38
CA THR C 180 -21.88 8.68 34.96
C THR C 180 -22.95 9.62 34.41
N VAL C 181 -22.86 10.88 34.83
CA VAL C 181 -23.81 11.91 34.40
C VAL C 181 -23.60 12.25 32.92
N ASN C 182 -22.42 12.75 32.58
CA ASN C 182 -22.11 13.21 31.22
C ASN C 182 -21.26 12.15 30.54
N ILE C 183 -21.82 11.54 29.48
CA ILE C 183 -21.10 10.50 28.76
C ILE C 183 -19.80 11.04 28.19
N VAL C 184 -19.76 12.32 27.83
CA VAL C 184 -18.57 12.84 27.13
C VAL C 184 -17.35 12.71 28.03
N ASP C 185 -17.50 12.96 29.33
CA ASP C 185 -16.39 12.82 30.25
C ASP C 185 -15.80 11.43 30.21
N ASP C 186 -16.66 10.41 30.23
CA ASP C 186 -16.20 9.04 30.17
C ASP C 186 -15.56 8.74 28.82
N LEU C 187 -16.19 9.18 27.73
CA LEU C 187 -15.65 8.87 26.41
C LEU C 187 -14.26 9.46 26.25
N LYS C 188 -14.05 10.69 26.74
CA LYS C 188 -12.74 11.33 26.65
C LYS C 188 -11.70 10.60 27.50
N TYR C 189 -12.09 10.08 28.67
CA TYR C 189 -11.14 9.32 29.46
C TYR C 189 -10.62 8.11 28.69
N CYS C 190 -11.53 7.37 28.04
CA CYS C 190 -11.13 6.16 27.34
C CYS C 190 -10.23 6.48 26.15
N ILE C 191 -10.56 7.56 25.44
CA ILE C 191 -9.78 7.94 24.27
C ILE C 191 -8.36 8.29 24.67
N ASN C 192 -8.19 9.06 25.76
CA ASN C 192 -6.85 9.44 26.17
C ASN C 192 -6.04 8.25 26.67
N LYS C 193 -6.69 7.19 27.13
CA LYS C 193 -5.97 5.99 27.56
C LYS C 193 -5.64 5.05 26.40
N ILE C 194 -6.64 4.70 25.59
CA ILE C 194 -6.53 3.58 24.65
C ILE C 194 -6.51 4.03 23.19
N GLY C 195 -6.82 5.28 22.89
CA GLY C 195 -6.96 5.68 21.51
C GLY C 195 -5.72 5.46 20.67
N ARG C 196 -4.54 5.65 21.28
CA ARG C 196 -3.30 5.49 20.56
C ARG C 196 -3.10 4.08 20.02
N TYR C 197 -3.80 3.09 20.57
CA TYR C 197 -3.62 1.69 20.21
C TYR C 197 -4.75 1.14 19.37
N ALA C 198 -5.72 1.96 18.98
CA ALA C 198 -6.91 1.54 18.27
C ALA C 198 -6.79 1.95 16.81
N ASP C 199 -7.28 1.09 15.93
CA ASP C 199 -7.33 1.48 14.53
C ASP C 199 -8.57 2.31 14.26
N TYR C 200 -9.62 2.04 15.01
CA TYR C 200 -10.81 2.86 14.99
C TYR C 200 -11.46 2.82 16.36
N ILE C 201 -12.25 3.86 16.61
CA ILE C 201 -13.04 4.01 17.84
C ILE C 201 -14.51 3.91 17.45
N ALA C 202 -15.25 3.04 18.13
CA ALA C 202 -16.68 2.89 17.93
C ALA C 202 -17.40 3.51 19.11
N ILE C 203 -18.23 4.51 18.84
CA ILE C 203 -19.03 5.15 19.86
C ILE C 203 -20.32 4.36 20.00
N ASN C 204 -20.49 3.77 21.16
CA ASN C 204 -21.62 2.93 21.45
C ASN C 204 -22.66 3.78 22.16
N VAL C 205 -23.62 4.30 21.40
CA VAL C 205 -24.80 4.95 21.94
C VAL C 205 -26.06 4.10 21.73
N SER C 206 -25.90 2.79 21.54
CA SER C 206 -26.99 1.93 21.07
C SER C 206 -27.30 0.73 21.98
N SER C 207 -26.49 0.46 23.00
CA SER C 207 -26.81 -0.63 23.92
C SER C 207 -28.20 -0.44 24.52
N PRO C 208 -29.03 -1.48 24.54
CA PRO C 208 -30.32 -1.40 25.25
C PRO C 208 -30.24 -1.67 26.74
N ASN C 209 -29.05 -1.86 27.32
CA ASN C 209 -28.89 -2.38 28.68
C ASN C 209 -28.18 -1.40 29.62
N THR C 210 -27.99 -0.15 29.22
CA THR C 210 -27.54 0.90 30.13
C THR C 210 -28.59 2.01 30.12
N PRO C 211 -29.30 2.25 31.22
CA PRO C 211 -30.38 3.26 31.19
C PRO C 211 -29.90 4.59 30.62
N GLY C 212 -30.67 5.11 29.67
CA GLY C 212 -30.46 6.44 29.14
C GLY C 212 -29.46 6.55 28.02
N LEU C 213 -28.90 5.44 27.53
CA LEU C 213 -27.86 5.53 26.51
C LEU C 213 -28.44 5.79 25.12
N ARG C 214 -29.55 5.14 24.77
CA ARG C 214 -30.12 5.29 23.43
C ARG C 214 -30.67 6.69 23.17
N ASP C 215 -31.04 7.44 24.22
CA ASP C 215 -31.42 8.85 24.04
C ASP C 215 -30.25 9.73 23.60
N ASN C 216 -29.02 9.23 23.70
CA ASN C 216 -27.88 9.90 23.08
C ASN C 216 -27.88 9.78 21.56
N GLN C 217 -28.88 9.13 20.97
CA GLN C 217 -29.07 9.10 19.53
C GLN C 217 -29.96 10.22 19.03
N GLU C 218 -30.45 11.07 19.93
CA GLU C 218 -31.12 12.30 19.52
C GLU C 218 -30.11 13.21 18.81
N ALA C 219 -30.62 13.97 17.82
CA ALA C 219 -29.73 14.71 16.90
C ALA C 219 -28.74 15.59 17.65
N GLY C 220 -29.23 16.45 18.54
CA GLY C 220 -28.36 17.42 19.19
C GLY C 220 -27.29 16.78 20.06
N LYS C 221 -27.69 15.84 20.91
CA LYS C 221 -26.72 15.18 21.81
C LYS C 221 -25.69 14.39 21.01
N LEU C 222 -26.15 13.64 20.02
CA LEU C 222 -25.25 12.87 19.17
C LEU C 222 -24.17 13.75 18.56
N LYS C 223 -24.57 14.89 17.99
CA LYS C 223 -23.60 15.78 17.36
C LYS C 223 -22.52 16.22 18.35
N ASN C 224 -22.94 16.72 19.52
CA ASN C 224 -21.96 17.10 20.52
C ASN C 224 -21.04 15.93 20.86
N ILE C 225 -21.61 14.73 21.04
CA ILE C 225 -20.79 13.57 21.39
C ILE C 225 -19.76 13.32 20.31
N ILE C 226 -20.21 13.30 19.04
CA ILE C 226 -19.30 12.96 17.95
C ILE C 226 -18.17 13.99 17.88
N LEU C 227 -18.52 15.27 18.00
CA LEU C 227 -17.51 16.31 17.91
C LEU C 227 -16.55 16.28 19.10
N SER C 228 -17.03 15.89 20.29
CA SER C 228 -16.15 15.75 21.45
C SER C 228 -15.19 14.60 21.27
N VAL C 229 -15.67 13.47 20.76
CA VAL C 229 -14.79 12.33 20.49
C VAL C 229 -13.76 12.71 19.43
N LYS C 230 -14.19 13.38 18.36
CA LYS C 230 -13.26 13.74 17.29
C LYS C 230 -12.22 14.73 17.79
N GLU C 231 -12.62 15.69 18.62
CA GLU C 231 -11.66 16.63 19.15
C GLU C 231 -10.62 15.93 20.03
N GLU C 232 -11.08 14.99 20.86
CA GLU C 232 -10.16 14.33 21.77
C GLU C 232 -9.16 13.48 21.02
N ILE C 233 -9.61 12.75 20.00
CA ILE C 233 -8.69 11.99 19.17
C ILE C 233 -7.69 12.93 18.49
N ASP C 234 -8.17 14.05 17.93
CA ASP C 234 -7.29 14.99 17.24
C ASP C 234 -6.26 15.62 18.18
N ASN C 235 -6.54 15.67 19.49
CA ASN C 235 -5.65 16.26 20.48
C ASN C 235 -4.69 15.26 21.10
N LEU C 236 -4.81 13.96 20.77
CA LEU C 236 -3.87 12.97 21.29
C LEU C 236 -2.44 13.33 20.89
N GLU C 237 -2.24 13.70 19.63
CA GLU C 237 -0.91 14.12 19.17
C GLU C 237 -0.38 15.29 19.99
N LYS C 238 -1.27 16.21 20.40
CA LYS C 238 -0.83 17.39 21.15
C LYS C 238 -0.24 17.01 22.50
N ASN C 239 -0.66 15.88 23.07
CA ASN C 239 -0.20 15.42 24.37
C ASN C 239 1.24 14.85 24.30
N PHE C 246 6.07 6.87 16.27
CA PHE C 246 6.03 6.38 17.65
C PHE C 246 4.62 6.47 18.24
N LEU C 247 3.88 7.51 17.86
CA LEU C 247 2.65 7.85 18.58
C LEU C 247 1.56 6.80 18.34
N TRP C 248 1.34 6.41 17.08
CA TRP C 248 0.24 5.49 16.74
C TRP C 248 0.75 4.05 16.79
N PHE C 249 0.48 3.37 17.90
CA PHE C 249 0.89 1.98 18.08
C PHE C 249 -0.28 1.05 17.73
N ASN C 250 -0.58 1.01 16.44
CA ASN C 250 -1.74 0.29 15.94
C ASN C 250 -1.37 -0.27 14.58
N THR C 251 -2.36 -0.63 13.78
CA THR C 251 -2.07 -1.25 12.49
C THR C 251 -1.91 -0.22 11.39
N THR C 252 -2.75 0.80 11.39
CA THR C 252 -2.71 1.81 10.33
C THR C 252 -1.54 2.77 10.50
N LYS C 253 -0.99 2.91 11.72
CA LYS C 253 0.01 3.93 12.02
C LYS C 253 -0.55 5.33 11.82
N LYS C 254 -1.86 5.45 11.98
CA LYS C 254 -2.53 6.73 11.90
C LYS C 254 -3.54 6.83 13.02
N LYS C 255 -3.95 8.07 13.26
CA LYS C 255 -5.05 8.40 14.15
C LYS C 255 -6.24 7.47 13.94
N PRO C 256 -6.88 7.00 15.01
CA PRO C 256 -8.06 6.14 14.82
C PRO C 256 -9.19 6.86 14.12
N LEU C 257 -9.85 6.14 13.22
CA LEU C 257 -11.10 6.60 12.65
C LEU C 257 -12.23 6.46 13.67
N VAL C 258 -13.33 7.19 13.45
CA VAL C 258 -14.44 7.25 14.38
C VAL C 258 -15.69 6.69 13.69
N PHE C 259 -16.25 5.63 14.25
CA PHE C 259 -17.51 5.06 13.81
C PHE C 259 -18.56 5.28 14.91
N VAL C 260 -19.82 5.25 14.52
CA VAL C 260 -20.94 5.26 15.47
C VAL C 260 -21.76 3.99 15.25
N LYS C 261 -22.15 3.35 16.33
CA LYS C 261 -22.95 2.13 16.25
C LYS C 261 -24.38 2.44 16.62
N LEU C 262 -25.31 2.09 15.74
CA LEU C 262 -26.69 2.52 15.83
C LEU C 262 -27.61 1.37 16.22
N ALA C 263 -28.65 1.72 17.00
CA ALA C 263 -29.70 0.79 17.36
C ALA C 263 -30.80 0.77 16.30
N PRO C 264 -31.39 -0.40 16.02
CA PRO C 264 -32.40 -0.48 14.96
C PRO C 264 -33.78 0.02 15.37
N ASP C 265 -34.00 0.28 16.66
CA ASP C 265 -35.31 0.65 17.17
C ASP C 265 -35.51 2.17 17.11
N LEU C 266 -35.59 2.67 15.88
CA LEU C 266 -35.74 4.10 15.62
C LEU C 266 -36.88 4.31 14.62
N ASN C 267 -37.57 5.44 14.76
CA ASN C 267 -38.53 5.76 13.70
C ASN C 267 -37.82 6.47 12.56
N GLN C 268 -38.57 6.69 11.46
CA GLN C 268 -37.95 7.19 10.24
C GLN C 268 -37.50 8.63 10.40
N GLU C 269 -38.26 9.41 11.17
CA GLU C 269 -37.86 10.78 11.45
C GLU C 269 -36.52 10.80 12.19
N GLN C 270 -36.34 9.91 13.17
CA GLN C 270 -35.09 9.86 13.92
C GLN C 270 -33.92 9.41 13.05
N LYS C 271 -34.16 8.45 12.15
CA LYS C 271 -33.09 7.97 11.28
C LYS C 271 -32.59 9.08 10.37
N LYS C 272 -33.51 9.90 9.84
CA LYS C 272 -33.13 11.01 8.98
C LYS C 272 -32.33 12.06 9.75
N GLU C 273 -32.78 12.40 10.97
CA GLU C 273 -32.05 13.37 11.79
C GLU C 273 -30.63 12.89 12.11
N ILE C 274 -30.48 11.60 12.38
CA ILE C 274 -29.16 11.05 12.65
C ILE C 274 -28.30 11.11 11.40
N ALA C 275 -28.85 10.69 10.25
CA ALA C 275 -28.09 10.75 9.00
C ALA C 275 -27.53 12.15 8.76
N ASP C 276 -28.35 13.19 8.95
CA ASP C 276 -27.88 14.55 8.74
C ASP C 276 -26.73 14.90 9.68
N VAL C 277 -26.82 14.46 10.95
CA VAL C 277 -25.73 14.66 11.90
C VAL C 277 -24.46 13.91 11.46
N LEU C 278 -24.61 12.70 10.94
CA LEU C 278 -23.42 11.95 10.53
C LEU C 278 -22.75 12.61 9.32
N LEU C 279 -23.54 13.16 8.39
CA LEU C 279 -22.95 13.86 7.27
C LEU C 279 -22.31 15.18 7.72
N GLU C 280 -22.94 15.88 8.66
CA GLU C 280 -22.44 17.17 9.09
C GLU C 280 -21.10 17.06 9.82
N THR C 281 -20.88 15.96 10.52
CA THR C 281 -19.72 15.76 11.38
C THR C 281 -18.60 14.97 10.72
N ASN C 282 -18.77 14.53 9.48
CA ASN C 282 -17.75 13.76 8.77
C ASN C 282 -17.33 12.53 9.56
N ILE C 283 -18.30 11.83 10.16
CA ILE C 283 -17.97 10.56 10.78
C ILE C 283 -17.47 9.59 9.70
N ASP C 284 -16.55 8.70 10.09
CA ASP C 284 -15.87 7.85 9.11
C ASP C 284 -16.65 6.59 8.75
N GLY C 285 -17.63 6.22 9.54
CA GLY C 285 -18.44 5.06 9.22
C GLY C 285 -19.50 4.84 10.28
N MET C 286 -20.44 3.99 9.97
CA MET C 286 -21.51 3.67 10.90
C MET C 286 -21.67 2.17 10.94
N ILE C 287 -21.83 1.65 12.15
CA ILE C 287 -22.05 0.23 12.39
C ILE C 287 -23.54 0.03 12.58
N ILE C 288 -24.14 -0.70 11.65
CA ILE C 288 -25.56 -0.95 11.60
C ILE C 288 -25.72 -2.47 11.60
N SER C 289 -26.16 -3.06 12.72
CA SER C 289 -26.74 -2.39 13.88
C SER C 289 -26.53 -3.17 15.16
N ASN C 290 -26.88 -2.56 16.29
CA ASN C 290 -26.88 -3.23 17.58
C ASN C 290 -28.13 -4.12 17.69
N THR C 291 -28.34 -4.70 18.87
CA THR C 291 -29.48 -5.56 19.13
C THR C 291 -30.80 -4.79 19.17
N THR C 292 -31.89 -5.53 19.07
CA THR C 292 -33.23 -4.97 18.97
C THR C 292 -34.10 -5.36 20.16
N THR C 293 -35.02 -4.47 20.49
CA THR C 293 -36.02 -4.73 21.51
C THR C 293 -37.38 -5.10 20.93
N GLN C 294 -37.55 -5.11 19.61
CA GLN C 294 -38.88 -5.27 19.03
C GLN C 294 -39.22 -6.73 18.67
N ILE C 295 -38.48 -7.70 19.18
CA ILE C 295 -38.76 -9.10 18.90
C ILE C 295 -39.29 -9.77 20.17
N ASN C 296 -40.54 -10.27 20.09
CA ASN C 296 -41.15 -10.96 21.21
C ASN C 296 -41.92 -12.20 20.76
N ASP C 297 -41.54 -12.79 19.62
CA ASP C 297 -42.14 -14.04 19.16
C ASP C 297 -41.24 -15.24 19.42
N ILE C 298 -40.31 -15.14 20.38
CA ILE C 298 -39.39 -16.22 20.74
C ILE C 298 -39.88 -16.76 22.09
N LYS C 299 -40.60 -17.88 22.04
CA LYS C 299 -41.25 -18.38 23.25
C LYS C 299 -40.25 -18.57 24.38
N SER C 300 -39.06 -19.08 24.07
CA SER C 300 -38.08 -19.35 25.12
C SER C 300 -37.48 -18.08 25.71
N PHE C 301 -37.76 -16.91 25.12
CA PHE C 301 -37.32 -15.62 25.67
C PHE C 301 -38.45 -14.88 26.39
N GLU C 302 -39.58 -15.54 26.65
CA GLU C 302 -40.81 -14.83 26.96
C GLU C 302 -40.64 -13.81 28.08
N ASN C 303 -40.09 -14.22 29.22
CA ASN C 303 -39.87 -13.28 30.33
C ASN C 303 -38.39 -12.99 30.56
N LYS C 304 -37.62 -12.80 29.48
CA LYS C 304 -36.21 -12.44 29.58
C LYS C 304 -36.03 -10.99 29.17
N LYS C 305 -34.94 -10.39 29.66
CA LYS C 305 -34.67 -8.97 29.52
C LYS C 305 -33.53 -8.75 28.53
N GLY C 306 -33.64 -7.68 27.76
CA GLY C 306 -32.52 -7.22 26.96
C GLY C 306 -32.77 -7.19 25.47
N GLY C 307 -31.70 -7.08 24.69
CA GLY C 307 -31.80 -6.98 23.25
C GLY C 307 -31.52 -8.30 22.56
N VAL C 308 -32.14 -8.50 21.43
CA VAL C 308 -32.07 -9.76 20.69
C VAL C 308 -31.06 -9.62 19.55
N SER C 309 -30.28 -10.68 19.35
CA SER C 309 -29.32 -10.82 18.27
C SER C 309 -29.62 -12.08 17.46
N GLY C 310 -28.97 -12.20 16.31
CA GLY C 310 -29.05 -13.42 15.52
C GLY C 310 -30.03 -13.38 14.36
N ALA C 311 -30.49 -14.57 13.97
CA ALA C 311 -31.27 -14.71 12.74
C ALA C 311 -32.53 -13.85 12.73
N LYS C 312 -33.16 -13.65 13.88
CA LYS C 312 -34.36 -12.84 13.93
C LYS C 312 -34.08 -11.34 13.78
N LEU C 313 -32.82 -10.95 13.83
CA LEU C 313 -32.43 -9.56 13.62
C LEU C 313 -32.01 -9.27 12.19
N LYS C 314 -31.94 -10.28 11.32
CA LYS C 314 -31.30 -10.08 10.03
C LYS C 314 -32.08 -9.12 9.15
N ASP C 315 -33.38 -9.36 8.97
CA ASP C 315 -34.13 -8.54 8.03
C ASP C 315 -34.26 -7.11 8.54
N ILE C 316 -34.44 -6.93 9.84
CA ILE C 316 -34.52 -5.60 10.43
C ILE C 316 -33.25 -4.82 10.15
N SER C 317 -32.09 -5.42 10.42
CA SER C 317 -30.84 -4.68 10.25
C SER C 317 -30.51 -4.44 8.77
N THR C 318 -30.83 -5.40 7.89
CA THR C 318 -30.59 -5.18 6.46
C THR C 318 -31.44 -4.02 5.91
N LYS C 319 -32.70 -3.95 6.31
CA LYS C 319 -33.50 -2.81 5.90
C LYS C 319 -32.91 -1.50 6.42
N PHE C 320 -32.43 -1.50 7.66
CA PHE C 320 -31.85 -0.29 8.27
C PHE C 320 -30.60 0.16 7.51
N ILE C 321 -29.81 -0.78 7.01
CA ILE C 321 -28.67 -0.45 6.15
C ILE C 321 -29.15 0.29 4.90
N CYS C 322 -30.09 -0.32 4.15
CA CYS C 322 -30.65 0.33 2.97
C CYS C 322 -31.08 1.75 3.29
N GLU C 323 -31.86 1.91 4.36
CA GLU C 323 -32.38 3.23 4.71
C GLU C 323 -31.25 4.22 4.95
N MET C 324 -30.27 3.85 5.77
CA MET C 324 -29.22 4.79 6.13
C MET C 324 -28.29 5.06 4.94
N TYR C 325 -27.98 4.03 4.16
CA TYR C 325 -27.21 4.23 2.94
C TYR C 325 -27.85 5.30 2.07
N ASN C 326 -29.17 5.27 1.94
CA ASN C 326 -29.83 6.25 1.10
C ASN C 326 -29.96 7.60 1.81
N TYR C 327 -30.17 7.60 3.13
CA TYR C 327 -30.30 8.88 3.84
C TYR C 327 -28.97 9.63 3.90
N THR C 328 -27.83 8.92 3.86
CA THR C 328 -26.52 9.56 3.83
C THR C 328 -25.98 9.67 2.41
N ASN C 329 -26.83 9.47 1.40
CA ASN C 329 -26.44 9.64 -0.01
C ASN C 329 -25.21 8.81 -0.37
N LYS C 330 -25.05 7.66 0.29
CA LYS C 330 -23.97 6.71 0.03
C LYS C 330 -22.58 7.26 0.37
N GLN C 331 -22.51 8.29 1.23
CA GLN C 331 -21.24 8.93 1.53
C GLN C 331 -20.59 8.43 2.80
N ILE C 332 -21.29 7.62 3.59
CA ILE C 332 -20.76 7.13 4.86
CA ILE C 332 -20.75 7.13 4.85
C ILE C 332 -20.62 5.60 4.80
N PRO C 333 -19.40 5.06 4.83
CA PRO C 333 -19.27 3.60 4.77
C PRO C 333 -19.94 2.92 5.96
N ILE C 334 -20.41 1.70 5.72
CA ILE C 334 -21.22 0.98 6.68
C ILE C 334 -20.54 -0.34 7.02
N ILE C 335 -20.51 -0.66 8.31
CA ILE C 335 -20.12 -1.97 8.81
C ILE C 335 -21.40 -2.67 9.23
N ALA C 336 -21.70 -3.82 8.62
CA ALA C 336 -22.94 -4.52 8.89
C ALA C 336 -22.81 -5.42 10.11
N SER C 337 -23.83 -5.44 10.94
CA SER C 337 -23.93 -6.32 12.09
C SER C 337 -25.40 -6.72 12.24
N GLY C 338 -25.66 -8.02 12.30
CA GLY C 338 -27.02 -8.49 12.51
C GLY C 338 -27.43 -9.68 11.67
N GLY C 339 -27.42 -10.86 12.28
CA GLY C 339 -27.98 -12.04 11.63
C GLY C 339 -27.19 -12.59 10.47
N ILE C 340 -25.90 -12.29 10.37
CA ILE C 340 -25.08 -12.81 9.29
C ILE C 340 -24.58 -14.20 9.69
N PHE C 341 -25.04 -15.22 8.98
CA PHE C 341 -24.58 -16.59 9.19
C PHE C 341 -23.97 -17.24 7.95
N SER C 342 -24.25 -16.74 6.76
CA SER C 342 -23.85 -17.43 5.54
C SER C 342 -23.27 -16.43 4.57
N GLY C 343 -22.65 -16.94 3.51
CA GLY C 343 -22.15 -16.05 2.48
C GLY C 343 -23.25 -15.24 1.84
N LEU C 344 -24.44 -15.84 1.72
CA LEU C 344 -25.59 -15.16 1.14
C LEU C 344 -26.08 -14.01 2.03
N ASP C 345 -26.16 -14.24 3.34
CA ASP C 345 -26.48 -13.15 4.25
C ASP C 345 -25.48 -12.02 4.09
N ALA C 346 -24.19 -12.36 4.00
CA ALA C 346 -23.14 -11.35 3.88
C ALA C 346 -23.32 -10.54 2.60
N LEU C 347 -23.55 -11.23 1.50
CA LEU C 347 -23.72 -10.52 0.24
C LEU C 347 -24.96 -9.63 0.28
N GLU C 348 -26.05 -10.09 0.92
CA GLU C 348 -27.23 -9.24 1.09
C GLU C 348 -26.85 -7.93 1.75
N LYS C 349 -26.05 -8.00 2.84
CA LYS C 349 -25.64 -6.79 3.55
C LYS C 349 -24.81 -5.90 2.65
N ILE C 350 -23.86 -6.50 1.94
CA ILE C 350 -22.95 -5.72 1.09
C ILE C 350 -23.75 -5.03 0.00
N GLU C 351 -24.67 -5.74 -0.62
CA GLU C 351 -25.45 -5.14 -1.70
C GLU C 351 -26.38 -4.05 -1.17
N ALA C 352 -26.77 -4.15 0.10
CA ALA C 352 -27.58 -3.13 0.73
C ALA C 352 -26.79 -1.87 1.04
N GLY C 353 -25.45 -1.95 1.06
CA GLY C 353 -24.64 -0.77 1.25
C GLY C 353 -23.47 -0.95 2.19
N ALA C 354 -23.31 -2.13 2.78
CA ALA C 354 -22.22 -2.37 3.70
C ALA C 354 -20.92 -2.65 2.95
N SER C 355 -19.81 -2.11 3.48
CA SER C 355 -18.48 -2.39 2.98
C SER C 355 -17.83 -3.60 3.66
N VAL C 356 -18.29 -3.96 4.86
CA VAL C 356 -17.63 -4.98 5.67
C VAL C 356 -18.67 -5.52 6.64
N CYS C 357 -18.44 -6.74 7.16
CA CYS C 357 -19.40 -7.46 7.97
C CYS C 357 -18.81 -7.86 9.31
N GLN C 358 -19.62 -7.80 10.37
CA GLN C 358 -19.23 -8.29 11.68
C GLN C 358 -20.10 -9.47 12.07
N LEU C 359 -19.48 -10.50 12.63
CA LEU C 359 -20.17 -11.67 13.13
C LEU C 359 -20.16 -11.68 14.65
N TYR C 360 -21.21 -12.24 15.21
CA TYR C 360 -21.28 -12.53 16.63
C TYR C 360 -22.04 -13.85 16.82
N SER C 361 -23.36 -13.81 16.60
CA SER C 361 -24.16 -15.04 16.75
C SER C 361 -23.60 -16.16 15.89
N CYS C 362 -23.10 -15.85 14.69
CA CYS C 362 -22.59 -16.92 13.83
C CYS C 362 -21.51 -17.72 14.56
N LEU C 363 -20.64 -17.03 15.29
CA LEU C 363 -19.61 -17.74 16.06
C LEU C 363 -20.25 -18.62 17.12
N VAL C 364 -21.32 -18.14 17.75
CA VAL C 364 -21.97 -18.90 18.82
C VAL C 364 -22.61 -20.16 18.27
N PHE C 365 -23.28 -20.08 17.11
CA PHE C 365 -24.06 -21.22 16.65
C PHE C 365 -23.33 -22.09 15.65
N ASN C 366 -22.30 -21.57 14.98
CA ASN C 366 -21.51 -22.31 14.00
C ASN C 366 -20.09 -22.62 14.48
N GLY C 367 -19.56 -21.86 15.44
CA GLY C 367 -18.35 -22.28 16.11
C GLY C 367 -17.07 -21.91 15.39
N MET C 368 -16.02 -22.69 15.65
CA MET C 368 -14.67 -22.36 15.19
C MET C 368 -14.59 -22.20 13.68
N LYS C 369 -15.43 -22.93 12.92
CA LYS C 369 -15.35 -22.95 11.46
C LYS C 369 -15.99 -21.72 10.80
N SER C 370 -16.49 -20.76 11.59
CA SER C 370 -17.37 -19.73 11.05
C SER C 370 -16.70 -18.89 9.98
N ALA C 371 -15.49 -18.39 10.24
CA ALA C 371 -14.86 -17.50 9.28
C ALA C 371 -14.41 -18.25 8.03
N VAL C 372 -13.79 -19.42 8.19
CA VAL C 372 -13.38 -20.22 7.02
C VAL C 372 -14.57 -20.50 6.13
N GLN C 373 -15.67 -20.98 6.72
CA GLN C 373 -16.84 -21.37 5.95
C GLN C 373 -17.45 -20.17 5.23
N ILE C 374 -17.64 -19.06 5.95
CA ILE C 374 -18.36 -17.95 5.34
C ILE C 374 -17.50 -17.27 4.28
N LYS C 375 -16.18 -17.22 4.46
CA LYS C 375 -15.32 -16.66 3.41
C LYS C 375 -15.39 -17.53 2.16
N ARG C 376 -15.40 -18.85 2.32
CA ARG C 376 -15.55 -19.75 1.18
C ARG C 376 -16.89 -19.54 0.49
N GLU C 377 -17.97 -19.45 1.27
CA GLU C 377 -19.28 -19.27 0.66
C GLU C 377 -19.35 -17.94 -0.08
N LEU C 378 -18.79 -16.88 0.50
CA LEU C 378 -18.88 -15.58 -0.15
C LEU C 378 -18.04 -15.55 -1.44
N ASN C 379 -16.86 -16.15 -1.44
CA ASN C 379 -16.06 -16.20 -2.66
C ASN C 379 -16.83 -16.90 -3.78
N HIS C 380 -17.48 -18.02 -3.47
CA HIS C 380 -18.22 -18.73 -4.52
C HIS C 380 -19.40 -17.91 -5.00
N LEU C 381 -20.07 -17.24 -4.06
CA LEU C 381 -21.22 -16.41 -4.40
C LEU C 381 -20.81 -15.24 -5.28
N LEU C 382 -19.69 -14.57 -4.96
CA LEU C 382 -19.23 -13.50 -5.82
C LEU C 382 -19.02 -14.01 -7.24
N TYR C 383 -18.45 -15.20 -7.37
CA TYR C 383 -18.24 -15.77 -8.69
C TYR C 383 -19.58 -16.04 -9.39
N GLN C 384 -20.53 -16.65 -8.68
CA GLN C 384 -21.74 -17.07 -9.37
C GLN C 384 -22.64 -15.86 -9.69
N ARG C 385 -22.57 -14.78 -8.91
CA ARG C 385 -23.29 -13.55 -9.26
C ARG C 385 -22.55 -12.68 -10.25
N GLY C 386 -21.37 -13.11 -10.70
CA GLY C 386 -20.70 -12.39 -11.78
C GLY C 386 -19.93 -11.16 -11.37
N TYR C 387 -19.60 -11.01 -10.08
CA TYR C 387 -18.80 -9.89 -9.62
C TYR C 387 -17.32 -10.17 -9.79
N TYR C 388 -16.57 -9.14 -10.19
CA TYR C 388 -15.13 -9.29 -10.30
C TYR C 388 -14.48 -9.24 -8.93
N ASN C 389 -14.98 -8.37 -8.05
CA ASN C 389 -14.52 -8.37 -6.68
C ASN C 389 -15.65 -7.88 -5.79
N LEU C 390 -15.39 -7.91 -4.49
CA LEU C 390 -16.41 -7.55 -3.51
C LEU C 390 -16.77 -6.08 -3.62
N LYS C 391 -15.79 -5.22 -3.83
CA LYS C 391 -16.09 -3.81 -3.89
C LYS C 391 -17.13 -3.50 -4.96
N GLU C 392 -17.15 -4.27 -6.04
CA GLU C 392 -18.15 -4.05 -7.08
C GLU C 392 -19.57 -4.28 -6.59
N ALA C 393 -19.73 -5.07 -5.54
CA ALA C 393 -21.05 -5.41 -5.05
C ALA C 393 -21.62 -4.39 -4.09
N ILE C 394 -20.78 -3.53 -3.50
CA ILE C 394 -21.23 -2.66 -2.42
C ILE C 394 -22.32 -1.75 -2.94
N GLY C 395 -23.52 -1.89 -2.38
CA GLY C 395 -24.62 -0.99 -2.70
C GLY C 395 -25.36 -1.32 -3.97
N ARG C 396 -25.08 -2.47 -4.56
CA ARG C 396 -25.62 -2.77 -5.88
C ARG C 396 -27.14 -2.90 -5.88
N LYS C 397 -27.74 -3.21 -4.73
CA LYS C 397 -29.21 -3.26 -4.66
C LYS C 397 -29.82 -1.95 -5.12
N HIS C 398 -29.13 -0.83 -4.89
CA HIS C 398 -29.65 0.50 -5.15
C HIS C 398 -29.24 1.05 -6.51
N SER C 399 -28.47 0.29 -7.28
CA SER C 399 -27.90 0.78 -8.54
C SER C 399 -28.94 0.91 -9.64
N TYR D 23 0.40 -22.15 24.86
CA TYR D 23 0.71 -23.22 23.93
C TYR D 23 1.64 -22.73 22.82
N ASN D 24 2.92 -23.12 22.94
CA ASN D 24 3.99 -22.62 22.08
C ASN D 24 4.84 -23.79 21.61
N PRO D 25 5.85 -23.56 20.76
CA PRO D 25 6.79 -24.66 20.43
C PRO D 25 7.62 -25.10 21.63
N GLU D 26 7.72 -24.28 22.67
CA GLU D 26 8.36 -24.64 23.93
C GLU D 26 7.32 -24.97 25.00
N PHE D 27 6.34 -25.79 24.65
CA PHE D 27 5.21 -26.03 25.55
C PHE D 27 5.58 -27.05 26.62
N PHE D 28 5.26 -26.71 27.88
CA PHE D 28 5.59 -27.56 29.03
C PHE D 28 5.41 -29.04 28.72
N LEU D 29 4.23 -29.41 28.23
CA LEU D 29 3.85 -30.81 28.25
C LEU D 29 4.59 -31.63 27.21
N TYR D 30 5.00 -31.02 26.09
CA TYR D 30 5.74 -31.77 25.10
C TYR D 30 7.12 -32.18 25.62
N ASP D 31 7.74 -31.37 26.47
CA ASP D 31 8.99 -31.77 27.08
C ASP D 31 8.79 -32.87 28.12
N ILE D 32 7.69 -32.82 28.87
CA ILE D 32 7.41 -33.86 29.85
C ILE D 32 7.20 -35.21 29.16
N PHE D 33 6.33 -35.22 28.15
CA PHE D 33 6.13 -36.45 27.37
C PHE D 33 7.44 -36.91 26.73
N LEU D 34 8.25 -35.99 26.22
CA LEU D 34 9.46 -36.41 25.54
C LEU D 34 10.37 -37.17 26.49
N LYS D 35 10.50 -36.70 27.75
CA LYS D 35 11.38 -37.35 28.71
C LYS D 35 10.98 -38.80 28.95
N PHE D 36 9.67 -39.05 29.08
CA PHE D 36 9.18 -40.41 29.25
C PHE D 36 9.48 -41.27 28.03
N CYS D 37 9.23 -40.73 26.83
CA CYS D 37 9.52 -41.47 25.61
C CYS D 37 11.00 -41.86 25.55
N LEU D 38 11.89 -40.90 25.78
CA LEU D 38 13.31 -41.20 25.65
C LEU D 38 13.75 -42.28 26.64
N LYS D 39 13.08 -42.37 27.78
CA LYS D 39 13.49 -43.32 28.80
C LYS D 39 12.86 -44.70 28.63
N TYR D 40 11.64 -44.78 28.10
CA TYR D 40 10.86 -46.00 28.20
C TYR D 40 10.32 -46.55 26.89
N ILE D 41 10.26 -45.79 25.80
CA ILE D 41 9.50 -46.20 24.62
C ILE D 41 10.44 -46.37 23.44
N ASP D 42 10.25 -47.47 22.70
CA ASP D 42 11.06 -47.75 21.53
C ASP D 42 11.13 -46.52 20.61
N GLY D 43 12.28 -46.37 19.95
CA GLY D 43 12.54 -45.14 19.22
C GLY D 43 11.63 -44.96 18.01
N GLU D 44 11.39 -46.03 17.25
CA GLU D 44 10.60 -45.86 16.03
C GLU D 44 9.13 -45.65 16.34
N ILE D 45 8.67 -46.19 17.47
CA ILE D 45 7.32 -45.88 17.95
C ILE D 45 7.17 -44.40 18.26
N CYS D 46 8.14 -43.84 18.98
CA CYS D 46 8.11 -42.40 19.26
C CYS D 46 8.07 -41.63 17.96
N HIS D 47 8.89 -42.04 17.00
CA HIS D 47 8.96 -41.33 15.72
C HIS D 47 7.62 -41.38 15.00
N ASP D 48 7.02 -42.56 14.92
CA ASP D 48 5.72 -42.67 14.29
C ASP D 48 4.65 -41.88 15.04
N LEU D 49 4.78 -41.74 16.37
CA LEU D 49 3.86 -40.86 17.10
C LEU D 49 4.07 -39.41 16.68
N PHE D 50 5.33 -38.97 16.60
CA PHE D 50 5.61 -37.63 16.11
C PHE D 50 4.95 -37.41 14.76
N LEU D 51 5.13 -38.36 13.85
CA LEU D 51 4.58 -38.19 12.50
C LEU D 51 3.05 -38.17 12.52
N LEU D 52 2.45 -38.89 13.46
CA LEU D 52 1.00 -38.89 13.56
C LEU D 52 0.49 -37.54 14.03
N LEU D 53 1.09 -37.01 15.09
CA LEU D 53 0.72 -35.68 15.54
C LEU D 53 0.89 -34.66 14.42
N GLY D 54 1.98 -34.77 13.67
CA GLY D 54 2.19 -33.86 12.55
C GLY D 54 1.14 -34.03 11.47
N LYS D 55 0.77 -35.27 11.16
CA LYS D 55 -0.26 -35.51 10.14
C LYS D 55 -1.61 -34.91 10.55
N TYR D 56 -1.96 -34.99 11.84
CA TYR D 56 -3.19 -34.37 12.33
C TYR D 56 -3.01 -32.89 12.65
N ASN D 57 -1.83 -32.34 12.40
CA ASN D 57 -1.55 -30.91 12.53
C ASN D 57 -1.83 -30.39 13.95
N ILE D 58 -1.42 -31.14 14.97
CA ILE D 58 -1.61 -30.68 16.34
C ILE D 58 -0.29 -30.30 16.99
N LEU D 59 0.79 -30.27 16.22
CA LEU D 59 2.07 -29.78 16.72
C LEU D 59 2.05 -28.25 16.80
N PRO D 60 2.87 -27.67 17.65
CA PRO D 60 2.89 -26.22 17.77
C PRO D 60 3.54 -25.55 16.57
N TYR D 61 3.20 -24.28 16.40
CA TYR D 61 3.68 -23.44 15.33
C TYR D 61 4.65 -22.40 15.89
N ASP D 62 5.64 -22.05 15.08
CA ASP D 62 6.45 -20.85 15.30
C ASP D 62 6.02 -19.86 14.22
N THR D 63 5.25 -18.88 14.63
CA THR D 63 4.73 -17.86 13.72
C THR D 63 5.47 -16.54 13.84
N SER D 64 6.64 -16.53 14.48
CA SER D 64 7.40 -15.30 14.63
C SER D 64 8.17 -14.99 13.36
N ASN D 65 8.44 -13.72 13.15
CA ASN D 65 9.27 -13.32 12.02
C ASN D 65 10.72 -13.68 12.32
N ASP D 66 11.34 -14.42 11.42
CA ASP D 66 12.75 -14.73 11.54
C ASP D 66 13.59 -13.49 11.27
N SER D 67 14.77 -13.44 11.90
CA SER D 67 15.63 -12.29 11.70
C SER D 67 16.11 -12.22 10.25
N ILE D 68 15.97 -11.06 9.63
CA ILE D 68 16.41 -10.94 8.26
C ILE D 68 17.92 -11.06 8.18
N TYR D 69 18.62 -10.93 9.30
CA TYR D 69 20.06 -10.99 9.29
C TYR D 69 20.59 -12.42 9.40
N ALA D 70 19.71 -13.41 9.44
CA ALA D 70 20.13 -14.80 9.48
C ALA D 70 19.56 -15.60 8.31
N CYS D 71 19.09 -14.93 7.28
CA CYS D 71 18.76 -15.66 6.06
CA CYS D 71 18.76 -15.60 6.03
C CYS D 71 20.05 -16.10 5.37
N THR D 72 19.90 -17.03 4.44
CA THR D 72 21.05 -17.53 3.72
C THR D 72 20.57 -18.04 2.37
N ASN D 73 21.51 -18.36 1.50
CA ASN D 73 21.14 -18.82 0.17
C ASN D 73 22.20 -19.76 -0.37
N ILE D 74 21.76 -20.67 -1.23
CA ILE D 74 22.64 -21.46 -2.06
C ILE D 74 22.20 -21.19 -3.49
N LYS D 75 23.05 -20.48 -4.23
CA LYS D 75 22.69 -19.98 -5.55
C LYS D 75 21.34 -19.27 -5.39
N HIS D 76 20.36 -19.52 -6.23
CA HIS D 76 19.11 -18.77 -6.17
C HIS D 76 18.17 -19.27 -5.09
N LEU D 77 18.55 -20.29 -4.35
CA LEU D 77 17.72 -20.82 -3.27
C LEU D 77 17.86 -19.94 -2.05
N ASP D 78 16.78 -19.25 -1.67
CA ASP D 78 16.79 -18.33 -0.53
C ASP D 78 16.13 -18.99 0.66
N PHE D 79 16.91 -19.23 1.71
CA PHE D 79 16.38 -19.82 2.94
C PHE D 79 16.02 -18.69 3.89
N ILE D 80 14.81 -18.74 4.47
CA ILE D 80 14.37 -17.65 5.35
C ILE D 80 15.10 -17.68 6.68
N ASN D 81 15.67 -18.82 7.02
CA ASN D 81 16.55 -18.99 8.16
C ASN D 81 17.46 -20.18 7.87
N PRO D 82 18.53 -20.37 8.60
CA PRO D 82 19.55 -21.34 8.21
C PRO D 82 19.31 -22.78 8.67
N PHE D 83 18.13 -23.14 9.17
CA PHE D 83 17.94 -24.44 9.78
C PHE D 83 16.88 -25.24 9.05
N GLY D 84 17.22 -26.46 8.66
CA GLY D 84 16.28 -27.37 8.06
C GLY D 84 16.33 -28.73 8.73
N VAL D 85 15.45 -29.60 8.25
CA VAL D 85 15.35 -30.96 8.74
C VAL D 85 15.97 -31.86 7.70
N ALA D 86 16.85 -32.74 8.15
CA ALA D 86 17.64 -33.58 7.27
C ALA D 86 16.80 -34.76 6.76
N ALA D 87 17.36 -35.44 5.76
CA ALA D 87 16.69 -36.58 5.17
C ALA D 87 16.59 -37.70 6.20
N GLY D 88 15.60 -38.57 6.00
CA GLY D 88 15.39 -39.70 6.87
C GLY D 88 14.44 -39.44 8.02
N PHE D 89 13.94 -38.23 8.17
CA PHE D 89 13.04 -37.86 9.27
C PHE D 89 11.61 -38.02 8.84
N ASP D 90 11.23 -37.34 7.74
CA ASP D 90 9.97 -37.56 7.06
C ASP D 90 10.27 -38.20 5.72
N LYS D 91 10.55 -39.51 5.76
CA LYS D 91 10.96 -40.24 4.56
C LYS D 91 9.94 -40.15 3.44
N ASN D 92 8.65 -40.08 3.77
CA ASN D 92 7.56 -40.22 2.82
C ASN D 92 6.79 -38.93 2.56
N GLY D 93 7.24 -37.81 3.12
CA GLY D 93 6.54 -36.54 2.97
C GLY D 93 5.12 -36.54 3.50
N VAL D 94 4.89 -37.14 4.67
CA VAL D 94 3.53 -37.28 5.17
C VAL D 94 3.13 -36.15 6.10
N CYS D 95 4.08 -35.37 6.61
CA CYS D 95 3.72 -34.18 7.38
C CYS D 95 4.80 -33.13 7.19
N ILE D 96 5.07 -32.82 5.92
CA ILE D 96 5.96 -31.72 5.56
C ILE D 96 5.51 -30.42 6.23
N ASP D 97 4.23 -30.09 6.12
CA ASP D 97 3.75 -28.80 6.62
C ASP D 97 4.05 -28.63 8.11
N SER D 98 3.72 -29.64 8.91
CA SER D 98 3.80 -29.47 10.36
C SER D 98 5.25 -29.37 10.82
N ILE D 99 6.16 -30.09 10.17
CA ILE D 99 7.56 -29.99 10.55
C ILE D 99 8.12 -28.61 10.20
N LEU D 100 7.77 -28.10 9.02
CA LEU D 100 8.25 -26.77 8.65
C LEU D 100 7.74 -25.71 9.63
N LYS D 101 6.49 -25.83 10.06
CA LYS D 101 5.91 -24.82 10.92
C LYS D 101 6.47 -24.83 12.33
N LEU D 102 7.26 -25.84 12.69
CA LEU D 102 8.02 -25.77 13.94
C LEU D 102 9.05 -24.66 13.92
N GLY D 103 9.36 -24.10 12.75
CA GLY D 103 10.28 -22.99 12.65
C GLY D 103 11.45 -23.22 11.71
N PHE D 104 11.43 -24.31 10.96
CA PHE D 104 12.48 -24.64 10.01
C PHE D 104 12.22 -24.00 8.66
N SER D 105 13.29 -23.74 7.93
CA SER D 105 13.15 -23.10 6.62
C SER D 105 13.06 -24.10 5.48
N PHE D 106 13.48 -25.34 5.71
CA PHE D 106 13.42 -26.35 4.67
C PHE D 106 13.43 -27.73 5.28
N ILE D 107 13.12 -28.70 4.43
CA ILE D 107 13.16 -30.09 4.80
C ILE D 107 13.57 -30.88 3.57
N GLU D 108 14.31 -31.95 3.81
CA GLU D 108 14.73 -32.88 2.78
C GLU D 108 13.95 -34.15 3.06
N ILE D 109 13.04 -34.50 2.16
CA ILE D 109 12.28 -35.74 2.32
C ILE D 109 13.02 -36.87 1.62
N GLY D 110 12.62 -38.09 1.94
CA GLY D 110 13.36 -39.26 1.51
C GLY D 110 14.34 -39.68 2.60
N THR D 111 15.32 -40.51 2.23
CA THR D 111 15.60 -40.91 0.86
C THR D 111 14.52 -41.85 0.32
N ILE D 112 14.12 -41.64 -0.93
CA ILE D 112 13.14 -42.48 -1.58
C ILE D 112 13.84 -43.32 -2.65
N THR D 113 13.21 -44.43 -2.98
CA THR D 113 13.61 -45.33 -4.04
C THR D 113 12.46 -45.49 -5.01
N PRO D 114 12.72 -45.96 -6.25
CA PRO D 114 11.63 -46.02 -7.22
C PRO D 114 10.48 -46.90 -6.75
N ARG D 115 10.79 -48.05 -6.17
CA ARG D 115 9.81 -49.00 -5.67
C ARG D 115 9.81 -48.95 -4.14
N GLY D 116 8.62 -49.03 -3.55
CA GLY D 116 8.54 -49.08 -2.10
C GLY D 116 9.32 -50.23 -1.49
N GLN D 117 9.82 -50.00 -0.28
CA GLN D 117 10.68 -50.95 0.40
C GLN D 117 10.36 -51.00 1.89
N THR D 118 10.53 -52.18 2.46
CA THR D 118 10.26 -52.38 3.89
C THR D 118 11.44 -51.98 4.76
N GLY D 119 12.66 -52.06 4.23
CA GLY D 119 13.84 -51.86 5.03
C GLY D 119 14.16 -53.08 5.86
N ASN D 120 15.22 -52.96 6.65
CA ASN D 120 15.69 -54.07 7.44
C ASN D 120 14.74 -54.34 8.59
N ALA D 121 14.92 -55.51 9.21
CA ALA D 121 13.98 -55.96 10.24
C ALA D 121 14.08 -55.08 11.49
N LYS D 122 12.94 -54.91 12.16
CA LYS D 122 12.88 -54.17 13.41
C LYS D 122 13.33 -55.05 14.58
N PRO D 123 13.80 -54.44 15.70
CA PRO D 123 14.14 -53.02 15.88
C PRO D 123 15.42 -52.67 15.13
N ARG D 124 15.49 -51.44 14.65
CA ARG D 124 16.61 -51.03 13.80
C ARG D 124 17.10 -49.64 14.12
N ILE D 125 16.61 -49.02 15.19
CA ILE D 125 17.04 -47.69 15.61
C ILE D 125 17.18 -47.72 17.12
N PHE D 126 18.31 -47.25 17.61
CA PHE D 126 18.56 -47.20 19.05
C PHE D 126 19.13 -45.83 19.40
N ARG D 127 18.72 -45.34 20.57
CA ARG D 127 19.14 -44.04 21.08
C ARG D 127 19.96 -44.23 22.35
N ASP D 128 20.99 -43.42 22.53
CA ASP D 128 21.72 -43.35 23.80
C ASP D 128 21.60 -41.91 24.27
N VAL D 129 20.81 -41.69 25.32
CA VAL D 129 20.49 -40.33 25.72
C VAL D 129 21.70 -39.64 26.30
N GLU D 130 22.52 -40.38 27.06
CA GLU D 130 23.63 -39.75 27.76
C GLU D 130 24.57 -39.06 26.78
N SER D 131 24.90 -39.72 25.67
CA SER D 131 25.79 -39.15 24.66
C SER D 131 25.03 -38.48 23.52
N ARG D 132 23.70 -38.43 23.58
CA ARG D 132 22.88 -37.77 22.55
C ARG D 132 23.21 -38.31 21.15
N SER D 133 23.26 -39.63 21.05
CA SER D 133 23.65 -40.31 19.84
C SER D 133 22.58 -41.32 19.43
N ILE D 134 22.51 -41.57 18.14
CA ILE D 134 21.58 -42.53 17.56
C ILE D 134 22.38 -43.46 16.66
N ILE D 135 21.91 -44.69 16.55
CA ILE D 135 22.43 -45.65 15.57
C ILE D 135 21.23 -46.27 14.85
N ASN D 136 21.35 -46.42 13.54
CA ASN D 136 20.23 -46.93 12.75
C ASN D 136 20.74 -47.86 11.66
N SER D 137 19.90 -48.83 11.32
CA SER D 137 20.07 -49.70 10.17
C SER D 137 18.73 -49.81 9.43
N CYS D 138 18.14 -48.68 9.07
CA CYS D 138 16.79 -48.71 8.50
C CYS D 138 16.74 -49.45 7.18
N GLY D 139 17.65 -49.12 6.26
CA GLY D 139 17.69 -49.78 4.98
C GLY D 139 16.80 -49.16 3.93
N PHE D 140 16.60 -47.84 3.97
CA PHE D 140 15.79 -47.14 2.98
C PHE D 140 14.35 -47.66 2.95
N ASN D 141 13.76 -47.81 4.13
CA ASN D 141 12.32 -48.04 4.17
C ASN D 141 11.62 -46.79 3.67
N ASN D 142 10.67 -46.96 2.75
CA ASN D 142 9.92 -45.82 2.22
C ASN D 142 8.82 -46.37 1.32
N MET D 143 7.81 -45.55 1.07
CA MET D 143 6.66 -45.95 0.27
C MET D 143 6.91 -45.94 -1.24
N GLY D 144 8.06 -45.45 -1.69
CA GLY D 144 8.32 -45.47 -3.11
C GLY D 144 7.99 -44.16 -3.81
N CYS D 145 8.73 -43.91 -4.90
CA CYS D 145 8.75 -42.59 -5.53
C CYS D 145 7.37 -42.17 -6.03
N ASP D 146 6.59 -43.09 -6.56
CA ASP D 146 5.29 -42.71 -7.09
C ASP D 146 4.36 -42.22 -5.97
N LYS D 147 4.39 -42.88 -4.83
CA LYS D 147 3.50 -42.49 -3.74
C LYS D 147 4.03 -41.24 -3.04
N VAL D 148 5.34 -41.17 -2.79
CA VAL D 148 5.92 -39.99 -2.17
C VAL D 148 5.73 -38.78 -3.07
N THR D 149 5.78 -38.98 -4.39
CA THR D 149 5.45 -37.90 -5.33
C THR D 149 4.03 -37.39 -5.10
N GLU D 150 3.07 -38.31 -4.95
CA GLU D 150 1.70 -37.88 -4.70
C GLU D 150 1.59 -37.07 -3.42
N ASN D 151 2.32 -37.47 -2.36
CA ASN D 151 2.34 -36.67 -1.14
C ASN D 151 2.94 -35.29 -1.37
N LEU D 152 4.01 -35.22 -2.15
CA LEU D 152 4.65 -33.93 -2.37
C LEU D 152 3.79 -33.03 -3.24
N ILE D 153 3.07 -33.60 -4.21
CA ILE D 153 2.15 -32.79 -5.00
C ILE D 153 1.07 -32.18 -4.11
N LEU D 154 0.56 -32.96 -3.15
CA LEU D 154 -0.45 -32.43 -2.24
C LEU D 154 0.12 -31.34 -1.36
N PHE D 155 1.36 -31.51 -0.89
CA PHE D 155 1.96 -30.40 -0.16
C PHE D 155 2.04 -29.16 -1.03
N ARG D 156 2.50 -29.29 -2.27
CA ARG D 156 2.69 -28.11 -3.12
C ARG D 156 1.37 -27.39 -3.36
N LYS D 157 0.27 -28.13 -3.45
CA LYS D 157 -1.02 -27.48 -3.63
C LYS D 157 -1.49 -26.78 -2.36
N ARG D 158 -1.16 -27.31 -1.17
CA ARG D 158 -1.44 -26.58 0.07
C ARG D 158 -0.55 -25.36 0.18
N GLN D 159 0.73 -25.49 -0.22
CA GLN D 159 1.69 -24.40 -0.09
C GLN D 159 1.24 -23.18 -0.86
N GLU D 160 0.67 -23.38 -2.05
CA GLU D 160 0.15 -22.29 -2.86
C GLU D 160 -0.94 -21.51 -2.16
N GLU D 161 -1.53 -22.09 -1.13
CA GLU D 161 -2.65 -21.47 -0.44
C GLU D 161 -2.33 -21.05 1.00
N ASP D 162 -1.14 -21.38 1.53
CA ASP D 162 -0.83 -21.28 2.95
C ASP D 162 0.10 -20.09 3.22
N LYS D 163 -0.39 -19.10 3.98
CA LYS D 163 0.38 -17.90 4.34
C LYS D 163 1.74 -18.22 4.94
N LEU D 164 1.85 -19.30 5.68
CA LEU D 164 3.07 -19.54 6.44
C LEU D 164 4.17 -20.22 5.63
N LEU D 165 3.84 -20.87 4.51
CA LEU D 165 4.81 -21.75 3.85
C LEU D 165 5.25 -21.30 2.45
N SER D 166 4.87 -20.09 2.01
CA SER D 166 5.06 -19.72 0.62
C SER D 166 6.55 -19.71 0.20
N LYS D 167 7.45 -19.51 1.16
CA LYS D 167 8.88 -19.39 0.87
C LYS D 167 9.68 -20.57 1.42
N HIS D 168 9.02 -21.58 1.97
CA HIS D 168 9.75 -22.72 2.49
C HIS D 168 10.18 -23.62 1.34
N ILE D 169 11.28 -24.32 1.56
CA ILE D 169 12.01 -25.06 0.55
C ILE D 169 11.85 -26.54 0.88
N VAL D 170 11.59 -27.36 -0.14
CA VAL D 170 11.56 -28.81 0.03
C VAL D 170 12.49 -29.44 -0.99
N GLY D 171 13.45 -30.23 -0.50
CA GLY D 171 14.27 -31.06 -1.35
C GLY D 171 13.87 -32.51 -1.22
N VAL D 172 14.37 -33.32 -2.15
CA VAL D 172 14.10 -34.74 -2.20
C VAL D 172 15.43 -35.48 -2.28
N SER D 173 15.64 -36.41 -1.36
CA SER D 173 16.78 -37.32 -1.42
C SER D 173 16.37 -38.57 -2.18
N ILE D 174 17.23 -39.01 -3.11
CA ILE D 174 16.90 -40.14 -3.96
C ILE D 174 18.02 -41.16 -3.89
N GLY D 175 17.64 -42.43 -3.98
CA GLY D 175 18.56 -43.53 -3.82
C GLY D 175 18.18 -44.71 -4.68
N LYS D 176 18.61 -45.90 -4.29
CA LYS D 176 18.52 -47.10 -5.10
C LYS D 176 17.76 -48.18 -4.34
N ASN D 177 16.90 -48.88 -5.06
CA ASN D 177 16.28 -50.08 -4.50
C ASN D 177 17.37 -51.10 -4.20
N LYS D 178 17.12 -51.90 -3.15
CA LYS D 178 18.20 -52.72 -2.58
C LYS D 178 18.81 -53.65 -3.61
N ASP D 179 17.99 -54.19 -4.52
CA ASP D 179 18.47 -55.19 -5.48
C ASP D 179 18.65 -54.62 -6.89
N THR D 180 18.30 -53.36 -7.12
CA THR D 180 18.63 -52.74 -8.41
C THR D 180 20.12 -52.89 -8.67
N VAL D 181 20.48 -53.14 -9.93
CA VAL D 181 21.88 -53.42 -10.25
C VAL D 181 22.65 -52.13 -10.48
N ASN D 182 22.18 -51.22 -11.35
CA ASN D 182 22.87 -49.96 -11.58
C ASN D 182 22.08 -48.78 -11.02
N ILE D 183 22.74 -47.98 -10.19
CA ILE D 183 22.05 -46.93 -9.45
C ILE D 183 21.47 -45.90 -10.41
N VAL D 184 22.17 -45.62 -11.51
CA VAL D 184 21.75 -44.53 -12.38
C VAL D 184 20.35 -44.74 -12.91
N ASP D 185 19.98 -46.00 -13.18
CA ASP D 185 18.64 -46.28 -13.69
C ASP D 185 17.55 -45.88 -12.69
N ASP D 186 17.78 -46.13 -11.40
CA ASP D 186 16.78 -45.78 -10.39
C ASP D 186 16.75 -44.28 -10.16
N LEU D 187 17.91 -43.62 -10.17
CA LEU D 187 17.90 -42.16 -10.03
C LEU D 187 17.10 -41.53 -11.15
N LYS D 188 17.28 -42.00 -12.38
CA LYS D 188 16.55 -41.42 -13.51
C LYS D 188 15.05 -41.59 -13.34
N TYR D 189 14.61 -42.73 -12.82
CA TYR D 189 13.17 -42.92 -12.61
C TYR D 189 12.63 -41.88 -11.63
N CYS D 190 13.36 -41.63 -10.55
CA CYS D 190 12.88 -40.70 -9.53
C CYS D 190 12.83 -39.27 -10.08
N ILE D 191 13.90 -38.84 -10.76
CA ILE D 191 13.94 -37.48 -11.30
C ILE D 191 12.77 -37.26 -12.25
N ASN D 192 12.53 -38.21 -13.15
CA ASN D 192 11.44 -38.00 -14.09
C ASN D 192 10.08 -38.03 -13.41
N LYS D 193 9.97 -38.66 -12.25
CA LYS D 193 8.70 -38.71 -11.54
C LYS D 193 8.50 -37.52 -10.59
N ILE D 194 9.49 -37.21 -9.75
CA ILE D 194 9.32 -36.23 -8.68
C ILE D 194 10.14 -34.97 -8.91
N GLY D 195 11.01 -34.95 -9.92
CA GLY D 195 11.94 -33.83 -10.06
C GLY D 195 11.27 -32.48 -10.21
N ARG D 196 10.13 -32.42 -10.92
CA ARG D 196 9.53 -31.12 -11.14
C ARG D 196 8.91 -30.50 -9.88
N TYR D 197 8.78 -31.26 -8.79
CA TYR D 197 8.20 -30.74 -7.57
C TYR D 197 9.23 -30.46 -6.49
N ALA D 198 10.51 -30.67 -6.80
CA ALA D 198 11.60 -30.50 -5.86
C ALA D 198 12.29 -29.15 -6.07
N ASP D 199 12.68 -28.50 -4.97
CA ASP D 199 13.52 -27.31 -5.08
C ASP D 199 14.98 -27.69 -5.24
N TYR D 200 15.36 -28.85 -4.73
CA TYR D 200 16.65 -29.46 -4.98
C TYR D 200 16.52 -30.97 -4.86
N ILE D 201 17.48 -31.65 -5.49
CA ILE D 201 17.61 -33.10 -5.45
C ILE D 201 18.90 -33.43 -4.72
N ALA D 202 18.81 -34.27 -3.70
CA ALA D 202 19.98 -34.77 -2.99
C ALA D 202 20.25 -36.20 -3.48
N ILE D 203 21.42 -36.39 -4.09
CA ILE D 203 21.89 -37.73 -4.47
C ILE D 203 22.52 -38.36 -3.24
N ASN D 204 21.95 -39.45 -2.76
CA ASN D 204 22.44 -40.13 -1.56
C ASN D 204 23.34 -41.29 -1.99
N VAL D 205 24.66 -41.10 -1.90
CA VAL D 205 25.62 -42.17 -2.12
C VAL D 205 26.40 -42.47 -0.84
N SER D 206 25.78 -42.21 0.32
CA SER D 206 26.50 -42.25 1.58
C SER D 206 25.83 -43.09 2.66
N SER D 207 24.67 -43.69 2.40
CA SER D 207 24.07 -44.53 3.42
C SER D 207 25.02 -45.66 3.79
N PRO D 208 25.19 -45.97 5.07
CA PRO D 208 25.97 -47.15 5.48
C PRO D 208 25.18 -48.44 5.48
N ASN D 209 23.87 -48.39 5.21
CA ASN D 209 23.00 -49.53 5.40
C ASN D 209 22.47 -50.11 4.11
N THR D 210 23.03 -49.72 2.96
CA THR D 210 22.74 -50.39 1.69
C THR D 210 24.04 -50.95 1.14
N PRO D 211 24.22 -52.27 1.07
CA PRO D 211 25.51 -52.82 0.64
C PRO D 211 25.99 -52.20 -0.66
N GLY D 212 27.26 -51.79 -0.68
CA GLY D 212 27.91 -51.28 -1.88
C GLY D 212 27.62 -49.84 -2.22
N LEU D 213 26.76 -49.15 -1.46
CA LEU D 213 26.38 -47.80 -1.84
C LEU D 213 27.55 -46.82 -1.67
N ARG D 214 28.31 -46.94 -0.58
CA ARG D 214 29.37 -45.97 -0.34
C ARG D 214 30.50 -46.09 -1.36
N ASP D 215 30.61 -47.22 -2.07
CA ASP D 215 31.61 -47.33 -3.12
C ASP D 215 31.30 -46.45 -4.33
N ASN D 216 30.08 -45.91 -4.43
CA ASN D 216 29.73 -44.97 -5.49
C ASN D 216 30.36 -43.61 -5.31
N GLN D 217 30.99 -43.35 -4.16
CA GLN D 217 31.72 -42.12 -3.95
C GLN D 217 33.11 -42.18 -4.58
N GLU D 218 33.54 -43.33 -5.09
CA GLU D 218 34.72 -43.37 -5.94
C GLU D 218 34.53 -42.42 -7.11
N ALA D 219 35.58 -41.68 -7.45
CA ALA D 219 35.48 -40.56 -8.38
C ALA D 219 34.80 -40.97 -9.69
N GLY D 220 35.32 -42.00 -10.35
CA GLY D 220 34.80 -42.36 -11.65
C GLY D 220 33.31 -42.65 -11.65
N LYS D 221 32.83 -43.30 -10.59
CA LYS D 221 31.41 -43.62 -10.51
C LYS D 221 30.61 -42.38 -10.10
N LEU D 222 31.16 -41.58 -9.19
CA LEU D 222 30.48 -40.37 -8.75
C LEU D 222 30.27 -39.42 -9.92
N LYS D 223 31.25 -39.32 -10.83
CA LYS D 223 31.14 -38.34 -11.91
C LYS D 223 30.01 -38.71 -12.87
N ASN D 224 29.91 -39.98 -13.24
CA ASN D 224 28.83 -40.37 -14.14
C ASN D 224 27.48 -40.23 -13.46
N ILE D 225 27.41 -40.55 -12.17
CA ILE D 225 26.15 -40.41 -11.44
C ILE D 225 25.68 -38.96 -11.49
N ILE D 226 26.57 -38.03 -11.18
CA ILE D 226 26.19 -36.63 -11.18
C ILE D 226 25.73 -36.21 -12.57
N LEU D 227 26.56 -36.49 -13.58
CA LEU D 227 26.23 -36.02 -14.91
C LEU D 227 24.93 -36.62 -15.42
N SER D 228 24.63 -37.86 -15.03
CA SER D 228 23.39 -38.49 -15.44
C SER D 228 22.20 -37.78 -14.83
N VAL D 229 22.26 -37.52 -13.52
CA VAL D 229 21.20 -36.82 -12.84
C VAL D 229 21.01 -35.42 -13.42
N LYS D 230 22.12 -34.72 -13.66
CA LYS D 230 21.99 -33.38 -14.21
C LYS D 230 21.41 -33.42 -15.60
N GLU D 231 21.75 -34.46 -16.37
CA GLU D 231 21.21 -34.61 -17.72
C GLU D 231 19.72 -34.91 -17.69
N GLU D 232 19.27 -35.73 -16.73
CA GLU D 232 17.83 -35.99 -16.66
C GLU D 232 17.08 -34.72 -16.30
N ILE D 233 17.64 -33.91 -15.39
CA ILE D 233 16.95 -32.71 -14.95
C ILE D 233 16.83 -31.71 -16.09
N ASP D 234 17.88 -31.57 -16.90
CA ASP D 234 17.87 -30.63 -18.01
C ASP D 234 16.97 -31.08 -19.16
N ASN D 235 16.64 -32.37 -19.23
CA ASN D 235 15.72 -32.86 -20.25
C ASN D 235 14.26 -32.82 -19.80
N LEU D 236 14.01 -32.53 -18.53
CA LEU D 236 12.63 -32.47 -18.04
C LEU D 236 11.84 -31.39 -18.75
N GLU D 237 12.47 -30.26 -19.07
CA GLU D 237 11.76 -29.25 -19.86
C GLU D 237 11.61 -29.70 -21.31
N LYS D 238 12.70 -30.19 -21.91
CA LYS D 238 12.63 -30.67 -23.28
C LYS D 238 11.51 -31.69 -23.47
N ASN D 239 11.38 -32.63 -22.52
CA ASN D 239 10.39 -33.69 -22.65
C ASN D 239 9.00 -33.25 -22.19
N ASN D 240 8.90 -32.16 -21.46
CA ASN D 240 7.60 -31.62 -21.05
C ASN D 240 7.39 -30.26 -21.73
N PHE D 246 4.17 -23.40 -15.04
CA PHE D 246 3.54 -24.72 -15.14
C PHE D 246 4.51 -25.85 -14.78
N LEU D 247 5.68 -25.88 -15.43
CA LEU D 247 6.53 -27.07 -15.34
C LEU D 247 7.11 -27.26 -13.95
N TRP D 248 7.69 -26.20 -13.37
CA TRP D 248 8.33 -26.32 -12.06
C TRP D 248 7.29 -26.00 -10.99
N PHE D 249 6.77 -27.04 -10.36
CA PHE D 249 5.73 -26.89 -9.35
C PHE D 249 6.36 -27.04 -7.98
N ASN D 250 7.19 -26.04 -7.66
CA ASN D 250 8.00 -26.00 -6.47
C ASN D 250 8.04 -24.56 -5.95
N THR D 251 8.95 -24.27 -5.02
CA THR D 251 9.02 -22.93 -4.46
C THR D 251 9.73 -21.94 -5.39
N THR D 252 10.81 -22.38 -6.02
CA THR D 252 11.60 -21.48 -6.85
C THR D 252 10.97 -21.21 -8.21
N LYS D 253 10.09 -22.09 -8.68
CA LYS D 253 9.63 -22.04 -10.06
C LYS D 253 10.80 -22.18 -11.01
N LYS D 254 11.83 -22.90 -10.55
CA LYS D 254 13.00 -23.14 -11.36
C LYS D 254 13.43 -24.59 -11.22
N LYS D 255 14.23 -25.02 -12.19
CA LYS D 255 14.91 -26.31 -12.20
C LYS D 255 15.50 -26.62 -10.82
N PRO D 256 15.33 -27.82 -10.29
CA PRO D 256 15.93 -28.12 -8.99
C PRO D 256 17.44 -28.10 -9.06
N LEU D 257 18.04 -27.59 -8.00
CA LEU D 257 19.48 -27.72 -7.82
C LEU D 257 19.83 -29.17 -7.48
N VAL D 258 21.10 -29.52 -7.69
CA VAL D 258 21.58 -30.88 -7.46
C VAL D 258 22.65 -30.85 -6.38
N PHE D 259 22.44 -31.62 -5.31
CA PHE D 259 23.38 -31.78 -4.22
C PHE D 259 23.81 -33.23 -4.12
N VAL D 260 24.98 -33.46 -3.54
CA VAL D 260 25.47 -34.81 -3.26
C VAL D 260 25.69 -34.90 -1.75
N LYS D 261 25.23 -35.99 -1.15
CA LYS D 261 25.41 -36.20 0.27
C LYS D 261 26.52 -37.21 0.48
N LEU D 262 27.52 -36.83 1.27
CA LEU D 262 28.75 -37.58 1.38
C LEU D 262 28.85 -38.26 2.73
N ALA D 263 29.54 -39.40 2.74
CA ALA D 263 29.84 -40.17 3.94
C ALA D 263 31.10 -39.62 4.59
N PRO D 264 31.17 -39.59 5.91
CA PRO D 264 32.36 -39.06 6.59
C PRO D 264 33.55 -40.02 6.60
N ASP D 265 33.34 -41.30 6.29
CA ASP D 265 34.38 -42.32 6.41
C ASP D 265 35.11 -42.44 5.08
N LEU D 266 36.04 -41.52 4.84
CA LEU D 266 36.83 -41.49 3.62
C LEU D 266 38.25 -41.06 3.94
N ASN D 267 39.19 -41.41 3.05
CA ASN D 267 40.57 -40.98 3.17
C ASN D 267 40.73 -39.55 2.66
N GLN D 268 41.88 -38.95 3.00
CA GLN D 268 42.23 -37.66 2.42
C GLN D 268 42.30 -37.75 0.91
N GLU D 269 42.85 -38.85 0.39
CA GLU D 269 42.95 -39.00 -1.06
C GLU D 269 41.56 -39.17 -1.66
N GLN D 270 40.70 -39.95 -1.01
CA GLN D 270 39.32 -40.09 -1.47
C GLN D 270 38.60 -38.74 -1.47
N LYS D 271 38.76 -37.98 -0.39
CA LYS D 271 38.12 -36.68 -0.33
C LYS D 271 38.65 -35.77 -1.44
N LYS D 272 39.96 -35.82 -1.68
CA LYS D 272 40.56 -34.93 -2.67
C LYS D 272 40.02 -35.22 -4.07
N GLU D 273 39.84 -36.49 -4.42
CA GLU D 273 39.36 -36.80 -5.76
C GLU D 273 37.86 -36.54 -5.90
N ILE D 274 37.09 -36.73 -4.82
CA ILE D 274 35.68 -36.34 -4.84
C ILE D 274 35.55 -34.84 -5.09
N ALA D 275 36.32 -34.05 -4.34
CA ALA D 275 36.34 -32.61 -4.55
C ALA D 275 36.55 -32.27 -6.03
N ASP D 276 37.57 -32.86 -6.65
CA ASP D 276 37.84 -32.58 -8.06
C ASP D 276 36.64 -32.93 -8.93
N VAL D 277 35.95 -34.04 -8.63
CA VAL D 277 34.76 -34.41 -9.38
C VAL D 277 33.67 -33.36 -9.18
N LEU D 278 33.46 -32.92 -7.95
CA LEU D 278 32.39 -31.96 -7.69
C LEU D 278 32.65 -30.65 -8.44
N LEU D 279 33.91 -30.22 -8.48
CA LEU D 279 34.25 -29.03 -9.26
C LEU D 279 34.09 -29.29 -10.75
N GLU D 280 34.53 -30.46 -11.22
CA GLU D 280 34.43 -30.81 -12.64
C GLU D 280 32.99 -30.74 -13.13
N THR D 281 32.06 -31.29 -12.36
CA THR D 281 30.67 -31.42 -12.77
C THR D 281 29.81 -30.22 -12.40
N ASN D 282 30.40 -29.21 -11.76
CA ASN D 282 29.66 -28.02 -11.33
C ASN D 282 28.43 -28.39 -10.52
N ILE D 283 28.62 -29.22 -9.49
CA ILE D 283 27.50 -29.54 -8.63
C ILE D 283 27.12 -28.29 -7.85
N ASP D 284 25.84 -28.19 -7.49
CA ASP D 284 25.30 -27.01 -6.82
C ASP D 284 25.58 -26.96 -5.31
N GLY D 285 25.84 -28.10 -4.68
CA GLY D 285 26.16 -28.10 -3.26
C GLY D 285 26.50 -29.50 -2.81
N MET D 286 27.04 -29.58 -1.62
CA MET D 286 27.41 -30.87 -1.03
C MET D 286 26.89 -30.89 0.40
N ILE D 287 26.25 -31.99 0.78
CA ILE D 287 25.74 -32.16 2.13
C ILE D 287 26.75 -32.97 2.90
N ILE D 288 27.31 -32.38 3.94
CA ILE D 288 28.40 -32.94 4.73
C ILE D 288 27.89 -32.96 6.16
N SER D 289 27.51 -34.13 6.68
CA SER D 289 27.67 -35.43 6.08
C SER D 289 26.61 -36.38 6.59
N ASN D 290 26.68 -37.60 6.09
CA ASN D 290 25.82 -38.70 6.52
C ASN D 290 26.36 -39.28 7.83
N THR D 291 25.77 -40.39 8.28
CA THR D 291 26.21 -41.03 9.51
C THR D 291 27.55 -41.75 9.32
N THR D 292 28.16 -42.09 10.44
CA THR D 292 29.50 -42.67 10.46
C THR D 292 29.45 -44.08 11.01
N THR D 293 30.44 -44.88 10.60
CA THR D 293 30.65 -46.21 11.14
C THR D 293 31.86 -46.28 12.07
N GLN D 294 32.53 -45.15 12.34
CA GLN D 294 33.77 -45.18 13.08
C GLN D 294 33.55 -45.27 14.58
N ILE D 295 32.46 -44.70 15.09
CA ILE D 295 32.30 -44.50 16.52
C ILE D 295 32.06 -45.85 17.20
N ASN D 296 33.07 -46.33 17.91
CA ASN D 296 33.01 -47.56 18.69
C ASN D 296 32.83 -47.29 20.17
N ASP D 297 32.77 -46.03 20.58
CA ASP D 297 32.90 -45.64 21.98
C ASP D 297 31.66 -45.94 22.82
N ILE D 298 30.49 -46.11 22.20
CA ILE D 298 29.23 -46.08 22.93
C ILE D 298 28.88 -47.50 23.36
N LYS D 299 29.15 -47.80 24.64
CA LYS D 299 28.97 -49.16 25.14
C LYS D 299 27.58 -49.70 24.82
N SER D 300 26.56 -48.84 24.87
CA SER D 300 25.20 -49.28 24.59
C SER D 300 24.98 -49.64 23.12
N PHE D 301 25.92 -49.31 22.23
CA PHE D 301 25.82 -49.64 20.82
C PHE D 301 26.73 -50.79 20.39
N GLU D 302 27.45 -51.43 21.31
CA GLU D 302 28.41 -52.49 20.96
C GLU D 302 27.73 -53.62 20.19
N ASN D 303 26.59 -54.08 20.68
CA ASN D 303 25.88 -55.20 20.09
C ASN D 303 25.05 -54.81 18.86
N LYS D 304 25.29 -53.66 18.25
CA LYS D 304 24.41 -53.13 17.21
C LYS D 304 25.24 -52.58 16.06
N LYS D 305 24.63 -52.55 14.87
CA LYS D 305 25.33 -52.12 13.68
C LYS D 305 24.57 -51.00 12.98
N GLY D 306 25.26 -50.30 12.09
CA GLY D 306 24.69 -49.21 11.34
C GLY D 306 25.46 -47.93 11.58
N GLY D 307 24.86 -46.83 11.13
CA GLY D 307 25.49 -45.53 11.20
C GLY D 307 25.07 -44.78 12.45
N VAL D 308 26.01 -44.02 12.99
CA VAL D 308 25.80 -43.29 14.24
C VAL D 308 25.58 -41.82 13.92
N SER D 309 24.52 -41.25 14.50
CA SER D 309 24.20 -39.84 14.40
C SER D 309 24.44 -39.15 15.74
N GLY D 310 24.42 -37.82 15.72
CA GLY D 310 24.37 -37.08 16.97
C GLY D 310 25.66 -36.48 17.48
N ALA D 311 25.73 -36.30 18.80
CA ALA D 311 26.79 -35.49 19.40
C ALA D 311 28.17 -36.00 19.03
N LYS D 312 28.36 -37.32 19.07
CA LYS D 312 29.67 -37.89 18.80
C LYS D 312 30.05 -37.79 17.31
N LEU D 313 29.16 -37.32 16.46
CA LEU D 313 29.48 -37.11 15.07
C LEU D 313 29.89 -35.68 14.77
N LYS D 314 29.66 -34.74 15.70
CA LYS D 314 29.87 -33.33 15.41
C LYS D 314 31.29 -33.07 14.95
N ASP D 315 32.28 -33.48 15.74
CA ASP D 315 33.67 -33.17 15.45
C ASP D 315 34.10 -33.78 14.12
N ILE D 316 33.71 -35.02 13.87
CA ILE D 316 34.04 -35.69 12.61
C ILE D 316 33.52 -34.87 11.43
N SER D 317 32.25 -34.48 11.48
CA SER D 317 31.66 -33.82 10.32
C SER D 317 32.13 -32.38 10.17
N THR D 318 32.40 -31.67 11.27
CA THR D 318 32.92 -30.33 11.12
C THR D 318 34.30 -30.34 10.48
N LYS D 319 35.15 -31.27 10.87
CA LYS D 319 36.46 -31.38 10.24
C LYS D 319 36.32 -31.72 8.76
N PHE D 320 35.32 -32.55 8.43
CA PHE D 320 35.08 -32.91 7.04
C PHE D 320 34.64 -31.68 6.24
N ILE D 321 33.81 -30.83 6.84
CA ILE D 321 33.46 -29.57 6.19
C ILE D 321 34.72 -28.76 5.90
N CYS D 322 35.58 -28.61 6.91
CA CYS D 322 36.80 -27.82 6.72
C CYS D 322 37.63 -28.35 5.56
N GLU D 323 37.77 -29.67 5.47
CA GLU D 323 38.62 -30.26 4.43
C GLU D 323 38.01 -30.04 3.05
N MET D 324 36.71 -30.32 2.90
CA MET D 324 36.06 -30.21 1.60
C MET D 324 35.89 -28.76 1.18
N TYR D 325 35.70 -27.86 2.13
CA TYR D 325 35.66 -26.44 1.79
C TYR D 325 36.99 -26.01 1.18
N ASN D 326 38.10 -26.54 1.68
CA ASN D 326 39.39 -26.17 1.12
C ASN D 326 39.72 -26.96 -0.15
N TYR D 327 39.31 -28.22 -0.22
CA TYR D 327 39.59 -29.01 -1.42
C TYR D 327 38.83 -28.52 -2.64
N THR D 328 37.64 -27.95 -2.45
CA THR D 328 36.88 -27.36 -3.54
C THR D 328 37.16 -25.86 -3.70
N ASN D 329 38.20 -25.36 -3.05
CA ASN D 329 38.60 -23.95 -3.20
C ASN D 329 37.45 -23.01 -2.84
N LYS D 330 36.53 -23.47 -1.99
CA LYS D 330 35.41 -22.69 -1.50
C LYS D 330 34.37 -22.39 -2.58
N GLN D 331 34.37 -23.16 -3.68
CA GLN D 331 33.47 -22.88 -4.78
C GLN D 331 32.17 -23.69 -4.73
N ILE D 332 32.02 -24.62 -3.80
CA ILE D 332 30.83 -25.47 -3.72
C ILE D 332 30.16 -25.20 -2.38
N PRO D 333 28.93 -24.67 -2.36
CA PRO D 333 28.26 -24.44 -1.08
C PRO D 333 28.04 -25.74 -0.32
N ILE D 334 28.00 -25.62 1.01
CA ILE D 334 28.00 -26.75 1.91
C ILE D 334 26.75 -26.67 2.78
N ILE D 335 26.02 -27.78 2.85
CA ILE D 335 24.91 -27.97 3.78
C ILE D 335 25.42 -28.87 4.89
N ALA D 336 25.40 -28.38 6.12
CA ALA D 336 25.94 -29.11 7.26
C ALA D 336 24.93 -30.07 7.86
N SER D 337 25.38 -31.28 8.18
CA SER D 337 24.59 -32.25 8.90
C SER D 337 25.52 -33.02 9.83
N GLY D 338 25.18 -33.08 11.10
CA GLY D 338 25.92 -33.95 12.00
C GLY D 338 26.23 -33.33 13.34
N GLY D 339 25.47 -33.72 14.37
CA GLY D 339 25.78 -33.29 15.73
C GLY D 339 25.43 -31.86 16.05
N ILE D 340 24.47 -31.26 15.36
CA ILE D 340 24.10 -29.87 15.58
C ILE D 340 22.95 -29.84 16.57
N PHE D 341 23.21 -29.37 17.79
CA PHE D 341 22.19 -29.20 18.82
C PHE D 341 21.98 -27.77 19.27
N SER D 342 22.99 -26.91 19.19
CA SER D 342 22.94 -25.59 19.79
C SER D 342 23.36 -24.56 18.75
N GLY D 343 23.09 -23.28 19.07
CA GLY D 343 23.59 -22.23 18.21
C GLY D 343 25.10 -22.27 18.07
N LEU D 344 25.80 -22.61 19.15
CA LEU D 344 27.25 -22.79 19.10
C LEU D 344 27.65 -23.81 18.05
N ASP D 345 27.02 -25.00 18.07
CA ASP D 345 27.32 -26.00 17.07
C ASP D 345 27.07 -25.45 15.66
N ALA D 346 25.93 -24.78 15.47
CA ALA D 346 25.61 -24.24 14.16
C ALA D 346 26.65 -23.23 13.71
N LEU D 347 27.02 -22.30 14.59
CA LEU D 347 28.05 -21.33 14.25
C LEU D 347 29.34 -22.03 13.85
N GLU D 348 29.70 -23.09 14.57
CA GLU D 348 30.90 -23.84 14.23
C GLU D 348 30.83 -24.38 12.81
N LYS D 349 29.69 -24.93 12.44
CA LYS D 349 29.54 -25.44 11.08
C LYS D 349 29.64 -24.32 10.07
N ILE D 350 28.98 -23.19 10.36
CA ILE D 350 28.94 -22.11 9.39
C ILE D 350 30.35 -21.54 9.19
N GLU D 351 31.04 -21.22 10.28
CA GLU D 351 32.38 -20.66 10.16
C GLU D 351 33.34 -21.64 9.50
N ALA D 352 33.04 -22.94 9.58
CA ALA D 352 33.85 -23.95 8.90
C ALA D 352 33.63 -23.94 7.40
N GLY D 353 32.52 -23.38 6.93
CA GLY D 353 32.23 -23.39 5.51
C GLY D 353 30.77 -23.62 5.10
N ALA D 354 29.91 -24.01 6.03
CA ALA D 354 28.52 -24.32 5.70
C ALA D 354 27.69 -23.05 5.51
N SER D 355 26.76 -23.09 4.55
CA SER D 355 25.82 -21.99 4.33
C SER D 355 24.50 -22.19 5.07
N VAL D 356 24.20 -23.43 5.43
CA VAL D 356 22.91 -23.78 5.99
C VAL D 356 23.11 -25.07 6.78
N CYS D 357 22.27 -25.30 7.80
CA CYS D 357 22.40 -26.44 8.69
C CYS D 357 21.15 -27.30 8.69
N GLN D 358 21.34 -28.63 8.76
CA GLN D 358 20.24 -29.57 8.87
C GLN D 358 20.27 -30.21 10.25
N LEU D 359 19.09 -30.34 10.86
CA LEU D 359 18.96 -31.00 12.15
C LEU D 359 18.27 -32.36 11.98
N TYR D 360 18.60 -33.27 12.88
CA TYR D 360 17.91 -34.55 12.99
C TYR D 360 17.92 -34.97 14.45
N SER D 361 19.09 -35.37 14.96
CA SER D 361 19.18 -35.80 16.35
C SER D 361 18.72 -34.71 17.30
N CYS D 362 18.89 -33.45 16.95
CA CYS D 362 18.41 -32.39 17.83
C CYS D 362 16.91 -32.54 18.10
N LEU D 363 16.13 -32.81 17.06
CA LEU D 363 14.70 -32.96 17.25
C LEU D 363 14.38 -34.13 18.17
N VAL D 364 15.16 -35.20 18.05
CA VAL D 364 14.92 -36.39 18.84
C VAL D 364 15.12 -36.09 20.32
N PHE D 365 16.20 -35.39 20.65
CA PHE D 365 16.62 -35.29 22.04
C PHE D 365 16.17 -33.99 22.71
N ASN D 366 15.89 -32.96 21.92
CA ASN D 366 15.39 -31.69 22.41
C ASN D 366 13.96 -31.39 21.99
N GLY D 367 13.45 -32.04 20.96
CA GLY D 367 12.03 -32.00 20.69
C GLY D 367 11.53 -30.75 19.97
N MET D 368 10.27 -30.41 20.29
CA MET D 368 9.50 -29.45 19.51
C MET D 368 10.14 -28.08 19.47
N LYS D 369 10.82 -27.68 20.54
CA LYS D 369 11.38 -26.35 20.65
C LYS D 369 12.67 -26.18 19.84
N SER D 370 13.17 -27.25 19.20
CA SER D 370 14.52 -27.26 18.66
C SER D 370 14.80 -26.06 17.75
N ALA D 371 13.87 -25.75 16.85
CA ALA D 371 14.16 -24.73 15.85
C ALA D 371 14.09 -23.34 16.47
N VAL D 372 13.05 -23.08 17.26
CA VAL D 372 12.93 -21.80 17.94
C VAL D 372 14.17 -21.52 18.77
N GLN D 373 14.61 -22.50 19.56
CA GLN D 373 15.71 -22.28 20.47
C GLN D 373 17.02 -22.05 19.74
N ILE D 374 17.30 -22.87 18.71
CA ILE D 374 18.58 -22.77 18.03
C ILE D 374 18.66 -21.51 17.18
N LYS D 375 17.54 -21.03 16.65
CA LYS D 375 17.55 -19.76 15.94
C LYS D 375 17.89 -18.61 16.88
N ARG D 376 17.30 -18.60 18.07
CA ARG D 376 17.60 -17.56 19.03
C ARG D 376 19.06 -17.59 19.45
N GLU D 377 19.55 -18.78 19.82
CA GLU D 377 20.96 -18.94 20.20
C GLU D 377 21.89 -18.48 19.08
N LEU D 378 21.60 -18.84 17.83
CA LEU D 378 22.49 -18.44 16.75
C LEU D 378 22.49 -16.93 16.57
N ASN D 379 21.32 -16.30 16.68
CA ASN D 379 21.27 -14.84 16.55
C ASN D 379 22.10 -14.17 17.63
N HIS D 380 22.04 -14.65 18.88
CA HIS D 380 22.84 -14.04 19.94
C HIS D 380 24.33 -14.15 19.64
N LEU D 381 24.75 -15.26 19.01
CA LEU D 381 26.17 -15.47 18.77
C LEU D 381 26.67 -14.63 17.61
N LEU D 382 25.86 -14.49 16.57
CA LEU D 382 26.19 -13.55 15.50
C LEU D 382 26.44 -12.17 16.08
N TYR D 383 25.65 -11.76 17.07
CA TYR D 383 25.84 -10.47 17.71
C TYR D 383 27.11 -10.45 18.55
N GLN D 384 27.36 -11.52 19.31
CA GLN D 384 28.59 -11.60 20.12
C GLN D 384 29.83 -11.52 19.24
N ARG D 385 29.76 -12.10 18.05
CA ARG D 385 30.86 -12.07 17.11
C ARG D 385 30.99 -10.72 16.41
N GLY D 386 29.95 -9.92 16.42
CA GLY D 386 29.99 -8.68 15.67
C GLY D 386 29.70 -8.81 14.19
N TYR D 387 29.07 -9.89 13.77
CA TYR D 387 28.73 -10.06 12.37
C TYR D 387 27.51 -9.22 12.03
N TYR D 388 27.55 -8.55 10.89
CA TYR D 388 26.36 -7.86 10.43
C TYR D 388 25.26 -8.86 10.05
N ASN D 389 25.63 -9.95 9.38
CA ASN D 389 24.66 -10.97 9.04
C ASN D 389 25.34 -12.32 8.97
N LEU D 390 24.53 -13.35 8.79
CA LEU D 390 25.05 -14.70 8.80
C LEU D 390 25.99 -14.95 7.64
N LYS D 391 25.74 -14.33 6.50
CA LYS D 391 26.58 -14.56 5.34
C LYS D 391 28.01 -14.15 5.63
N GLU D 392 28.22 -13.10 6.44
CA GLU D 392 29.58 -12.71 6.79
C GLU D 392 30.31 -13.83 7.51
N ALA D 393 29.59 -14.74 8.17
CA ALA D 393 30.25 -15.73 9.03
C ALA D 393 30.72 -16.95 8.25
N ILE D 394 30.21 -17.14 7.04
CA ILE D 394 30.41 -18.40 6.34
C ILE D 394 31.90 -18.55 6.03
N GLY D 395 32.49 -19.64 6.49
CA GLY D 395 33.87 -19.94 6.20
C GLY D 395 34.88 -19.05 6.89
N ARG D 396 34.49 -18.29 7.91
CA ARG D 396 35.44 -17.36 8.53
C ARG D 396 36.56 -18.05 9.31
N LYS D 397 36.46 -19.34 9.64
CA LYS D 397 37.61 -20.02 10.23
C LYS D 397 38.85 -19.95 9.34
N HIS D 398 38.68 -19.73 8.04
CA HIS D 398 39.78 -19.82 7.10
C HIS D 398 40.29 -18.46 6.64
C12 XCD E . 20.83 12.50 -26.36
C13 XCD E . 19.09 12.74 -28.27
C17 XCD E . 13.01 16.56 -28.93
C18 XCD E . 11.74 17.38 -28.87
C19 XCD E . 10.41 16.95 -28.76
C01 XCD E . 13.35 16.58 -31.50
C02 XCD E . 13.72 16.23 -30.09
C03 XCD E . 14.82 15.50 -29.67
C04 XCD E . 15.91 14.86 -30.48
C06 XCD E . 17.91 13.45 -30.47
C07 XCD E . 17.46 12.07 -30.85
C08 XCD E . 19.04 13.45 -29.49
C11 XCD E . 20.30 13.04 -27.67
C16 XCD E . 13.68 16.03 -27.86
C21 XCD E . 10.38 19.17 -28.83
C22 XCD E . 11.72 18.80 -28.92
C23 XCD E . 12.72 19.79 -29.00
C24 XCD E . 12.35 21.13 -29.02
C25 XCD E . 11.00 21.51 -28.94
C26 XCD E . 10.60 22.98 -28.97
C30 XCD E . 10.02 20.53 -28.85
F27 XCD E . 11.06 23.64 -27.90
F28 XCD E . 11.12 23.52 -30.06
F29 XCD E . 9.26 23.10 -29.03
N05 XCD E . 16.88 14.11 -29.77
N09 XCD E . 20.19 14.13 -29.62
N15 XCD E . 14.77 15.40 -28.32
N20 XCD E . 9.61 18.04 -28.73
O10 XCD E . 20.93 13.87 -28.49
O14 XCD E . 15.95 14.92 -31.68
H121 XCD E . 21.38 13.18 -25.92
H123 XCD E . 21.38 11.70 -26.52
H122 XCD E . 20.08 12.26 -25.77
H131 XCD E . 18.39 12.16 -27.91
H191 XCD E . 10.11 16.02 -28.72
H013 XCD E . 13.87 16.04 -32.13
H012 XCD E . 13.54 17.53 -31.66
H011 XCD E . 12.39 16.41 -31.65
H061 XCD E . 18.15 13.89 -31.30
H073 XCD E . 17.07 11.62 -30.06
H071 XCD E . 18.24 11.56 -31.16
H072 XCD E . 16.79 12.13 -31.56
H161 XCD E . 13.42 16.12 -26.92
H231 XCD E . 13.66 19.53 -29.06
H241 XCD E . 13.05 21.83 -29.08
H301 XCD E . 9.08 20.79 -28.79
H051 XCD E . 16.83 14.05 -28.86
H151 XCD E . 15.38 14.96 -27.81
H201 XCD E . 8.71 18.02 -28.65
N1 FMN F . 20.30 3.24 -23.49
C2 FMN F . 21.01 3.05 -22.34
O2 FMN F . 20.83 2.04 -21.67
N3 FMN F . 21.93 3.96 -21.92
C4 FMN F . 22.16 5.08 -22.68
O4 FMN F . 22.98 5.91 -22.30
C4A FMN F . 21.47 5.29 -23.85
N5 FMN F . 21.73 6.40 -24.61
C5A FMN F . 20.97 6.58 -25.77
C6 FMN F . 21.17 7.72 -26.53
C7 FMN F . 20.43 7.93 -27.70
C7M FMN F . 20.71 9.19 -28.48
C8 FMN F . 19.48 7.01 -28.09
C8M FMN F . 18.67 7.21 -29.33
C9 FMN F . 19.28 5.87 -27.32
C9A FMN F . 20.03 5.65 -26.17
N10 FMN F . 19.82 4.53 -25.41
C10 FMN F . 20.53 4.35 -24.25
C1' FMN F . 18.81 3.50 -25.83
C2' FMN F . 17.40 3.85 -25.36
O2' FMN F . 17.43 3.88 -23.96
C3' FMN F . 16.40 2.82 -25.86
O3' FMN F . 16.74 1.55 -25.32
C4' FMN F . 16.39 2.71 -27.38
O4' FMN F . 16.49 4.01 -27.95
C5' FMN F . 15.19 1.96 -27.94
O5' FMN F . 13.99 2.65 -27.62
P FMN F . 13.14 3.46 -28.71
O1P FMN F . 13.92 4.69 -29.07
O2P FMN F . 11.82 3.80 -28.09
O3P FMN F . 13.00 2.60 -29.94
HN3 FMN F . 22.46 3.81 -21.04
H6 FMN F . 21.90 8.45 -26.22
HM71 FMN F . 20.26 9.12 -29.46
HM72 FMN F . 21.79 9.32 -28.60
HM73 FMN F . 20.30 10.05 -27.95
HM81 FMN F . 17.97 6.37 -29.44
HM82 FMN F . 19.34 7.23 -30.20
HM83 FMN F . 18.12 8.14 -29.27
H9 FMN F . 18.51 5.15 -27.62
H1'1 FMN F . 19.10 2.54 -25.41
H1'2 FMN F . 18.82 3.42 -26.91
H2' FMN F . 17.09 4.81 -25.76
HO2' FMN F . 16.81 3.20 -23.61
H3' FMN F . 15.41 3.15 -25.52
HO3' FMN F . 16.86 0.91 -26.06
H4' FMN F . 17.27 2.12 -27.64
HO4' FMN F . 15.77 4.12 -28.60
H5'1 FMN F . 15.16 0.95 -27.53
H5'2 FMN F . 15.29 1.89 -29.03
N1 ORO G . 23.87 4.43 -27.15
C2 ORO G . 22.95 3.45 -27.18
O2 ORO G . 22.33 3.31 -28.17
N3 ORO G . 22.76 2.67 -26.08
C4 ORO G . 23.49 2.83 -24.98
O4 ORO G . 23.33 2.12 -24.01
C5 ORO G . 24.43 3.81 -24.96
C6 ORO G . 24.60 4.60 -26.07
C7 ORO G . 25.68 5.66 -26.15
O71 ORO G . 26.27 5.72 -27.27
O72 ORO G . 26.05 6.38 -25.19
HN1 ORO G . 24.00 5.03 -27.95
HN3 ORO G . 22.06 1.95 -26.10
H5 ORO G . 25.04 3.97 -24.08
C12 XCD H . -13.14 42.90 -11.51
C13 XCD H . -10.86 43.84 -10.64
C17 XCD H . -3.87 41.76 -11.11
C18 XCD H . -2.51 41.17 -11.26
C19 XCD H . -1.68 40.65 -10.29
C01 XCD H . -3.14 44.23 -11.05
C02 XCD H . -4.15 43.10 -11.03
C03 XCD H . -5.51 43.20 -10.91
C04 XCD H . -6.35 44.44 -10.77
C06 XCD H . -8.67 45.29 -10.48
C07 XCD H . -8.80 45.62 -9.02
C08 XCD H . -9.98 44.84 -11.09
C11 XCD H . -11.92 43.79 -11.55
C16 XCD H . -5.05 41.05 -11.04
C21 XCD H . -0.64 40.48 -12.25
C22 XCD H . -1.86 41.06 -12.52
C23 XCD H . -2.21 41.41 -13.85
C24 XCD H . -1.31 41.18 -14.89
C25 XCD H . -0.07 40.57 -14.62
C26 XCD H . 0.92 40.30 -15.74
C30 XCD H . 0.27 40.22 -13.32
F27 XCD H . 0.49 39.30 -16.50
F28 XCD H . 1.06 41.38 -16.50
F29 XCD H . 2.11 39.95 -15.24
N05 XCD H . -7.74 44.22 -10.64
N09 XCD H . -10.52 45.37 -12.22
N15 XCD H . -6.04 41.96 -10.93
N20 XCD H . -0.55 40.24 -10.91
O10 XCD H . -11.69 44.69 -12.48
O14 XCD H . -5.85 45.55 -10.76
H121 XCD H . -13.40 42.73 -10.59
H123 XCD H . -12.94 42.06 -11.97
H122 XCD H . -13.88 43.35 -11.98
H131 XCD H . -10.75 43.29 -9.85
H191 XCD H . -1.86 40.59 -9.34
H013 XCD H . -2.85 44.40 -11.98
H012 XCD H . -3.56 45.04 -10.68
H011 XCD H . -2.36 43.98 -10.51
H061 XCD H . -8.35 46.08 -10.94
H073 XCD H . -9.52 46.27 -8.89
H071 XCD H . -8.99 44.79 -8.52
H072 XCD H . -7.96 46.00 -8.70
H161 XCD H . -5.16 40.09 -11.07
H231 XCD H . -3.08 41.83 -14.04
H241 XCD H . -1.55 41.42 -15.81
H301 XCD H . 1.13 39.82 -13.13
H051 XCD H . -8.06 43.36 -10.66
H151 XCD H . -6.92 41.77 -10.88
H201 XCD H . 0.15 39.85 -10.49
N1 FMN I . -18.02 40.75 -3.38
C2 FMN I . -19.08 39.97 -3.65
O2 FMN I . -19.64 39.37 -2.75
N3 FMN I . -19.53 39.85 -4.96
C4 FMN I . -18.90 40.52 -5.99
O4 FMN I . -19.31 40.37 -7.15
C4A FMN I . -17.83 41.32 -5.69
N5 FMN I . -17.20 42.01 -6.70
C5A FMN I . -16.10 42.77 -6.40
C6 FMN I . -15.46 43.45 -7.41
C7 FMN I . -14.34 44.23 -7.12
C7M FMN I . -13.61 44.97 -8.20
C8 FMN I . -13.90 44.32 -5.82
C8M FMN I . -12.70 45.16 -5.49
C9 FMN I . -14.55 43.65 -4.80
C9A FMN I . -15.66 42.87 -5.09
N10 FMN I . -16.31 42.19 -4.06
C10 FMN I . -17.38 41.42 -4.38
C1' FMN I . -15.84 42.29 -2.63
C2' FMN I . -14.66 41.36 -2.32
O2' FMN I . -15.14 40.03 -2.46
C3' FMN I . -14.10 41.57 -0.93
O3' FMN I . -15.11 41.23 0.01
C4' FMN I . -13.61 43.00 -0.71
O4' FMN I . -12.81 43.47 -1.80
C5' FMN I . -12.79 43.14 0.58
O5' FMN I . -11.66 42.31 0.58
P FMN I . -10.19 42.91 0.33
O1P FMN I . -10.14 43.33 -1.10
O2P FMN I . -9.16 41.83 0.65
O3P FMN I . -10.03 44.06 1.30
HN3 FMN I . -20.35 39.25 -5.16
H6 FMN I . -15.82 43.39 -8.44
HM71 FMN I . -13.37 45.98 -7.85
HM72 FMN I . -14.24 45.04 -9.08
HM73 FMN I . -12.69 44.45 -8.45
HM81 FMN I . -12.43 45.04 -4.44
HM82 FMN I . -12.92 46.21 -5.68
HM83 FMN I . -11.86 44.85 -6.12
H9 FMN I . -14.20 43.74 -3.77
H1'1 FMN I . -16.67 42.05 -1.97
H1'2 FMN I . -15.55 43.32 -2.42
H2' FMN I . -13.84 41.57 -3.02
HO2' FMN I . -15.19 39.61 -1.58
H3' FMN I . -13.23 40.94 -0.79
HO3' FMN I . -15.36 42.02 0.53
H4' FMN I . -14.51 43.62 -0.63
HO4' FMN I . -11.92 43.72 -1.47
H5'1 FMN I . -13.42 42.90 1.43
H5'2 FMN I . -12.47 44.18 0.69
N1 ORO J . -18.78 45.41 -5.72
C2 ORO J . -18.53 45.24 -4.40
O2 ORO J . -17.72 45.94 -3.84
N3 ORO J . -19.16 44.23 -3.73
C4 ORO J . -20.05 43.48 -4.33
O4 ORO J . -20.61 42.62 -3.73
C5 ORO J . -20.32 43.68 -5.66
C6 ORO J . -19.66 44.65 -6.34
C7 ORO J . -19.97 44.97 -7.79
O71 ORO J . -20.26 44.07 -8.64
O72 ORO J . -20.02 46.19 -8.12
HN1 ORO J . -18.30 46.13 -6.23
HN3 ORO J . -18.95 44.07 -2.76
H5 ORO J . -21.06 43.07 -6.16
C12 XCD K . -20.48 -12.19 26.32
C13 XCD K . -21.66 -14.16 25.10
C17 XCD K . -19.15 -20.30 21.91
C18 XCD K . -18.48 -21.47 21.25
C19 XCD K . -18.36 -21.73 19.88
C01 XCD K . -21.42 -21.41 22.39
C02 XCD K . -20.43 -20.27 22.43
C03 XCD K . -20.62 -18.99 22.95
C04 XCD K . -21.86 -18.40 23.63
C06 XCD K . -22.96 -16.38 24.63
C07 XCD K . -23.96 -15.86 23.65
C08 XCD K . -22.35 -15.32 25.52
C11 XCD K . -21.25 -13.51 26.25
C16 XCD K . -18.56 -19.08 22.14
C21 XCD K . -17.36 -23.39 20.98
C22 XCD K . -17.85 -22.54 21.93
C23 XCD K . -17.66 -22.80 23.31
C24 XCD K . -16.98 -23.96 23.67
C25 XCD K . -16.48 -24.83 22.70
C26 XCD K . -15.77 -26.10 23.14
C30 XCD K . -16.67 -24.57 21.35
F27 XCD K . -14.74 -25.83 23.96
F28 XCD K . -16.71 -26.83 23.78
F29 XCD K . -15.36 -26.80 22.10
N05 XCD K . -21.85 -17.01 23.99
N09 XCD K . -22.33 -15.35 26.89
N15 XCD K . -19.48 -18.31 22.75
N20 XCD K . -17.70 -22.87 19.75
O10 XCD K . -21.65 -14.23 27.30
O14 XCD K . -22.84 -19.07 23.84
H121 XCD K . -19.88 -12.21 27.09
H123 XCD K . -21.11 -11.45 26.41
H122 XCD K . -19.96 -12.08 25.50
H131 XCD K . -21.51 -13.89 24.18
H191 XCD K . -18.71 -21.16 19.17
H013 XCD K . -20.96 -22.25 22.26
H012 XCD K . -22.06 -21.26 21.66
H011 XCD K . -21.90 -21.43 23.25
H061 XCD K . -23.48 -17.04 25.16
H073 XCD K . -24.21 -16.56 23.01
H071 XCD K . -23.57 -15.10 23.16
H072 XCD K . -24.77 -15.55 24.12
H161 XCD K . -17.65 -18.81 21.89
H231 XCD K . -18.00 -22.19 23.98
H241 XCD K . -16.85 -24.16 24.62
H301 XCD K . -16.34 -25.18 20.67
H051 XCD K . -21.11 -16.51 23.82
H151 XCD K . -19.34 -17.45 23.01
H201 XCD K . -17.49 -23.26 18.95
N1 FMN L . -22.42 -4.45 20.92
C2 FMN L . -21.64 -3.39 21.32
O2 FMN L . -21.51 -2.41 20.58
N3 FMN L . -21.01 -3.42 22.55
C4 FMN L . -21.16 -4.51 23.39
O4 FMN L . -20.58 -4.52 24.47
C4A FMN L . -21.95 -5.58 23.00
N5 FMN L . -22.10 -6.68 23.84
C5A FMN L . -22.87 -7.74 23.43
C6 FMN L . -23.01 -8.85 24.25
C7 FMN L . -23.79 -9.94 23.84
C7M FMN L . -23.95 -11.13 24.76
C8 FMN L . -24.40 -9.90 22.61
C8M FMN L . -25.25 -11.04 22.14
C9 FMN L . -24.26 -8.79 21.79
C9A FMN L . -23.49 -7.71 22.18
N10 FMN L . -23.34 -6.61 21.34
C10 FMN L . -22.56 -5.55 21.75
C1' FMN L . -24.03 -6.55 20.01
C2' FMN L . -23.22 -7.26 18.95
O2' FMN L . -22.01 -6.59 18.71
C3' FMN L . -23.94 -7.35 17.62
O3' FMN L . -24.09 -6.04 17.12
C4' FMN L . -25.29 -8.05 17.74
O4' FMN L . -25.17 -9.25 18.50
C5' FMN L . -25.87 -8.36 16.36
O5' FMN L . -25.03 -9.20 15.62
P FMN L . -25.42 -10.78 15.41
O1P FMN L . -25.25 -11.41 16.75
O2P FMN L . -24.49 -11.32 14.34
O3P FMN L . -26.85 -10.89 14.98
HN3 FMN L . -20.42 -2.61 22.84
H6 FMN L . -22.51 -8.89 25.22
HM71 FMN L . -24.92 -11.59 24.59
HM72 FMN L . -23.88 -10.80 25.80
HM73 FMN L . -23.16 -11.85 24.55
HM81 FMN L . -25.56 -10.87 21.10
HM82 FMN L . -26.14 -11.13 22.76
HM83 FMN L . -24.68 -11.97 22.19
H9 FMN L . -24.76 -8.77 20.82
H1'1 FMN L . -24.17 -5.51 19.72
H1'2 FMN L . -25.01 -7.02 20.09
H2' FMN L . -23.04 -8.27 19.34
HO2' FMN L . -21.98 -6.30 17.77
H3' FMN L . -23.34 -7.94 16.94
HO3' FMN L . -25.02 -5.89 16.86
H4' FMN L . -25.98 -7.39 18.26
HO4' FMN L . -25.40 -10.02 17.93
H5'1 FMN L . -26.02 -7.42 15.82
H5'2 FMN L . -26.84 -8.83 16.47
N1 ORO M . -25.71 -5.53 24.95
C2 ORO M . -26.11 -5.27 23.69
O2 ORO M . -26.94 -5.94 23.20
N3 ORO M . -25.53 -4.26 22.97
C4 ORO M . -24.59 -3.51 23.54
O4 ORO M . -24.09 -2.61 22.94
C5 ORO M . -24.20 -3.76 24.83
C6 ORO M . -24.76 -4.79 25.52
C7 ORO M . -24.37 -5.07 26.98
O71 ORO M . -23.19 -5.16 27.39
O72 ORO M . -25.32 -5.15 27.79
HN1 ORO M . -26.13 -6.28 25.46
HN3 ORO M . -25.81 -4.09 22.04
H5 ORO M . -23.44 -3.15 25.29
C12 XCD N . 13.11 -42.95 11.21
C13 XCD N . 13.69 -42.14 13.61
C17 XCD N . 10.68 -37.64 18.53
C18 XCD N . 10.00 -36.65 19.43
C19 XCD N . 10.44 -35.39 19.83
C01 XCD N . 11.79 -39.10 20.37
C02 XCD N . 11.45 -38.70 18.95
C03 XCD N . 11.86 -39.36 17.81
C04 XCD N . 12.75 -40.58 17.72
C06 XCD N . 13.93 -42.12 16.22
C07 XCD N . 15.37 -41.68 16.27
C08 XCD N . 13.54 -42.70 14.90
C11 XCD N . 13.19 -43.07 12.72
C16 XCD N . 10.63 -37.65 17.16
C21 XCD N . 8.46 -35.74 20.77
C22 XCD N . 8.75 -36.87 20.04
C23 XCD N . 7.85 -37.94 19.99
C24 XCD N . 6.66 -37.88 20.71
C25 XCD N . 6.37 -36.75 21.46
C26 XCD N . 5.07 -36.73 22.25
C30 XCD N . 7.26 -35.68 21.51
F27 XCD N . 4.05 -36.94 21.43
F28 XCD N . 5.10 -37.70 23.16
F29 XCD N . 4.93 -35.58 22.91
N05 XCD N . 13.08 -41.00 16.42
N09 XCD N . 12.97 -43.92 14.76
N15 XCD N . 11.37 -38.70 16.75
N20 XCD N . 9.50 -34.87 20.62
O10 XCD N . 12.76 -44.11 13.43
O14 XCD N . 13.19 -41.15 18.71
H121 XCD N . 12.31 -43.42 10.89
H123 XCD N . 13.90 -43.35 10.81
H122 XCD N . 13.05 -42.01 10.96
H131 XCD N . 14.07 -41.27 13.40
H191 XCD N . 11.28 -34.96 19.56
H013 XCD N . 11.20 -38.64 20.98
H012 XCD N . 12.73 -38.86 20.56
H011 XCD N . 11.68 -40.06 20.47
H061 XCD N . 13.81 -42.77 16.94
H073 XCD N . 15.51 -40.96 15.61
H071 XCD N . 15.59 -41.35 17.17
H072 XCD N . 15.95 -42.44 16.05
H161 XCD N . 10.15 -37.02 16.59
H231 XCD N . 8.07 -38.73 19.46
H241 XCD N . 6.04 -38.62 20.67
H301 XCD N . 7.06 -34.90 22.05
H051 XCD N . 12.74 -40.56 15.70
H151 XCD N . 11.51 -38.92 15.88
H201 XCD N . 9.54 -34.05 21.02
N1 FMN O . 20.17 -39.53 5.49
C2 FMN O . 19.83 -39.60 4.17
O2 FMN O . 20.46 -38.95 3.34
N3 FMN O . 18.79 -40.40 3.78
C4 FMN O . 18.09 -41.13 4.70
O4 FMN O . 17.15 -41.83 4.34
C4A FMN O . 18.43 -41.06 6.05
N5 FMN O . 17.74 -41.80 6.98
C5A FMN O . 18.09 -41.68 8.31
C6 FMN O . 17.39 -42.41 9.28
C7 FMN O . 17.74 -42.30 10.62
C7M FMN O . 16.97 -43.10 11.64
C8 FMN O . 18.79 -41.47 11.00
C8M FMN O . 19.20 -41.33 12.43
C9 FMN O . 19.49 -40.75 10.04
C9A FMN O . 19.15 -40.86 8.70
N10 FMN O . 19.83 -40.13 7.76
C10 FMN O . 19.47 -40.24 6.44
C1' FMN O . 20.99 -39.24 8.15
C2' FMN O . 20.58 -37.88 8.71
O2' FMN O . 19.99 -37.16 7.66
C3' FMN O . 21.75 -37.03 9.17
O3' FMN O . 22.61 -36.79 8.05
C4' FMN O . 22.52 -37.67 10.32
O4' FMN O . 21.68 -38.16 11.33
C5' FMN O . 23.44 -36.64 10.95
O5' FMN O . 22.61 -35.67 11.54
P FMN O . 22.46 -35.51 13.13
O1P FMN O . 21.42 -36.51 13.52
O2P FMN O . 22.02 -34.08 13.46
O3P FMN O . 23.78 -35.85 13.78
HN3 FMN O . 18.53 -40.46 2.77
H6 FMN O . 16.56 -43.04 8.99
HM71 FMN O . 17.61 -43.30 12.50
HM72 FMN O . 16.66 -44.04 11.20
HM73 FMN O . 16.10 -42.52 11.97
HM81 FMN O . 19.97 -40.58 12.52
HM82 FMN O . 19.57 -42.29 12.80
HM83 FMN O . 18.33 -41.04 13.03
H9 FMN O . 20.32 -40.11 10.34
H1'1 FMN O . 21.64 -39.09 7.28
H1'2 FMN O . 21.58 -39.76 8.91
H2' FMN O . 19.92 -38.06 9.55
HO2' FMN O . 20.52 -36.36 7.48
H3' FMN O . 21.39 -36.09 9.56
HO3' FMN O . 23.52 -37.06 8.26
H4' FMN O . 23.09 -38.51 9.89
HO4' FMN O . 21.95 -37.79 12.20
H5'1 FMN O . 24.08 -36.18 10.21
H5'2 FMN O . 24.07 -37.09 11.71
N1 ORO P . 20.63 -44.43 7.38
C2 ORO P . 21.58 -43.46 7.45
O2 ORO P . 22.16 -43.29 8.48
N3 ORO P . 21.83 -42.71 6.35
C4 ORO P . 21.19 -42.93 5.21
O4 ORO P . 21.43 -42.28 4.24
C5 ORO P . 20.26 -43.91 5.15
C6 ORO P . 19.99 -44.65 6.24
C7 ORO P . 18.95 -45.77 6.17
O71 ORO P . 19.31 -46.90 6.62
O72 ORO P . 17.80 -45.62 5.67
HN1 ORO P . 20.42 -44.99 8.19
HN3 ORO P . 22.52 -41.98 6.41
H5 ORO P . 19.74 -44.10 4.21
#